data_3NE2
#
_entry.id   3NE2
#
_cell.length_a   84.899
_cell.length_b   199.861
_cell.length_c   90.567
_cell.angle_alpha   90.000
_cell.angle_beta   117.510
_cell.angle_gamma   90.000
#
_symmetry.space_group_name_H-M   'P 1 21 1'
#
loop_
_entity.id
_entity.type
_entity.pdbx_description
1 polymer 'Probable aquaporin AqpM'
2 non-polymer 'octyl beta-D-glucopyranoside'
3 water water
#
_entity_poly.entity_id   1
_entity_poly.type   'polypeptide(L)'
_entity_poly.pdbx_seq_one_letter_code
;MTMTLAKRFTAEVVGTFILVFFGPGAAVITLMIANGADKPNEFNIGIGALGGLGDWFAIGMAFALAIAAVIYSLGRISGA
HINPAVTIALWSIGRFPGREVVPYIVAQFIGAALGSLLFLACVGPAAATVGGLGATAPFPGIGYGQAILTEAIGTFLLML
VIMGVAVDERAPPGFAGLVIGLTVGGIITTIGNITGSSLNPARTFGPYLGDSLMGINLWQYFPIYVIGPIVGAVAAAWLY
NYLAKE
;
_entity_poly.pdbx_strand_id   A,B,C,D,E,F,G,H
#
loop_
_chem_comp.id
_chem_comp.type
_chem_comp.name
_chem_comp.formula
BOG D-saccharide 'octyl beta-D-glucopyranoside' 'C14 H28 O6'
#
# COMPACT_ATOMS: atom_id res chain seq x y z
N THR A 2 -18.27 -25.13 7.11
CA THR A 2 -17.60 -24.99 8.45
C THR A 2 -17.37 -26.36 9.15
N MET A 3 -16.65 -26.38 10.28
CA MET A 3 -16.38 -27.65 10.99
C MET A 3 -17.57 -28.05 11.84
N THR A 4 -17.81 -29.36 11.93
CA THR A 4 -18.93 -29.91 12.72
C THR A 4 -18.94 -29.31 14.15
N LEU A 5 -20.14 -29.13 14.72
CA LEU A 5 -20.30 -28.63 16.12
C LEU A 5 -19.53 -29.47 17.16
N ALA A 6 -19.48 -30.77 16.95
CA ALA A 6 -18.70 -31.68 17.78
C ALA A 6 -17.25 -31.21 17.86
N LYS A 7 -16.71 -30.76 16.74
CA LYS A 7 -15.33 -30.31 16.66
C LYS A 7 -15.15 -28.87 17.13
N ARG A 8 -16.19 -28.05 17.04
CA ARG A 8 -16.14 -26.69 17.57
C ARG A 8 -16.28 -26.71 19.09
N PHE A 9 -17.01 -27.69 19.59
CA PHE A 9 -17.08 -27.95 21.02
C PHE A 9 -15.69 -28.25 21.58
N THR A 10 -15.05 -29.27 21.01
CA THR A 10 -13.75 -29.72 21.48
C THR A 10 -12.71 -28.63 21.22
N ALA A 11 -12.93 -27.81 20.21
CA ALA A 11 -12.09 -26.63 20.00
C ALA A 11 -12.28 -25.63 21.13
N GLU A 12 -13.52 -25.39 21.54
CA GLU A 12 -13.80 -24.48 22.66
C GLU A 12 -13.30 -25.00 24.03
N VAL A 13 -13.21 -26.32 24.17
CA VAL A 13 -12.65 -26.87 25.39
C VAL A 13 -11.16 -26.54 25.43
N VAL A 14 -10.43 -26.99 24.40
CA VAL A 14 -8.96 -26.83 24.30
C VAL A 14 -8.56 -25.36 24.38
N GLY A 15 -9.43 -24.48 23.93
CA GLY A 15 -9.16 -23.05 24.03
C GLY A 15 -9.29 -22.52 25.46
N THR A 16 -10.40 -22.81 26.09
CA THR A 16 -10.66 -22.26 27.41
C THR A 16 -9.72 -22.91 28.43
N PHE A 17 -9.27 -24.10 28.10
CA PHE A 17 -8.29 -24.79 28.90
C PHE A 17 -7.03 -23.95 28.96
N ILE A 18 -6.56 -23.54 27.80
CA ILE A 18 -5.31 -22.78 27.73
C ILE A 18 -5.53 -21.43 28.36
N LEU A 19 -6.70 -20.83 28.15
CA LEU A 19 -7.00 -19.57 28.78
C LEU A 19 -6.81 -19.68 30.31
N VAL A 20 -7.39 -20.72 30.93
CA VAL A 20 -7.32 -20.85 32.43
C VAL A 20 -6.01 -21.50 32.95
N PHE A 21 -5.28 -22.16 32.09
CA PHE A 21 -4.10 -22.80 32.57
C PHE A 21 -3.07 -21.71 32.78
N PHE A 22 -2.87 -20.90 31.74
CA PHE A 22 -1.75 -19.96 31.67
C PHE A 22 -2.13 -18.63 32.26
N GLY A 23 -3.34 -18.15 31.96
CA GLY A 23 -3.79 -16.84 32.46
C GLY A 23 -3.74 -16.77 33.99
N PRO A 24 -4.65 -17.48 34.67
CA PRO A 24 -4.62 -17.45 36.14
C PRO A 24 -3.39 -18.17 36.72
N GLY A 25 -2.73 -18.98 35.89
CA GLY A 25 -1.50 -19.68 36.30
C GLY A 25 -0.36 -18.73 36.67
N ALA A 26 -0.26 -17.63 35.91
CA ALA A 26 0.65 -16.52 36.20
C ALA A 26 0.34 -15.88 37.54
N ALA A 27 -0.95 -15.65 37.81
CA ALA A 27 -1.39 -15.09 39.11
C ALA A 27 -0.91 -15.96 40.31
N VAL A 28 -1.05 -17.27 40.14
CA VAL A 28 -0.60 -18.22 41.16
C VAL A 28 0.91 -18.10 41.37
N ILE A 29 1.67 -18.17 40.28
CA ILE A 29 3.12 -18.14 40.35
C ILE A 29 3.63 -16.80 40.87
N THR A 30 2.96 -15.69 40.54
CA THR A 30 3.28 -14.40 41.18
C THR A 30 3.16 -14.51 42.68
N LEU A 31 1.99 -14.93 43.15
CA LEU A 31 1.77 -15.10 44.60
C LEU A 31 2.77 -16.07 45.30
N MET A 32 3.05 -17.19 44.64
CA MET A 32 3.95 -18.19 45.18
C MET A 32 5.37 -17.66 45.31
N ILE A 33 5.91 -17.02 44.28
CA ILE A 33 7.30 -16.54 44.35
C ILE A 33 7.43 -15.29 45.27
N ALA A 34 6.34 -14.51 45.34
CA ALA A 34 6.30 -13.33 46.20
C ALA A 34 5.92 -13.67 47.63
N ASN A 35 5.52 -14.91 47.88
CA ASN A 35 5.07 -15.33 49.20
C ASN A 35 6.16 -15.17 50.26
N GLY A 36 5.90 -14.25 51.19
CA GLY A 36 6.83 -13.95 52.27
C GLY A 36 7.29 -12.51 52.26
N ALA A 37 7.22 -11.86 51.10
CA ALA A 37 7.71 -10.49 50.98
C ALA A 37 6.81 -9.50 51.73
N ASP A 38 7.40 -8.37 52.13
CA ASP A 38 6.68 -7.27 52.80
C ASP A 38 5.53 -6.71 51.95
N LYS A 39 4.30 -6.96 52.37
CA LYS A 39 3.11 -6.33 51.77
C LYS A 39 2.80 -5.04 52.54
N PRO A 40 3.14 -3.88 51.98
CA PRO A 40 3.21 -2.61 52.70
C PRO A 40 1.85 -1.96 53.00
N ASN A 41 0.77 -2.56 52.53
CA ASN A 41 -0.56 -2.26 53.06
C ASN A 41 -1.55 -3.38 52.78
N GLU A 42 -2.80 -3.21 53.23
CA GLU A 42 -3.82 -4.24 53.11
C GLU A 42 -4.20 -4.46 51.66
N PHE A 43 -4.23 -3.37 50.90
CA PHE A 43 -4.69 -3.42 49.52
C PHE A 43 -3.79 -4.30 48.70
N ASN A 44 -2.51 -4.38 49.09
CA ASN A 44 -1.51 -5.23 48.42
C ASN A 44 -1.59 -6.61 49.01
N ILE A 45 -2.00 -7.59 48.22
CA ILE A 45 -2.13 -8.96 48.70
C ILE A 45 -1.05 -9.87 48.15
N GLY A 46 0.09 -9.31 47.72
CA GLY A 46 1.27 -10.12 47.33
C GLY A 46 1.64 -9.93 45.90
N ILE A 47 0.61 -9.73 45.07
CA ILE A 47 0.79 -9.29 43.67
C ILE A 47 1.09 -7.80 43.70
N GLY A 48 2.26 -7.43 43.18
CA GLY A 48 2.79 -6.07 43.31
C GLY A 48 3.85 -5.94 44.40
N ALA A 49 3.91 -6.93 45.30
CA ALA A 49 4.83 -6.90 46.41
C ALA A 49 6.28 -6.73 45.97
N LEU A 50 6.66 -7.52 44.97
CA LEU A 50 8.03 -7.50 44.48
C LEU A 50 8.21 -6.65 43.20
N GLY A 51 7.28 -6.76 42.27
CA GLY A 51 7.38 -6.08 40.99
C GLY A 51 6.38 -4.97 40.74
N GLY A 52 5.72 -4.50 41.80
CA GLY A 52 4.72 -3.42 41.70
C GLY A 52 3.65 -3.72 40.69
N LEU A 53 3.14 -2.69 40.00
CA LEU A 53 2.11 -2.87 38.98
C LEU A 53 2.65 -3.69 37.81
N GLY A 54 3.97 -3.70 37.65
CA GLY A 54 4.63 -4.57 36.67
C GLY A 54 4.23 -6.04 36.83
N ASP A 55 3.99 -6.45 38.08
CA ASP A 55 3.47 -7.79 38.35
C ASP A 55 2.08 -7.95 37.65
N TRP A 56 1.20 -6.96 37.82
CA TRP A 56 -0.09 -7.02 37.18
C TRP A 56 0.02 -7.04 35.67
N PHE A 57 0.94 -6.26 35.09
CA PHE A 57 1.11 -6.25 33.61
C PHE A 57 1.66 -7.60 33.11
N ALA A 58 2.62 -8.13 33.87
CA ALA A 58 3.16 -9.48 33.65
C ALA A 58 1.98 -10.45 33.51
N ILE A 59 1.10 -10.41 34.50
CA ILE A 59 -0.06 -11.29 34.58
C ILE A 59 -0.98 -11.04 33.41
N GLY A 60 -1.28 -9.79 33.17
CA GLY A 60 -2.15 -9.42 32.05
C GLY A 60 -1.59 -9.94 30.72
N MET A 61 -0.27 -9.93 30.61
CA MET A 61 0.36 -10.34 29.36
C MET A 61 0.36 -11.85 29.23
N ALA A 62 0.53 -12.55 30.35
CA ALA A 62 0.35 -14.00 30.38
C ALA A 62 -1.00 -14.35 29.78
N PHE A 63 -2.02 -13.64 30.24
CA PHE A 63 -3.35 -13.79 29.69
C PHE A 63 -3.39 -13.43 28.18
N ALA A 64 -2.95 -12.20 27.87
CA ALA A 64 -3.15 -11.60 26.56
C ALA A 64 -2.49 -12.45 25.49
N LEU A 65 -1.26 -12.82 25.71
CA LEU A 65 -0.53 -13.56 24.70
C LEU A 65 -1.11 -14.98 24.50
N ALA A 66 -1.66 -15.56 25.58
CA ALA A 66 -2.32 -16.86 25.54
C ALA A 66 -3.61 -16.72 24.72
N ILE A 67 -4.42 -15.75 25.10
CA ILE A 67 -5.65 -15.50 24.39
C ILE A 67 -5.38 -15.34 22.91
N ALA A 68 -4.37 -14.52 22.58
CA ALA A 68 -4.03 -14.24 21.20
C ALA A 68 -3.63 -15.55 20.50
N ALA A 69 -2.74 -16.30 21.11
CA ALA A 69 -2.33 -17.59 20.58
C ALA A 69 -3.52 -18.49 20.18
N VAL A 70 -4.52 -18.52 21.08
CA VAL A 70 -5.74 -19.34 20.91
C VAL A 70 -6.59 -18.89 19.69
N ILE A 71 -6.89 -17.61 19.65
CA ILE A 71 -7.59 -17.05 18.50
C ILE A 71 -6.83 -17.42 17.22
N TYR A 72 -5.56 -17.05 17.12
CA TYR A 72 -4.77 -17.31 15.89
C TYR A 72 -4.68 -18.78 15.50
N SER A 73 -4.86 -19.67 16.47
CA SER A 73 -4.78 -21.11 16.15
C SER A 73 -6.14 -21.75 15.93
N LEU A 74 -7.11 -21.37 16.79
CA LEU A 74 -8.40 -22.05 16.83
C LEU A 74 -9.61 -21.22 16.38
N GLY A 75 -9.45 -19.89 16.35
CA GLY A 75 -10.52 -18.97 15.93
C GLY A 75 -11.17 -19.39 14.62
N ARG A 76 -10.34 -19.78 13.66
CA ARG A 76 -10.83 -20.33 12.40
C ARG A 76 -11.72 -21.54 12.61
N ILE A 77 -11.64 -22.21 13.75
CA ILE A 77 -12.43 -23.44 13.95
C ILE A 77 -13.71 -23.20 14.71
N SER A 78 -13.61 -22.76 15.96
CA SER A 78 -14.80 -22.62 16.79
C SER A 78 -15.29 -21.21 16.81
N GLY A 79 -14.45 -20.29 16.34
CA GLY A 79 -14.64 -18.85 16.57
C GLY A 79 -13.77 -18.36 17.70
N ALA A 80 -13.22 -19.29 18.48
CA ALA A 80 -12.39 -18.98 19.63
C ALA A 80 -13.10 -18.05 20.63
N HIS A 81 -14.26 -18.46 21.10
CA HIS A 81 -15.00 -17.63 22.08
C HIS A 81 -14.33 -17.73 23.44
N ILE A 82 -14.01 -18.96 23.83
CA ILE A 82 -13.39 -19.25 25.13
C ILE A 82 -13.92 -18.39 26.30
N ASN A 83 -15.18 -17.99 26.22
CA ASN A 83 -15.77 -17.11 27.19
C ASN A 83 -17.29 -17.10 26.96
N PRO A 84 -18.08 -17.43 27.97
CA PRO A 84 -19.53 -17.47 27.83
C PRO A 84 -20.17 -16.11 27.65
N ALA A 85 -19.65 -15.07 28.31
CA ALA A 85 -20.16 -13.70 28.10
C ALA A 85 -20.09 -13.29 26.60
N VAL A 86 -19.01 -13.69 25.90
CA VAL A 86 -18.90 -13.39 24.46
C VAL A 86 -20.01 -14.10 23.72
N THR A 87 -20.10 -15.41 23.92
CA THR A 87 -21.11 -16.24 23.28
C THR A 87 -22.52 -15.68 23.49
N ILE A 88 -22.83 -15.31 24.72
CA ILE A 88 -24.14 -14.72 25.04
C ILE A 88 -24.34 -13.34 24.40
N ALA A 89 -23.28 -12.52 24.40
CA ALA A 89 -23.32 -11.22 23.73
C ALA A 89 -23.53 -11.36 22.22
N LEU A 90 -22.83 -12.29 21.58
CA LEU A 90 -22.95 -12.49 20.13
C LEU A 90 -24.31 -13.05 19.75
N TRP A 91 -24.85 -13.89 20.62
CA TRP A 91 -26.19 -14.43 20.42
C TRP A 91 -27.22 -13.32 20.51
N SER A 92 -27.05 -12.41 21.47
CA SER A 92 -27.97 -11.28 21.64
C SER A 92 -27.99 -10.28 20.47
N ILE A 93 -27.06 -10.42 19.52
CA ILE A 93 -27.09 -9.66 18.27
C ILE A 93 -27.54 -10.50 17.07
N GLY A 94 -27.78 -11.80 17.29
CA GLY A 94 -28.14 -12.72 16.19
C GLY A 94 -26.94 -13.08 15.31
N ARG A 95 -25.76 -13.01 15.90
CA ARG A 95 -24.56 -13.41 15.22
C ARG A 95 -24.18 -14.85 15.64
N PHE A 96 -24.88 -15.41 16.63
CA PHE A 96 -24.62 -16.76 17.06
C PHE A 96 -25.91 -17.52 17.32
N PRO A 97 -26.01 -18.75 16.78
CA PRO A 97 -27.22 -19.55 16.92
C PRO A 97 -27.54 -19.90 18.36
N GLY A 98 -28.77 -19.66 18.76
CA GLY A 98 -29.21 -19.93 20.12
C GLY A 98 -29.00 -21.39 20.49
N ARG A 99 -29.19 -22.27 19.50
CA ARG A 99 -29.06 -23.73 19.70
C ARG A 99 -27.67 -24.11 20.25
N GLU A 100 -26.69 -23.22 20.00
CA GLU A 100 -25.29 -23.50 20.28
C GLU A 100 -24.72 -22.74 21.47
N VAL A 101 -25.50 -21.84 22.08
CA VAL A 101 -24.99 -21.04 23.22
C VAL A 101 -24.71 -21.92 24.45
N VAL A 102 -25.68 -22.77 24.81
CA VAL A 102 -25.53 -23.69 25.95
C VAL A 102 -24.43 -24.74 25.71
N PRO A 103 -24.35 -25.33 24.50
CA PRO A 103 -23.25 -26.24 24.17
C PRO A 103 -21.89 -25.59 24.21
N TYR A 104 -21.83 -24.34 23.76
CA TYR A 104 -20.56 -23.60 23.83
C TYR A 104 -20.12 -23.34 25.26
N ILE A 105 -21.05 -22.84 26.09
CA ILE A 105 -20.75 -22.47 27.47
C ILE A 105 -20.33 -23.68 28.29
N VAL A 106 -20.95 -24.82 28.06
CA VAL A 106 -20.53 -26.09 28.66
C VAL A 106 -19.09 -26.47 28.27
N ALA A 107 -18.77 -26.35 26.99
CA ALA A 107 -17.42 -26.60 26.44
C ALA A 107 -16.37 -25.70 27.12
N GLN A 108 -16.77 -24.45 27.34
CA GLN A 108 -15.94 -23.48 28.05
C GLN A 108 -15.71 -23.84 29.52
N PHE A 109 -16.79 -24.15 30.23
CA PHE A 109 -16.69 -24.54 31.62
C PHE A 109 -15.85 -25.81 31.78
N ILE A 110 -16.12 -26.85 30.97
CA ILE A 110 -15.31 -28.08 31.01
C ILE A 110 -13.83 -27.82 30.77
N GLY A 111 -13.54 -26.99 29.77
CA GLY A 111 -12.17 -26.60 29.46
C GLY A 111 -11.50 -25.80 30.57
N ALA A 112 -12.27 -24.94 31.20
CA ALA A 112 -11.77 -24.14 32.31
C ALA A 112 -11.39 -25.00 33.54
N ALA A 113 -12.27 -25.94 33.89
CA ALA A 113 -12.04 -26.84 35.02
C ALA A 113 -10.79 -27.68 34.77
N LEU A 114 -10.65 -28.17 33.52
CA LEU A 114 -9.47 -28.96 33.11
C LEU A 114 -8.16 -28.18 33.21
N GLY A 115 -8.17 -26.93 32.76
CA GLY A 115 -6.98 -26.06 32.81
C GLY A 115 -6.57 -25.74 34.24
N SER A 116 -7.59 -25.49 35.09
CA SER A 116 -7.37 -25.18 36.52
C SER A 116 -6.81 -26.40 37.27
N LEU A 117 -7.51 -27.53 37.12
CA LEU A 117 -7.07 -28.82 37.66
C LEU A 117 -5.66 -29.24 37.22
N LEU A 118 -5.38 -29.15 35.92
CA LEU A 118 -4.07 -29.53 35.39
C LEU A 118 -2.94 -28.65 35.93
N PHE A 119 -3.16 -27.34 35.98
CA PHE A 119 -2.16 -26.46 36.57
C PHE A 119 -1.90 -26.88 37.98
N LEU A 120 -2.98 -27.10 38.74
CA LEU A 120 -2.87 -27.57 40.15
C LEU A 120 -1.95 -28.78 40.24
N ALA A 121 -2.22 -29.82 39.44
CA ALA A 121 -1.40 -31.05 39.38
C ALA A 121 0.06 -30.76 39.02
N CYS A 122 0.25 -29.88 38.04
CA CYS A 122 1.58 -29.49 37.64
C CYS A 122 2.44 -28.92 38.79
N VAL A 123 1.85 -28.06 39.62
CA VAL A 123 2.64 -27.31 40.60
C VAL A 123 2.65 -27.96 41.98
N GLY A 124 1.49 -28.38 42.44
CA GLY A 124 1.32 -28.91 43.81
C GLY A 124 0.22 -28.14 44.50
N PRO A 125 -0.14 -28.55 45.73
CA PRO A 125 -1.20 -27.89 46.51
C PRO A 125 -0.93 -26.40 46.76
N ALA A 126 0.36 -26.05 46.86
CA ALA A 126 0.79 -24.66 47.00
C ALA A 126 0.02 -23.77 46.04
N ALA A 127 -0.19 -24.28 44.83
CA ALA A 127 -0.91 -23.60 43.75
C ALA A 127 -2.26 -23.07 44.18
N ALA A 128 -2.90 -23.77 45.12
CA ALA A 128 -4.22 -23.38 45.65
C ALA A 128 -4.08 -22.69 47.02
N THR A 129 -3.41 -23.38 47.93
CA THR A 129 -3.24 -22.83 49.26
C THR A 129 -2.42 -21.53 49.32
N VAL A 130 -1.47 -21.38 48.41
CA VAL A 130 -0.71 -20.12 48.35
C VAL A 130 -1.10 -19.28 47.15
N GLY A 131 -1.47 -19.90 46.03
CA GLY A 131 -1.83 -19.18 44.80
C GLY A 131 -3.30 -18.90 44.57
N GLY A 132 -4.17 -19.62 45.30
CA GLY A 132 -5.64 -19.51 45.15
C GLY A 132 -6.18 -19.97 43.82
N LEU A 133 -5.35 -20.72 43.10
CA LEU A 133 -5.60 -21.09 41.71
C LEU A 133 -5.97 -19.87 40.83
N GLY A 134 -5.48 -18.69 41.27
CA GLY A 134 -5.72 -17.41 40.56
C GLY A 134 -7.17 -17.04 40.43
N ALA A 135 -7.99 -17.48 41.40
CA ALA A 135 -9.45 -17.24 41.37
C ALA A 135 -9.72 -15.78 41.59
N THR A 136 -10.81 -15.29 41.01
CA THR A 136 -11.13 -13.88 41.11
C THR A 136 -12.04 -13.65 42.31
N ALA A 137 -11.86 -12.51 42.96
CA ALA A 137 -12.77 -12.12 44.03
C ALA A 137 -12.42 -10.69 44.38
N PRO A 138 -13.36 -9.95 44.97
CA PRO A 138 -13.20 -8.51 45.23
C PRO A 138 -11.97 -8.23 46.04
N PHE A 139 -11.42 -7.02 45.97
CA PHE A 139 -10.24 -6.70 46.78
C PHE A 139 -10.58 -5.89 48.00
N PRO A 140 -9.66 -5.83 48.97
CA PRO A 140 -9.87 -5.07 50.22
C PRO A 140 -10.44 -3.66 50.04
N GLY A 141 -11.63 -3.46 50.59
CA GLY A 141 -12.39 -2.20 50.47
C GLY A 141 -13.25 -2.10 49.21
N ILE A 142 -13.57 -3.24 48.60
CA ILE A 142 -14.39 -3.28 47.39
C ILE A 142 -15.67 -4.11 47.59
N GLY A 143 -16.82 -3.44 47.62
CA GLY A 143 -18.12 -4.10 47.79
C GLY A 143 -18.61 -4.82 46.54
N TYR A 144 -19.69 -5.59 46.67
CA TYR A 144 -20.26 -6.34 45.54
C TYR A 144 -20.79 -5.36 44.48
N GLY A 145 -21.38 -4.26 44.96
CA GLY A 145 -21.91 -3.24 44.06
C GLY A 145 -20.82 -2.83 43.08
N GLN A 146 -19.68 -2.40 43.60
CA GLN A 146 -18.62 -1.87 42.78
C GLN A 146 -17.96 -2.99 41.99
N ALA A 147 -17.93 -4.19 42.56
CA ALA A 147 -17.26 -5.34 41.94
C ALA A 147 -17.93 -5.78 40.65
N ILE A 148 -19.25 -5.74 40.58
CA ILE A 148 -19.94 -6.02 39.31
C ILE A 148 -19.84 -4.85 38.31
N LEU A 149 -19.79 -3.62 38.80
CA LEU A 149 -19.67 -2.45 37.92
C LEU A 149 -18.27 -2.41 37.27
N THR A 150 -17.22 -2.68 38.04
CA THR A 150 -15.90 -2.66 37.45
C THR A 150 -15.73 -3.85 36.49
N GLU A 151 -16.40 -4.97 36.78
CA GLU A 151 -16.39 -6.12 35.88
C GLU A 151 -17.23 -5.88 34.63
N ALA A 152 -18.25 -5.05 34.74
CA ALA A 152 -19.03 -4.69 33.59
C ALA A 152 -18.22 -3.72 32.72
N ILE A 153 -17.70 -2.67 33.34
CA ILE A 153 -16.93 -1.66 32.61
C ILE A 153 -15.75 -2.31 31.95
N GLY A 154 -15.24 -3.36 32.57
CA GLY A 154 -14.11 -4.13 32.06
C GLY A 154 -14.48 -4.88 30.82
N THR A 155 -15.53 -5.70 30.91
CA THR A 155 -15.95 -6.60 29.81
C THR A 155 -16.66 -5.84 28.68
N PHE A 156 -17.04 -4.60 28.99
CA PHE A 156 -17.62 -3.71 28.01
C PHE A 156 -16.59 -3.30 26.99
N LEU A 157 -15.41 -2.91 27.47
CA LEU A 157 -14.30 -2.55 26.60
C LEU A 157 -13.83 -3.77 25.81
N LEU A 158 -13.71 -4.92 26.44
CA LEU A 158 -13.38 -6.13 25.70
C LEU A 158 -14.34 -6.33 24.51
N MET A 159 -15.63 -6.51 24.80
CA MET A 159 -16.59 -6.84 23.74
C MET A 159 -16.60 -5.81 22.60
N LEU A 160 -16.43 -4.55 22.99
CA LEU A 160 -16.37 -3.43 22.06
C LEU A 160 -15.26 -3.61 21.05
N VAL A 161 -14.13 -4.13 21.49
CA VAL A 161 -13.02 -4.44 20.60
C VAL A 161 -13.39 -5.63 19.74
N ILE A 162 -13.97 -6.66 20.38
CA ILE A 162 -14.41 -7.88 19.67
C ILE A 162 -15.38 -7.54 18.52
N MET A 163 -16.20 -6.50 18.69
CA MET A 163 -17.08 -6.03 17.61
C MET A 163 -16.27 -5.37 16.53
N GLY A 164 -15.36 -4.52 16.98
CA GLY A 164 -14.63 -3.60 16.14
C GLY A 164 -13.52 -4.20 15.33
N VAL A 165 -12.91 -5.28 15.81
CA VAL A 165 -11.80 -5.82 15.08
C VAL A 165 -12.00 -7.26 14.66
N ALA A 166 -13.17 -7.84 14.97
CA ALA A 166 -13.42 -9.27 14.73
C ALA A 166 -14.78 -9.49 14.08
N VAL A 167 -15.86 -8.92 14.65
CA VAL A 167 -17.20 -9.13 14.04
C VAL A 167 -17.47 -8.25 12.76
N ASP A 168 -17.04 -6.98 12.82
CA ASP A 168 -17.26 -5.99 11.75
C ASP A 168 -16.51 -6.33 10.43
N GLU A 169 -17.32 -6.52 9.40
CA GLU A 169 -16.85 -6.78 8.04
C GLU A 169 -15.71 -5.91 7.55
N ARG A 170 -15.63 -4.68 8.08
CA ARG A 170 -14.61 -3.70 7.69
C ARG A 170 -13.34 -3.79 8.53
N ALA A 171 -13.23 -4.80 9.40
CA ALA A 171 -12.04 -4.94 10.26
C ALA A 171 -10.80 -5.47 9.51
N PRO A 172 -9.64 -4.84 9.74
CA PRO A 172 -8.40 -5.21 9.06
C PRO A 172 -8.00 -6.61 9.44
N PRO A 173 -7.88 -7.51 8.44
CA PRO A 173 -7.76 -8.92 8.71
C PRO A 173 -6.40 -9.28 9.30
N GLY A 174 -6.43 -10.21 10.28
CA GLY A 174 -5.23 -10.74 10.91
C GLY A 174 -4.87 -10.07 12.18
N PHE A 175 -5.40 -8.87 12.44
CA PHE A 175 -5.07 -8.11 13.66
C PHE A 175 -5.86 -8.61 14.85
N ALA A 176 -7.02 -9.20 14.55
CA ALA A 176 -7.94 -9.80 15.59
C ALA A 176 -7.31 -10.39 16.88
N GLY A 177 -6.54 -11.48 16.68
CA GLY A 177 -5.99 -12.25 17.81
C GLY A 177 -5.15 -11.37 18.68
N LEU A 178 -4.18 -10.72 18.05
CA LEU A 178 -3.24 -9.84 18.71
C LEU A 178 -3.94 -8.69 19.42
N VAL A 179 -4.78 -7.95 18.72
CA VAL A 179 -5.47 -6.84 19.35
C VAL A 179 -6.36 -7.25 20.52
N ILE A 180 -7.24 -8.24 20.32
CA ILE A 180 -8.17 -8.69 21.36
C ILE A 180 -7.44 -9.15 22.64
N GLY A 181 -6.34 -9.84 22.46
CA GLY A 181 -5.58 -10.35 23.59
C GLY A 181 -4.95 -9.20 24.33
N LEU A 182 -4.18 -8.37 23.60
CA LEU A 182 -3.48 -7.22 24.18
C LEU A 182 -4.45 -6.30 24.93
N THR A 183 -5.68 -6.19 24.40
CA THR A 183 -6.70 -5.39 25.04
C THR A 183 -7.02 -5.93 26.40
N VAL A 184 -7.25 -7.24 26.49
CA VAL A 184 -7.48 -7.91 27.79
C VAL A 184 -6.33 -7.59 28.75
N GLY A 185 -5.12 -7.83 28.24
CA GLY A 185 -3.89 -7.57 28.97
C GLY A 185 -3.91 -6.22 29.63
N GLY A 186 -4.32 -5.24 28.85
CA GLY A 186 -4.48 -3.86 29.35
C GLY A 186 -5.50 -3.72 30.48
N ILE A 187 -6.67 -4.33 30.30
CA ILE A 187 -7.76 -4.25 31.29
C ILE A 187 -7.27 -4.83 32.63
N ILE A 188 -6.67 -6.02 32.57
CA ILE A 188 -6.20 -6.68 33.77
C ILE A 188 -5.25 -5.75 34.51
N THR A 189 -4.32 -5.13 33.81
CA THR A 189 -3.40 -4.17 34.43
C THR A 189 -4.11 -3.11 35.33
N THR A 190 -5.19 -2.52 34.84
CA THR A 190 -5.91 -1.53 35.65
C THR A 190 -6.87 -2.20 36.65
N ILE A 191 -7.72 -3.10 36.16
CA ILE A 191 -8.83 -3.67 36.93
C ILE A 191 -8.41 -4.81 37.88
N GLY A 192 -7.22 -5.35 37.65
CA GLY A 192 -6.69 -6.52 38.36
C GLY A 192 -6.79 -6.42 39.86
N ASN A 193 -6.29 -5.34 40.43
CA ASN A 193 -6.29 -5.22 41.87
C ASN A 193 -7.61 -4.70 42.42
N ILE A 194 -8.66 -4.70 41.61
CA ILE A 194 -9.98 -4.30 42.08
C ILE A 194 -10.90 -5.51 42.17
N THR A 195 -10.89 -6.38 41.16
CA THR A 195 -11.72 -7.58 41.20
C THR A 195 -11.06 -8.82 40.69
N GLY A 196 -9.79 -8.72 40.35
CA GLY A 196 -9.10 -9.83 39.71
C GLY A 196 -9.35 -9.89 38.22
N SER A 197 -10.02 -8.86 37.69
CA SER A 197 -10.28 -8.72 36.24
C SER A 197 -10.60 -10.04 35.52
N SER A 198 -11.75 -10.61 35.82
CA SER A 198 -12.13 -11.90 35.25
C SER A 198 -12.68 -11.71 33.83
N LEU A 199 -13.70 -10.88 33.71
CA LEU A 199 -14.34 -10.57 32.43
C LEU A 199 -15.03 -11.79 31.84
N ASN A 200 -15.15 -12.86 32.65
CA ASN A 200 -15.38 -14.18 32.09
C ASN A 200 -15.80 -15.21 33.12
N PRO A 201 -17.05 -15.69 33.05
CA PRO A 201 -17.62 -16.69 33.96
C PRO A 201 -16.91 -18.03 33.95
N ALA A 202 -16.49 -18.51 32.77
CA ALA A 202 -15.72 -19.78 32.71
C ALA A 202 -14.31 -19.66 33.39
N ARG A 203 -13.71 -18.48 33.25
CA ARG A 203 -12.37 -18.19 33.78
C ARG A 203 -12.39 -18.02 35.31
N THR A 204 -13.52 -17.57 35.84
CA THR A 204 -13.73 -17.53 37.27
C THR A 204 -14.10 -18.92 37.77
N PHE A 205 -15.01 -19.60 37.07
CA PHE A 205 -15.44 -20.94 37.44
C PHE A 205 -14.29 -21.92 37.69
N GLY A 206 -13.38 -22.05 36.71
CA GLY A 206 -12.24 -23.00 36.80
C GLY A 206 -11.54 -23.07 38.17
N PRO A 207 -10.85 -21.98 38.57
CA PRO A 207 -10.30 -21.82 39.90
C PRO A 207 -11.30 -22.12 40.99
N TYR A 208 -12.49 -21.52 40.94
CA TYR A 208 -13.47 -21.72 42.00
C TYR A 208 -13.73 -23.20 42.26
N LEU A 209 -13.77 -24.00 41.20
CA LEU A 209 -13.93 -25.44 41.33
C LEU A 209 -12.75 -26.10 42.00
N GLY A 210 -11.55 -25.90 41.43
CA GLY A 210 -10.28 -26.41 42.02
C GLY A 210 -10.07 -26.05 43.49
N ASP A 211 -10.30 -24.77 43.80
CA ASP A 211 -10.28 -24.24 45.16
C ASP A 211 -11.28 -24.94 46.08
N SER A 212 -12.54 -24.99 45.69
CA SER A 212 -13.55 -25.65 46.53
C SER A 212 -13.35 -27.15 46.54
N LEU A 213 -12.55 -27.67 45.62
CA LEU A 213 -12.11 -29.08 45.68
C LEU A 213 -10.95 -29.22 46.66
N MET A 214 -10.14 -28.18 46.72
CA MET A 214 -8.99 -28.12 47.62
C MET A 214 -9.38 -27.49 48.99
N GLY A 215 -10.67 -27.46 49.30
CA GLY A 215 -11.14 -26.98 50.62
C GLY A 215 -11.51 -25.50 50.71
N ILE A 216 -11.26 -24.75 49.64
CA ILE A 216 -11.46 -23.29 49.65
C ILE A 216 -12.70 -22.87 48.82
N ASN A 217 -13.86 -22.85 49.50
CA ASN A 217 -15.17 -22.52 48.95
C ASN A 217 -15.32 -21.00 48.77
N LEU A 218 -15.52 -20.55 47.52
CA LEU A 218 -15.68 -19.10 47.19
C LEU A 218 -16.92 -18.73 46.34
N TRP A 219 -17.87 -19.65 46.19
CA TRP A 219 -19.01 -19.46 45.27
C TRP A 219 -19.91 -18.29 45.68
N GLN A 220 -19.72 -17.76 46.88
CA GLN A 220 -20.40 -16.54 47.31
C GLN A 220 -20.21 -15.41 46.32
N TYR A 221 -19.03 -15.38 45.69
CA TYR A 221 -18.64 -14.29 44.77
C TYR A 221 -18.97 -14.55 43.28
N PHE A 222 -19.36 -15.77 42.93
CA PHE A 222 -19.59 -16.15 41.53
C PHE A 222 -20.56 -15.26 40.76
N PRO A 223 -21.69 -14.86 41.36
CA PRO A 223 -22.57 -13.93 40.64
C PRO A 223 -21.88 -12.65 40.11
N ILE A 224 -20.91 -12.11 40.84
CA ILE A 224 -20.17 -10.92 40.39
C ILE A 224 -19.50 -11.14 39.04
N TYR A 225 -19.14 -12.39 38.78
CA TYR A 225 -18.43 -12.77 37.55
C TYR A 225 -19.30 -13.43 36.48
N VAL A 226 -20.61 -13.48 36.73
CA VAL A 226 -21.61 -13.85 35.73
C VAL A 226 -22.36 -12.59 35.30
N ILE A 227 -22.99 -11.92 36.27
CA ILE A 227 -23.75 -10.69 36.03
C ILE A 227 -22.87 -9.62 35.37
N GLY A 228 -21.76 -9.28 36.04
CA GLY A 228 -20.87 -8.19 35.62
C GLY A 228 -20.42 -8.25 34.18
N PRO A 229 -19.75 -9.35 33.78
CA PRO A 229 -19.31 -9.66 32.40
C PRO A 229 -20.37 -9.71 31.30
N ILE A 230 -21.54 -10.29 31.59
CA ILE A 230 -22.64 -10.36 30.64
C ILE A 230 -23.28 -9.01 30.40
N VAL A 231 -23.64 -8.32 31.49
CA VAL A 231 -24.21 -6.98 31.35
C VAL A 231 -23.22 -6.07 30.60
N GLY A 232 -21.92 -6.24 30.84
CA GLY A 232 -20.92 -5.47 30.12
C GLY A 232 -20.87 -5.82 28.64
N ALA A 233 -20.84 -7.12 28.34
CA ALA A 233 -20.72 -7.62 26.97
C ALA A 233 -21.93 -7.31 26.07
N VAL A 234 -23.14 -7.57 26.59
CA VAL A 234 -24.34 -7.31 25.86
C VAL A 234 -24.48 -5.81 25.64
N ALA A 235 -24.17 -5.02 26.66
CA ALA A 235 -24.18 -3.57 26.52
C ALA A 235 -23.25 -3.12 25.41
N ALA A 236 -22.02 -3.63 25.41
CA ALA A 236 -21.06 -3.26 24.34
C ALA A 236 -21.57 -3.61 22.91
N ALA A 237 -22.03 -4.86 22.77
CA ALA A 237 -22.46 -5.39 21.48
C ALA A 237 -23.55 -4.51 20.88
N TRP A 238 -24.57 -4.23 21.70
CA TRP A 238 -25.70 -3.44 21.27
C TRP A 238 -25.35 -1.97 21.08
N LEU A 239 -24.47 -1.42 21.91
CA LEU A 239 -24.03 -0.04 21.68
C LEU A 239 -23.29 0.06 20.34
N TYR A 240 -22.41 -0.90 20.07
CA TYR A 240 -21.62 -0.89 18.83
C TYR A 240 -22.45 -0.75 17.58
N ASN A 241 -23.44 -1.63 17.45
CA ASN A 241 -24.35 -1.65 16.32
C ASN A 241 -25.10 -0.35 16.20
N TYR A 242 -25.52 0.23 17.31
CA TYR A 242 -26.21 1.51 17.28
C TYR A 242 -25.33 2.59 16.71
N LEU A 243 -24.07 2.59 17.10
CA LEU A 243 -23.11 3.60 16.62
C LEU A 243 -22.62 3.41 15.16
N ALA A 244 -22.61 2.15 14.69
CA ALA A 244 -22.06 1.79 13.39
C ALA A 244 -23.07 1.60 12.25
N LYS A 245 -24.27 2.21 12.35
CA LYS A 245 -25.32 2.15 11.29
C LYS A 245 -26.34 3.27 11.42
N THR B 2 14.04 -22.28 -3.64
CA THR B 2 14.37 -22.84 -2.29
C THR B 2 15.92 -23.07 -2.13
N MET B 3 16.50 -22.54 -1.04
CA MET B 3 17.97 -22.48 -0.84
C MET B 3 18.54 -23.87 -0.57
N THR B 4 19.78 -24.13 -0.98
CA THR B 4 20.46 -25.42 -0.71
C THR B 4 20.46 -25.81 0.78
N LEU B 5 20.36 -27.10 1.07
CA LEU B 5 20.35 -27.63 2.46
C LEU B 5 21.55 -27.15 3.26
N ALA B 6 22.69 -27.06 2.60
CA ALA B 6 23.91 -26.53 3.22
C ALA B 6 23.67 -25.16 3.83
N LYS B 7 22.90 -24.34 3.11
CA LYS B 7 22.58 -22.98 3.54
C LYS B 7 21.44 -22.91 4.55
N ARG B 8 20.53 -23.87 4.51
CA ARG B 8 19.46 -23.97 5.51
C ARG B 8 20.02 -24.50 6.83
N PHE B 9 21.04 -25.34 6.74
CA PHE B 9 21.75 -25.80 7.92
C PHE B 9 22.37 -24.61 8.66
N THR B 10 23.16 -23.83 7.92
CA THR B 10 23.90 -22.70 8.49
C THR B 10 22.92 -21.62 8.94
N ALA B 11 21.77 -21.55 8.27
CA ALA B 11 20.69 -20.67 8.70
C ALA B 11 20.14 -21.15 10.06
N GLU B 12 19.95 -22.46 10.21
CA GLU B 12 19.46 -23.03 11.47
C GLU B 12 20.45 -22.89 12.62
N VAL B 13 21.74 -22.86 12.29
CA VAL B 13 22.77 -22.62 13.31
C VAL B 13 22.64 -21.20 13.82
N VAL B 14 22.78 -20.24 12.90
CA VAL B 14 22.73 -18.81 13.23
C VAL B 14 21.44 -18.42 13.96
N GLY B 15 20.36 -19.14 13.68
CA GLY B 15 19.07 -18.90 14.32
C GLY B 15 19.04 -19.37 15.76
N THR B 16 19.44 -20.61 15.98
CA THR B 16 19.39 -21.22 17.31
C THR B 16 20.45 -20.61 18.22
N PHE B 17 21.51 -20.11 17.60
CA PHE B 17 22.56 -19.37 18.29
C PHE B 17 21.99 -18.12 18.94
N ILE B 18 21.20 -17.37 18.18
CA ILE B 18 20.57 -16.15 18.70
C ILE B 18 19.51 -16.51 19.73
N LEU B 19 18.77 -17.59 19.50
CA LEU B 19 17.80 -18.06 20.46
C LEU B 19 18.46 -18.26 21.82
N VAL B 20 19.56 -19.00 21.84
CA VAL B 20 20.21 -19.34 23.13
C VAL B 20 21.16 -18.26 23.65
N PHE B 21 21.53 -17.28 22.84
CA PHE B 21 22.43 -16.24 23.33
C PHE B 21 21.59 -15.26 24.12
N PHE B 22 20.50 -14.81 23.53
CA PHE B 22 19.70 -13.74 24.11
C PHE B 22 18.62 -14.26 25.07
N GLY B 23 17.96 -15.34 24.68
CA GLY B 23 16.90 -15.91 25.48
C GLY B 23 17.37 -16.26 26.89
N PRO B 24 18.19 -17.33 27.01
CA PRO B 24 18.72 -17.69 28.34
C PRO B 24 19.75 -16.69 28.88
N GLY B 25 20.21 -15.78 28.02
CA GLY B 25 21.14 -14.73 28.43
C GLY B 25 20.49 -13.73 29.38
N ALA B 26 19.21 -13.44 29.14
CA ALA B 26 18.39 -12.61 30.03
C ALA B 26 18.22 -13.25 31.41
N ALA B 27 17.97 -14.56 31.44
CA ALA B 27 17.85 -15.30 32.71
C ALA B 27 19.12 -15.16 33.56
N VAL B 28 20.27 -15.26 32.90
CA VAL B 28 21.56 -15.10 33.56
C VAL B 28 21.67 -13.71 34.17
N ILE B 29 21.42 -12.69 33.34
CA ILE B 29 21.58 -11.30 33.78
C ILE B 29 20.61 -10.94 34.91
N THR B 30 19.41 -11.50 34.86
CA THR B 30 18.47 -11.32 35.97
C THR B 30 19.12 -11.82 37.24
N LEU B 31 19.56 -13.08 37.20
CA LEU B 31 20.15 -13.70 38.38
C LEU B 31 21.36 -12.89 38.85
N MET B 32 22.22 -12.49 37.91
CA MET B 32 23.44 -11.75 38.25
C MET B 32 23.18 -10.38 38.87
N ILE B 33 22.23 -9.61 38.36
CA ILE B 33 21.96 -8.30 38.96
C ILE B 33 21.11 -8.39 40.26
N ALA B 34 20.34 -9.46 40.37
CA ALA B 34 19.54 -9.72 41.57
C ALA B 34 20.33 -10.47 42.65
N ASN B 35 21.55 -10.92 42.32
CA ASN B 35 22.36 -11.72 43.24
C ASN B 35 22.71 -10.97 44.52
N GLY B 36 22.15 -11.44 45.62
CA GLY B 36 22.35 -10.83 46.92
C GLY B 36 21.05 -10.38 47.55
N ALA B 37 20.02 -10.14 46.75
CA ALA B 37 18.77 -9.62 47.28
C ALA B 37 18.01 -10.67 48.09
N ASP B 38 17.14 -10.18 48.97
CA ASP B 38 16.30 -11.05 49.80
C ASP B 38 15.38 -11.93 48.97
N LYS B 39 15.65 -13.23 48.94
CA LYS B 39 14.73 -14.23 48.39
C LYS B 39 13.77 -14.72 49.49
N PRO B 40 12.50 -14.24 49.49
CA PRO B 40 11.57 -14.36 50.62
C PRO B 40 10.95 -15.75 50.82
N ASN B 41 11.23 -16.68 49.91
CA ASN B 41 10.99 -18.10 50.19
C ASN B 41 11.80 -18.97 49.25
N GLU B 42 11.68 -20.29 49.40
CA GLU B 42 12.48 -21.26 48.66
C GLU B 42 12.13 -21.25 47.19
N PHE B 43 10.86 -21.09 46.89
CA PHE B 43 10.38 -21.15 45.53
C PHE B 43 10.99 -20.04 44.66
N ASN B 44 11.31 -18.91 45.29
CA ASN B 44 11.97 -17.79 44.63
C ASN B 44 13.47 -18.01 44.65
N ILE B 45 14.06 -18.24 43.47
CA ILE B 45 15.50 -18.50 43.39
C ILE B 45 16.30 -17.29 42.90
N GLY B 46 15.71 -16.09 42.96
CA GLY B 46 16.40 -14.86 42.55
C GLY B 46 15.70 -14.15 41.42
N ILE B 47 15.18 -14.93 40.49
CA ILE B 47 14.32 -14.40 39.46
C ILE B 47 12.97 -14.11 40.13
N GLY B 48 12.58 -12.83 40.11
CA GLY B 48 11.40 -12.35 40.83
C GLY B 48 11.76 -11.62 42.10
N ALA B 49 12.99 -11.81 42.56
CA ALA B 49 13.48 -11.20 43.80
C ALA B 49 13.30 -9.68 43.80
N LEU B 50 13.76 -9.04 42.72
CA LEU B 50 13.72 -7.57 42.60
C LEU B 50 12.49 -7.06 41.81
N GLY B 51 12.17 -7.72 40.69
CA GLY B 51 11.06 -7.29 39.84
C GLY B 51 9.82 -8.18 39.81
N GLY B 52 9.70 -9.08 40.79
CA GLY B 52 8.57 -10.01 40.85
C GLY B 52 8.38 -10.79 39.54
N LEU B 53 7.12 -11.06 39.17
CA LEU B 53 6.82 -11.80 37.94
C LEU B 53 7.24 -11.00 36.72
N GLY B 54 7.34 -9.68 36.91
CA GLY B 54 7.88 -8.79 35.90
C GLY B 54 9.28 -9.17 35.43
N ASP B 55 10.04 -9.79 36.31
CA ASP B 55 11.30 -10.38 35.91
C ASP B 55 11.07 -11.52 34.90
N TRP B 56 10.12 -12.40 35.17
CA TRP B 56 9.78 -13.49 34.23
C TRP B 56 9.23 -13.03 32.86
N PHE B 57 8.42 -11.97 32.87
CA PHE B 57 7.94 -11.40 31.60
C PHE B 57 9.09 -10.77 30.86
N ALA B 58 9.94 -10.02 31.57
CA ALA B 58 11.17 -9.46 31.01
C ALA B 58 11.89 -10.55 30.25
N ILE B 59 12.15 -11.65 30.94
CA ILE B 59 12.88 -12.79 30.36
C ILE B 59 12.13 -13.39 29.19
N GLY B 60 10.84 -13.61 29.36
CA GLY B 60 10.05 -14.15 28.27
C GLY B 60 10.12 -13.28 27.00
N MET B 61 10.20 -11.97 27.21
CA MET B 61 10.17 -11.02 26.11
C MET B 61 11.54 -10.98 25.46
N ALA B 62 12.59 -11.12 26.26
CA ALA B 62 13.90 -11.33 25.71
C ALA B 62 13.86 -12.46 24.70
N PHE B 63 13.31 -13.59 25.12
CA PHE B 63 13.10 -14.75 24.24
C PHE B 63 12.19 -14.43 23.06
N ALA B 64 11.01 -13.89 23.35
CA ALA B 64 9.98 -13.68 22.31
C ALA B 64 10.47 -12.79 21.15
N LEU B 65 11.05 -11.65 21.51
CA LEU B 65 11.42 -10.67 20.52
C LEU B 65 12.64 -11.13 19.72
N ALA B 66 13.50 -11.94 20.35
CA ALA B 66 14.60 -12.61 19.66
C ALA B 66 14.09 -13.66 18.67
N ILE B 67 13.22 -14.55 19.15
CA ILE B 67 12.55 -15.54 18.30
C ILE B 67 11.85 -14.88 17.10
N ALA B 68 11.11 -13.82 17.38
CA ALA B 68 10.42 -13.10 16.30
C ALA B 68 11.41 -12.58 15.28
N ALA B 69 12.44 -11.88 15.76
CA ALA B 69 13.51 -11.35 14.89
C ALA B 69 14.05 -12.42 13.94
N VAL B 70 14.33 -13.60 14.50
CA VAL B 70 14.88 -14.74 13.75
C VAL B 70 13.95 -15.25 12.63
N ILE B 71 12.69 -15.50 12.97
CA ILE B 71 11.70 -15.89 11.99
C ILE B 71 11.64 -14.84 10.85
N TYR B 72 11.43 -13.57 11.21
CA TYR B 72 11.32 -12.51 10.22
C TYR B 72 12.56 -12.33 9.32
N SER B 73 13.74 -12.70 9.82
CA SER B 73 14.97 -12.57 9.05
C SER B 73 15.38 -13.86 8.32
N LEU B 74 15.20 -15.00 8.98
CA LEU B 74 15.68 -16.28 8.46
C LEU B 74 14.62 -17.33 8.09
N GLY B 75 13.38 -17.14 8.56
CA GLY B 75 12.28 -18.05 8.23
C GLY B 75 12.15 -18.35 6.74
N ARG B 76 12.25 -17.30 5.95
CA ARG B 76 12.25 -17.46 4.50
C ARG B 76 13.36 -18.40 4.01
N ILE B 77 14.41 -18.61 4.80
CA ILE B 77 15.55 -19.41 4.33
C ILE B 77 15.50 -20.87 4.78
N SER B 78 15.52 -21.09 6.10
CA SER B 78 15.54 -22.44 6.64
C SER B 78 14.14 -22.91 7.04
N GLY B 79 13.23 -21.96 7.22
CA GLY B 79 11.98 -22.23 7.91
C GLY B 79 12.05 -21.69 9.32
N ALA B 80 13.26 -21.38 9.78
CA ALA B 80 13.45 -20.87 11.14
C ALA B 80 12.85 -21.78 12.19
N HIS B 81 13.25 -23.05 12.17
CA HIS B 81 12.79 -24.02 13.16
C HIS B 81 13.43 -23.75 14.53
N ILE B 82 14.75 -23.52 14.53
CA ILE B 82 15.58 -23.26 15.73
C ILE B 82 15.20 -24.08 16.95
N ASN B 83 14.60 -25.25 16.71
CA ASN B 83 14.02 -26.08 17.76
C ASN B 83 13.74 -27.47 17.20
N PRO B 84 14.36 -28.51 17.77
CA PRO B 84 14.19 -29.87 17.29
C PRO B 84 12.78 -30.42 17.46
N ALA B 85 12.10 -30.06 18.54
CA ALA B 85 10.72 -30.51 18.75
C ALA B 85 9.82 -30.06 17.61
N VAL B 86 10.06 -28.84 17.10
CA VAL B 86 9.29 -28.34 15.96
C VAL B 86 9.55 -29.19 14.73
N THR B 87 10.84 -29.37 14.43
CA THR B 87 11.25 -30.19 13.29
C THR B 87 10.64 -31.58 13.37
N ILE B 88 10.73 -32.21 14.54
CA ILE B 88 10.17 -33.55 14.73
C ILE B 88 8.64 -33.55 14.59
N ALA B 89 8.00 -32.54 15.16
CA ALA B 89 6.55 -32.42 15.05
C ALA B 89 6.11 -32.23 13.58
N LEU B 90 6.81 -31.37 12.84
CA LEU B 90 6.48 -31.11 11.43
C LEU B 90 6.74 -32.33 10.55
N TRP B 91 7.77 -33.10 10.90
CA TRP B 91 8.05 -34.33 10.21
C TRP B 91 6.93 -35.32 10.43
N SER B 92 6.43 -35.40 11.66
CA SER B 92 5.36 -36.32 12.01
C SER B 92 4.04 -36.07 11.30
N ILE B 93 3.93 -34.92 10.63
CA ILE B 93 2.76 -34.61 9.79
C ILE B 93 3.06 -34.76 8.28
N GLY B 94 4.32 -35.04 7.94
CA GLY B 94 4.75 -35.10 6.54
C GLY B 94 4.89 -33.73 5.92
N ARG B 95 5.16 -32.73 6.75
CA ARG B 95 5.42 -31.37 6.29
C ARG B 95 6.93 -31.09 6.25
N PHE B 96 7.73 -32.03 6.75
CA PHE B 96 9.18 -31.91 6.67
C PHE B 96 9.79 -33.25 6.27
N PRO B 97 10.76 -33.22 5.34
CA PRO B 97 11.44 -34.43 4.89
C PRO B 97 12.23 -35.12 6.01
N GLY B 98 12.04 -36.43 6.12
CA GLY B 98 12.74 -37.25 7.11
C GLY B 98 14.24 -37.20 6.97
N ARG B 99 14.70 -37.09 5.72
CA ARG B 99 16.12 -36.98 5.41
C ARG B 99 16.80 -35.78 6.07
N GLU B 100 16.01 -34.76 6.42
CA GLU B 100 16.51 -33.48 6.91
C GLU B 100 16.29 -33.22 8.40
N VAL B 101 15.59 -34.12 9.09
CA VAL B 101 15.31 -33.93 10.52
C VAL B 101 16.59 -34.02 11.37
N VAL B 102 17.40 -35.06 11.12
CA VAL B 102 18.68 -35.23 11.84
C VAL B 102 19.69 -34.11 11.53
N PRO B 103 19.82 -33.72 10.25
CA PRO B 103 20.66 -32.57 9.90
C PRO B 103 20.21 -31.25 10.50
N TYR B 104 18.90 -31.05 10.58
CA TYR B 104 18.37 -29.85 11.21
C TYR B 104 18.70 -29.83 12.69
N ILE B 105 18.41 -30.92 13.39
CA ILE B 105 18.58 -30.99 14.83
C ILE B 105 20.03 -30.77 15.22
N VAL B 106 20.95 -31.32 14.43
CA VAL B 106 22.38 -31.09 14.64
C VAL B 106 22.71 -29.60 14.50
N ALA B 107 22.19 -28.98 13.45
CA ALA B 107 22.39 -27.54 13.20
C ALA B 107 21.93 -26.72 14.39
N GLN B 108 20.78 -27.11 14.93
CA GLN B 108 20.20 -26.50 16.14
C GLN B 108 21.09 -26.67 17.38
N PHE B 109 21.54 -27.90 17.62
CA PHE B 109 22.42 -28.18 18.75
C PHE B 109 23.74 -27.40 18.64
N ILE B 110 24.37 -27.43 17.47
CA ILE B 110 25.63 -26.70 17.25
C ILE B 110 25.42 -25.21 17.49
N GLY B 111 24.34 -24.67 16.98
CA GLY B 111 24.01 -23.26 17.17
C GLY B 111 23.77 -22.91 18.64
N ALA B 112 23.10 -23.82 19.34
CA ALA B 112 22.78 -23.60 20.73
C ALA B 112 24.07 -23.59 21.57
N ALA B 113 24.96 -24.54 21.32
CA ALA B 113 26.23 -24.60 22.06
C ALA B 113 27.03 -23.32 21.83
N LEU B 114 27.08 -22.87 20.57
CA LEU B 114 27.78 -21.63 20.20
C LEU B 114 27.21 -20.40 20.94
N GLY B 115 25.88 -20.29 20.99
CA GLY B 115 25.24 -19.14 21.64
C GLY B 115 25.55 -19.13 23.13
N SER B 116 25.49 -20.31 23.73
CA SER B 116 25.69 -20.46 25.17
C SER B 116 27.13 -20.11 25.49
N LEU B 117 28.07 -20.72 24.76
CA LEU B 117 29.53 -20.47 24.93
C LEU B 117 29.93 -19.02 24.71
N LEU B 118 29.40 -18.42 23.65
CA LEU B 118 29.69 -17.02 23.34
C LEU B 118 29.17 -16.08 24.44
N PHE B 119 27.93 -16.28 24.91
CA PHE B 119 27.44 -15.48 26.01
C PHE B 119 28.39 -15.58 27.19
N LEU B 120 28.75 -16.81 27.55
CA LEU B 120 29.69 -17.08 28.65
C LEU B 120 30.97 -16.25 28.50
N ALA B 121 31.56 -16.30 27.32
CA ALA B 121 32.77 -15.52 27.01
C ALA B 121 32.51 -14.03 27.20
N CYS B 122 31.38 -13.56 26.68
CA CYS B 122 31.00 -12.14 26.75
C CYS B 122 30.97 -11.60 28.18
N VAL B 123 30.45 -12.38 29.12
CA VAL B 123 30.17 -11.89 30.47
C VAL B 123 31.25 -12.25 31.49
N GLY B 124 31.69 -13.49 31.46
CA GLY B 124 32.63 -14.01 32.45
C GLY B 124 32.05 -15.24 33.11
N PRO B 125 32.84 -15.91 33.98
CA PRO B 125 32.42 -17.14 34.65
C PRO B 125 31.16 -16.93 35.49
N ALA B 126 30.99 -15.73 36.04
CA ALA B 126 29.78 -15.35 36.77
C ALA B 126 28.52 -15.80 36.04
N ALA B 127 28.54 -15.68 34.70
CA ALA B 127 27.45 -16.11 33.82
C ALA B 127 26.98 -17.54 34.09
N ALA B 128 27.90 -18.42 34.50
CA ALA B 128 27.58 -19.82 34.81
C ALA B 128 27.44 -20.04 36.30
N THR B 129 28.47 -19.64 37.06
CA THR B 129 28.48 -19.84 38.52
C THR B 129 27.36 -19.09 39.23
N VAL B 130 27.00 -17.90 38.72
CA VAL B 130 25.89 -17.13 39.28
C VAL B 130 24.63 -17.22 38.43
N GLY B 131 24.78 -17.26 37.10
CA GLY B 131 23.63 -17.26 36.18
C GLY B 131 23.17 -18.63 35.69
N GLY B 132 23.98 -19.66 35.90
CA GLY B 132 23.67 -21.03 35.46
C GLY B 132 23.59 -21.18 33.96
N LEU B 133 24.11 -20.19 33.24
CA LEU B 133 23.92 -20.06 31.78
C LEU B 133 22.44 -20.19 31.39
N GLY B 134 21.54 -19.82 32.31
CA GLY B 134 20.11 -19.90 32.10
C GLY B 134 19.61 -21.28 31.74
N ALA B 135 20.25 -22.31 32.27
CA ALA B 135 19.87 -23.69 32.01
C ALA B 135 18.56 -24.02 32.71
N THR B 136 17.73 -24.85 32.07
CA THR B 136 16.42 -25.18 32.61
C THR B 136 16.56 -26.37 33.53
N ALA B 137 15.75 -26.39 34.58
CA ALA B 137 15.67 -27.52 35.49
C ALA B 137 14.50 -27.30 36.44
N PRO B 138 13.93 -28.39 36.98
CA PRO B 138 12.72 -28.28 37.79
C PRO B 138 12.91 -27.27 38.89
N PHE B 139 11.81 -26.73 39.42
CA PHE B 139 11.89 -25.81 40.56
C PHE B 139 11.52 -26.45 41.90
N PRO B 140 11.89 -25.78 42.98
CA PRO B 140 11.62 -26.31 44.30
C PRO B 140 10.18 -26.82 44.45
N GLY B 141 10.07 -28.11 44.75
CA GLY B 141 8.79 -28.78 44.96
C GLY B 141 8.18 -29.27 43.67
N ILE B 142 9.00 -29.48 42.64
CA ILE B 142 8.51 -29.96 41.36
C ILE B 142 9.22 -31.24 40.92
N GLY B 143 8.48 -32.35 40.90
CA GLY B 143 9.03 -33.65 40.51
C GLY B 143 9.26 -33.77 39.02
N TYR B 144 9.86 -34.88 38.60
CA TYR B 144 10.09 -35.15 37.16
C TYR B 144 8.75 -35.40 36.42
N GLY B 145 7.84 -36.09 37.11
CA GLY B 145 6.51 -36.35 36.55
C GLY B 145 5.84 -35.07 36.08
N GLN B 146 5.77 -34.09 36.97
CA GLN B 146 5.11 -32.82 36.71
C GLN B 146 5.95 -31.98 35.75
N ALA B 147 7.27 -32.10 35.85
CA ALA B 147 8.18 -31.31 35.03
C ALA B 147 8.01 -31.58 33.55
N ILE B 148 7.83 -32.85 33.17
CA ILE B 148 7.59 -33.18 31.76
C ILE B 148 6.17 -32.75 31.34
N LEU B 149 5.20 -32.89 32.25
CA LEU B 149 3.82 -32.55 31.93
C LEU B 149 3.67 -31.06 31.68
N THR B 150 4.30 -30.24 32.50
CA THR B 150 4.24 -28.78 32.29
C THR B 150 5.02 -28.35 31.04
N GLU B 151 6.09 -29.07 30.71
CA GLU B 151 6.84 -28.85 29.48
C GLU B 151 6.08 -29.32 28.25
N ALA B 152 5.26 -30.36 28.40
CA ALA B 152 4.41 -30.83 27.29
C ALA B 152 3.24 -29.88 27.04
N ILE B 153 2.56 -29.48 28.12
CA ILE B 153 1.46 -28.50 28.05
C ILE B 153 1.96 -27.16 27.55
N GLY B 154 3.23 -26.86 27.85
CA GLY B 154 3.88 -25.66 27.36
C GLY B 154 4.10 -25.72 25.87
N THR B 155 4.80 -26.76 25.41
CA THR B 155 5.18 -26.87 23.98
C THR B 155 4.00 -27.27 23.09
N PHE B 156 2.93 -27.74 23.73
CA PHE B 156 1.66 -28.00 23.04
C PHE B 156 1.03 -26.70 22.54
N LEU B 157 0.96 -25.70 23.41
CA LEU B 157 0.44 -24.40 23.01
C LEU B 157 1.34 -23.75 21.96
N LEU B 158 2.66 -23.83 22.12
CA LEU B 158 3.57 -23.30 21.09
C LEU B 158 3.26 -23.90 19.72
N MET B 159 3.36 -25.22 19.58
CA MET B 159 3.18 -25.87 18.28
C MET B 159 1.80 -25.59 17.67
N LEU B 160 0.78 -25.58 18.52
CA LEU B 160 -0.57 -25.24 18.10
C LEU B 160 -0.61 -23.88 17.39
N VAL B 161 0.13 -22.90 17.89
CA VAL B 161 0.21 -21.59 17.23
C VAL B 161 0.99 -21.71 15.95
N ILE B 162 2.06 -22.50 15.97
CA ILE B 162 2.88 -22.72 14.77
C ILE B 162 2.05 -23.33 13.65
N MET B 163 1.11 -24.20 13.99
CA MET B 163 0.19 -24.74 12.99
C MET B 163 -0.76 -23.66 12.48
N GLY B 164 -1.33 -22.92 13.42
CA GLY B 164 -2.40 -21.99 13.14
C GLY B 164 -1.99 -20.72 12.45
N VAL B 165 -0.75 -20.26 12.63
CA VAL B 165 -0.35 -18.97 12.05
C VAL B 165 0.84 -19.06 11.09
N ALA B 166 1.31 -20.27 10.85
CA ALA B 166 2.49 -20.48 10.04
C ALA B 166 2.30 -21.59 9.05
N VAL B 167 1.90 -22.78 9.50
CA VAL B 167 1.74 -23.92 8.57
C VAL B 167 0.45 -23.86 7.74
N ASP B 168 -0.64 -23.41 8.36
CA ASP B 168 -1.94 -23.38 7.70
C ASP B 168 -2.02 -22.36 6.55
N GLU B 169 -2.31 -22.86 5.36
CA GLU B 169 -2.48 -22.03 4.13
C GLU B 169 -3.33 -20.77 4.36
N ARG B 170 -4.31 -20.84 5.26
CA ARG B 170 -5.23 -19.72 5.50
C ARG B 170 -4.72 -18.73 6.56
N ALA B 171 -3.47 -18.85 6.97
CA ALA B 171 -2.95 -17.96 8.00
C ALA B 171 -2.62 -16.60 7.43
N PRO B 172 -2.91 -15.52 8.19
CA PRO B 172 -2.68 -14.14 7.73
C PRO B 172 -1.21 -13.84 7.62
N PRO B 173 -0.75 -13.48 6.41
CA PRO B 173 0.68 -13.44 6.16
C PRO B 173 1.38 -12.29 6.88
N GLY B 174 2.58 -12.57 7.40
CA GLY B 174 3.37 -11.56 8.09
C GLY B 174 3.22 -11.54 9.60
N PHE B 175 2.17 -12.13 10.12
CA PHE B 175 1.97 -12.13 11.57
C PHE B 175 2.82 -13.20 12.27
N ALA B 176 3.07 -14.30 11.55
CA ALA B 176 3.82 -15.46 12.03
C ALA B 176 4.91 -15.18 13.07
N GLY B 177 5.97 -14.44 12.68
CA GLY B 177 7.12 -14.19 13.54
C GLY B 177 6.72 -13.54 14.85
N LEU B 178 5.97 -12.45 14.73
CA LEU B 178 5.53 -11.69 15.89
C LEU B 178 4.67 -12.55 16.77
N VAL B 179 3.64 -13.18 16.22
CA VAL B 179 2.76 -14.03 17.03
C VAL B 179 3.50 -15.20 17.69
N ILE B 180 4.21 -16.00 16.90
CA ILE B 180 4.89 -17.17 17.48
C ILE B 180 5.80 -16.79 18.66
N GLY B 181 6.52 -15.69 18.51
CA GLY B 181 7.47 -15.24 19.53
C GLY B 181 6.75 -14.78 20.76
N LEU B 182 5.81 -13.85 20.57
CA LEU B 182 5.02 -13.33 21.69
C LEU B 182 4.34 -14.47 22.49
N THR B 183 3.89 -15.50 21.78
CA THR B 183 3.31 -16.70 22.42
C THR B 183 4.32 -17.36 23.37
N VAL B 184 5.50 -17.63 22.87
CA VAL B 184 6.56 -18.20 23.73
C VAL B 184 6.75 -17.32 24.98
N GLY B 185 6.88 -16.01 24.75
CA GLY B 185 7.04 -14.99 25.80
C GLY B 185 5.99 -15.13 26.88
N GLY B 186 4.75 -15.36 26.44
CA GLY B 186 3.64 -15.65 27.35
C GLY B 186 3.84 -16.91 28.14
N ILE B 187 4.20 -18.00 27.48
CA ILE B 187 4.36 -19.31 28.12
C ILE B 187 5.43 -19.25 29.20
N ILE B 188 6.56 -18.63 28.89
CA ILE B 188 7.64 -18.47 29.87
C ILE B 188 7.14 -17.73 31.12
N THR B 189 6.40 -16.65 30.93
CA THR B 189 5.87 -15.90 32.08
C THR B 189 5.16 -16.82 33.10
N THR B 190 4.29 -17.71 32.64
CA THR B 190 3.58 -18.65 33.53
C THR B 190 4.45 -19.85 33.94
N ILE B 191 5.01 -20.55 32.97
CA ILE B 191 5.73 -21.82 33.17
C ILE B 191 7.17 -21.66 33.71
N GLY B 192 7.73 -20.47 33.57
CA GLY B 192 9.13 -20.21 33.92
C GLY B 192 9.55 -20.74 35.29
N ASN B 193 8.83 -20.35 36.31
CA ASN B 193 9.20 -20.73 37.67
C ASN B 193 8.75 -22.14 38.03
N ILE B 194 8.35 -22.93 37.03
CA ILE B 194 7.99 -24.32 37.29
C ILE B 194 9.02 -25.26 36.68
N THR B 195 9.48 -24.98 35.46
CA THR B 195 10.53 -25.80 34.85
C THR B 195 11.63 -25.01 34.10
N GLY B 196 11.56 -23.69 34.15
CA GLY B 196 12.43 -22.85 33.34
C GLY B 196 11.91 -22.69 31.92
N SER B 197 10.71 -23.21 31.65
CA SER B 197 10.05 -23.07 30.34
C SER B 197 11.05 -23.18 29.16
N SER B 198 11.49 -24.40 28.91
CA SER B 198 12.44 -24.67 27.84
C SER B 198 11.73 -24.80 26.50
N LEU B 199 10.77 -25.73 26.45
CA LEU B 199 9.96 -26.01 25.26
C LEU B 199 10.83 -26.52 24.11
N ASN B 200 12.08 -26.87 24.42
CA ASN B 200 13.11 -26.94 23.38
C ASN B 200 14.41 -27.64 23.81
N PRO B 201 14.64 -28.86 23.28
CA PRO B 201 15.85 -29.62 23.56
C PRO B 201 17.15 -28.89 23.27
N ALA B 202 17.24 -28.21 22.15
CA ALA B 202 18.47 -27.49 21.81
C ALA B 202 18.70 -26.32 22.76
N ARG B 203 17.61 -25.69 23.22
CA ARG B 203 17.71 -24.53 24.10
C ARG B 203 18.08 -24.93 25.49
N THR B 204 17.74 -26.15 25.87
CA THR B 204 18.22 -26.74 27.14
C THR B 204 19.66 -27.22 26.99
N PHE B 205 19.94 -27.95 25.92
CA PHE B 205 21.29 -28.47 25.66
C PHE B 205 22.37 -27.41 25.82
N GLY B 206 22.26 -26.31 25.08
CA GLY B 206 23.25 -25.23 25.08
C GLY B 206 23.85 -24.90 26.42
N PRO B 207 23.06 -24.35 27.34
CA PRO B 207 23.46 -24.15 28.74
C PRO B 207 24.04 -25.41 29.43
N TYR B 208 23.37 -26.55 29.30
CA TYR B 208 23.84 -27.79 29.94
C TYR B 208 25.28 -28.13 29.59
N LEU B 209 25.63 -27.90 28.34
CA LEU B 209 27.00 -28.08 27.87
C LEU B 209 27.93 -27.09 28.54
N GLY B 210 27.65 -25.80 28.36
CA GLY B 210 28.47 -24.74 28.97
C GLY B 210 28.66 -24.97 30.46
N ASP B 211 27.55 -25.27 31.15
CA ASP B 211 27.57 -25.55 32.58
C ASP B 211 28.45 -26.76 32.95
N SER B 212 28.26 -27.88 32.27
CA SER B 212 29.07 -29.08 32.53
C SER B 212 30.51 -28.89 32.05
N LEU B 213 30.74 -27.89 31.20
CA LEU B 213 32.09 -27.47 30.82
C LEU B 213 32.68 -26.61 31.92
N MET B 214 31.82 -25.82 32.56
CA MET B 214 32.22 -24.96 33.66
C MET B 214 32.07 -25.68 35.03
N GLY B 215 32.01 -27.01 35.01
CA GLY B 215 32.00 -27.81 36.24
C GLY B 215 30.62 -28.19 36.77
N ILE B 216 29.56 -27.67 36.16
CA ILE B 216 28.19 -27.85 36.67
C ILE B 216 27.38 -28.83 35.82
N ASN B 217 27.46 -30.10 36.18
CA ASN B 217 26.83 -31.21 35.46
C ASN B 217 25.34 -31.31 35.79
N LEU B 218 24.47 -31.21 34.78
CA LEU B 218 23.00 -31.26 35.01
C LEU B 218 22.24 -32.23 34.11
N TRP B 219 22.94 -33.11 33.39
CA TRP B 219 22.30 -33.96 32.36
C TRP B 219 21.25 -34.93 32.91
N GLN B 220 21.19 -35.07 34.24
CA GLN B 220 20.13 -35.83 34.91
C GLN B 220 18.74 -35.37 34.51
N TYR B 221 18.62 -34.08 34.24
CA TYR B 221 17.34 -33.46 33.92
C TYR B 221 17.04 -33.34 32.40
N PHE B 222 18.00 -33.68 31.55
CA PHE B 222 17.85 -33.53 30.10
C PHE B 222 16.61 -34.23 29.50
N PRO B 223 16.33 -35.49 29.89
CA PRO B 223 15.11 -36.15 29.38
C PRO B 223 13.83 -35.35 29.54
N ILE B 224 13.70 -34.60 30.63
CA ILE B 224 12.51 -33.76 30.84
C ILE B 224 12.31 -32.78 29.72
N TYR B 225 13.43 -32.37 29.10
CA TYR B 225 13.42 -31.35 28.05
C TYR B 225 13.51 -31.91 26.64
N VAL B 226 13.54 -33.24 26.53
CA VAL B 226 13.42 -33.94 25.26
C VAL B 226 12.02 -34.55 25.17
N ILE B 227 11.68 -35.39 26.12
CA ILE B 227 10.38 -36.06 26.14
C ILE B 227 9.24 -35.06 26.20
N GLY B 228 9.29 -34.14 27.16
CA GLY B 228 8.23 -33.16 27.41
C GLY B 228 7.81 -32.37 26.19
N PRO B 229 8.76 -31.60 25.61
CA PRO B 229 8.58 -30.79 24.36
C PRO B 229 8.08 -31.56 23.15
N ILE B 230 8.67 -32.72 22.87
CA ILE B 230 8.28 -33.55 21.73
C ILE B 230 6.87 -34.09 21.86
N VAL B 231 6.56 -34.73 22.98
CA VAL B 231 5.19 -35.23 23.21
C VAL B 231 4.17 -34.08 23.14
N GLY B 232 4.56 -32.89 23.59
CA GLY B 232 3.72 -31.70 23.47
C GLY B 232 3.52 -31.26 22.02
N ALA B 233 4.62 -31.19 21.27
CA ALA B 233 4.58 -30.71 19.87
C ALA B 233 3.87 -31.66 18.91
N VAL B 234 4.19 -32.95 18.99
CA VAL B 234 3.56 -33.95 18.15
C VAL B 234 2.05 -34.01 18.48
N ALA B 235 1.72 -33.96 19.77
CA ALA B 235 0.33 -33.91 20.19
C ALA B 235 -0.38 -32.71 19.56
N ALA B 236 0.23 -31.54 19.64
CA ALA B 236 -0.39 -30.32 19.08
C ALA B 236 -0.62 -30.39 17.57
N ALA B 237 0.42 -30.84 16.86
CA ALA B 237 0.42 -30.95 15.41
C ALA B 237 -0.71 -31.86 14.93
N TRP B 238 -0.78 -33.05 15.53
CA TRP B 238 -1.79 -34.02 15.17
C TRP B 238 -3.20 -33.64 15.58
N LEU B 239 -3.34 -32.98 16.73
CA LEU B 239 -4.65 -32.47 17.13
C LEU B 239 -5.15 -31.42 16.15
N TYR B 240 -4.26 -30.50 15.77
CA TYR B 240 -4.62 -29.42 14.87
C TYR B 240 -5.29 -29.93 13.61
N ASN B 241 -4.61 -30.85 12.94
CA ASN B 241 -5.07 -31.43 11.68
C ASN B 241 -6.42 -32.13 11.83
N TYR B 242 -6.61 -32.81 12.97
CA TYR B 242 -7.88 -33.46 13.24
C TYR B 242 -9.02 -32.44 13.33
N LEU B 243 -8.74 -31.29 13.96
CA LEU B 243 -9.75 -30.24 14.16
C LEU B 243 -10.04 -29.41 12.91
N ALA B 244 -9.05 -29.28 12.03
CA ALA B 244 -9.13 -28.40 10.87
C ALA B 244 -9.44 -29.09 9.52
N LYS B 245 -10.08 -30.27 9.56
CA LYS B 245 -10.46 -30.98 8.34
C LYS B 245 -11.59 -31.99 8.61
N MET C 1 -22.21 4.74 5.52
CA MET C 1 -21.82 4.69 6.94
C MET C 1 -20.74 5.73 7.28
N THR C 2 -20.84 6.93 6.74
CA THR C 2 -20.22 8.13 7.38
C THR C 2 -21.26 8.64 8.35
N MET C 3 -21.03 8.34 9.60
CA MET C 3 -22.09 8.39 10.59
C MET C 3 -22.39 9.83 11.01
N THR C 4 -23.65 10.07 11.37
CA THR C 4 -24.10 11.41 11.78
C THR C 4 -23.20 11.98 12.88
N LEU C 5 -23.02 13.30 12.91
CA LEU C 5 -22.20 13.98 13.94
C LEU C 5 -22.64 13.62 15.37
N ALA C 6 -23.96 13.52 15.57
CA ALA C 6 -24.56 13.11 16.84
C ALA C 6 -23.97 11.79 17.31
N LYS C 7 -23.75 10.89 16.36
CA LYS C 7 -23.17 9.57 16.66
C LYS C 7 -21.67 9.59 16.77
N ARG C 8 -20.99 10.52 16.10
CA ARG C 8 -19.54 10.69 16.26
C ARG C 8 -19.20 11.38 17.59
N PHE C 9 -20.12 12.25 18.04
CA PHE C 9 -20.02 12.85 19.34
C PHE C 9 -20.04 11.77 20.44
N THR C 10 -21.09 10.96 20.41
CA THR C 10 -21.28 9.92 21.42
C THR C 10 -20.19 8.87 21.27
N ALA C 11 -19.64 8.69 20.07
CA ALA C 11 -18.48 7.82 19.86
C ALA C 11 -17.23 8.41 20.53
N GLU C 12 -17.06 9.75 20.42
CA GLU C 12 -15.94 10.46 21.09
C GLU C 12 -16.02 10.49 22.61
N VAL C 13 -17.24 10.45 23.15
CA VAL C 13 -17.45 10.35 24.61
C VAL C 13 -16.97 8.96 25.09
N VAL C 14 -17.61 7.91 24.57
CA VAL C 14 -17.31 6.52 24.93
C VAL C 14 -15.85 6.16 24.73
N GLY C 15 -15.19 6.83 23.80
CA GLY C 15 -13.75 6.64 23.56
C GLY C 15 -12.85 7.30 24.60
N THR C 16 -13.14 8.57 24.92
CA THR C 16 -12.32 9.32 25.89
C THR C 16 -12.61 8.87 27.34
N PHE C 17 -13.80 8.31 27.51
CA PHE C 17 -14.16 7.67 28.76
C PHE C 17 -13.24 6.49 29.07
N ILE C 18 -13.07 5.60 28.10
CA ILE C 18 -12.19 4.44 28.25
C ILE C 18 -10.73 4.86 28.38
N LEU C 19 -10.33 5.88 27.62
CA LEU C 19 -8.98 6.44 27.77
C LEU C 19 -8.72 6.87 29.21
N VAL C 20 -9.61 7.67 29.81
CA VAL C 20 -9.39 8.13 31.21
C VAL C 20 -9.78 7.12 32.33
N PHE C 21 -10.56 6.09 32.02
CA PHE C 21 -10.93 5.13 33.04
C PHE C 21 -9.72 4.29 33.30
N PHE C 22 -9.20 3.70 32.22
CA PHE C 22 -8.18 2.67 32.32
C PHE C 22 -6.77 3.26 32.35
N GLY C 23 -6.52 4.29 31.53
CA GLY C 23 -5.19 4.88 31.47
C GLY C 23 -4.75 5.38 32.84
N PRO C 24 -5.34 6.49 33.32
CA PRO C 24 -4.99 7.03 34.66
C PRO C 24 -5.43 6.12 35.82
N GLY C 25 -6.31 5.15 35.52
CA GLY C 25 -6.75 4.16 36.50
C GLY C 25 -5.64 3.23 36.96
N ALA C 26 -4.74 2.88 36.05
CA ALA C 26 -3.52 2.13 36.39
C ALA C 26 -2.60 2.94 37.32
N ALA C 27 -2.43 4.23 37.01
CA ALA C 27 -1.63 5.13 37.83
C ALA C 27 -2.12 5.16 39.28
N VAL C 28 -3.44 5.23 39.46
CA VAL C 28 -4.07 5.16 40.80
C VAL C 28 -3.76 3.85 41.52
N ILE C 29 -3.99 2.73 40.82
CA ILE C 29 -3.80 1.41 41.41
C ILE C 29 -2.33 1.15 41.74
N THR C 30 -1.42 1.65 40.90
CA THR C 30 -0.01 1.58 41.22
C THR C 30 0.21 2.24 42.57
N LEU C 31 -0.22 3.50 42.68
CA LEU C 31 -0.01 4.27 43.90
C LEU C 31 -0.64 3.59 45.12
N MET C 32 -1.86 3.10 44.93
CA MET C 32 -2.60 2.47 45.99
C MET C 32 -1.93 1.19 46.50
N ILE C 33 -1.48 0.32 45.59
CA ILE C 33 -0.86 -0.93 46.04
C ILE C 33 0.56 -0.71 46.61
N ALA C 34 1.22 0.33 46.09
CA ALA C 34 2.57 0.69 46.54
C ALA C 34 2.54 1.60 47.75
N ASN C 35 1.36 2.03 48.17
CA ASN C 35 1.22 2.94 49.30
C ASN C 35 1.74 2.35 50.62
N GLY C 36 2.83 2.93 51.12
CA GLY C 36 3.47 2.48 52.34
C GLY C 36 4.92 2.06 52.12
N ALA C 37 5.26 1.66 50.90
CA ALA C 37 6.61 1.17 50.61
C ALA C 37 7.66 2.29 50.68
N ASP C 38 8.91 1.91 50.92
CA ASP C 38 10.03 2.85 50.98
C ASP C 38 10.25 3.61 49.66
N LYS C 39 9.96 4.91 49.66
CA LYS C 39 10.32 5.78 48.54
C LYS C 39 11.74 6.35 48.80
N PRO C 40 12.76 5.83 48.08
CA PRO C 40 14.16 6.06 48.42
C PRO C 40 14.70 7.43 48.05
N ASN C 41 13.90 8.26 47.39
CA ASN C 41 14.19 9.69 47.30
C ASN C 41 12.94 10.49 46.96
N GLU C 42 13.08 11.80 46.87
CA GLU C 42 11.96 12.71 46.64
C GLU C 42 11.35 12.52 45.26
N PHE C 43 12.21 12.27 44.29
CA PHE C 43 11.79 12.16 42.90
C PHE C 43 10.84 10.97 42.70
N ASN C 44 11.00 9.94 43.54
CA ASN C 44 10.11 8.78 43.52
C ASN C 44 8.91 9.06 44.42
N ILE C 45 7.73 9.16 43.82
CA ILE C 45 6.52 9.45 44.59
C ILE C 45 5.63 8.23 44.78
N GLY C 46 6.18 7.03 44.62
CA GLY C 46 5.44 5.79 44.85
C GLY C 46 5.32 4.93 43.62
N ILE C 47 5.17 5.58 42.48
CA ILE C 47 5.31 4.91 41.21
C ILE C 47 6.80 4.64 41.00
N GLY C 48 7.15 3.36 40.85
CA GLY C 48 8.54 2.92 40.77
C GLY C 48 9.03 2.34 42.09
N ALA C 49 8.31 2.63 43.17
CA ALA C 49 8.70 2.18 44.50
C ALA C 49 8.89 0.68 44.57
N LEU C 50 7.92 -0.06 44.03
CA LEU C 50 7.93 -1.54 44.08
C LEU C 50 8.47 -2.18 42.79
N GLY C 51 8.05 -1.65 41.63
CA GLY C 51 8.41 -2.22 40.34
C GLY C 51 9.32 -1.36 39.47
N GLY C 52 9.98 -0.37 40.07
CA GLY C 52 10.90 0.51 39.33
C GLY C 52 10.25 1.11 38.11
N LEU C 53 11.04 1.33 37.04
CA LEU C 53 10.51 1.89 35.78
C LEU C 53 9.49 0.96 35.12
N GLY C 54 9.56 -0.33 35.46
CA GLY C 54 8.55 -1.32 35.06
C GLY C 54 7.14 -0.93 35.47
N ASP C 55 7.01 -0.20 36.58
CA ASP C 55 5.73 0.39 37.00
C ASP C 55 5.26 1.43 35.97
N TRP C 56 6.17 2.28 35.51
CA TRP C 56 5.83 3.25 34.45
C TRP C 56 5.47 2.63 33.10
N PHE C 57 6.17 1.56 32.71
CA PHE C 57 5.81 0.82 31.48
C PHE C 57 4.47 0.08 31.63
N ALA C 58 4.25 -0.53 32.80
CA ALA C 58 2.94 -1.08 33.14
C ALA C 58 1.86 -0.06 32.87
N ILE C 59 2.02 1.13 33.46
CA ILE C 59 1.07 2.23 33.30
C ILE C 59 0.93 2.70 31.83
N GLY C 60 2.07 2.85 31.16
CA GLY C 60 2.07 3.23 29.76
C GLY C 60 1.31 2.24 28.90
N MET C 61 1.41 0.96 29.26
CA MET C 61 0.75 -0.12 28.49
C MET C 61 -0.75 -0.22 28.76
N ALA C 62 -1.13 0.01 30.02
CA ALA C 62 -2.54 0.22 30.37
C ALA C 62 -3.17 1.29 29.48
N PHE C 63 -2.48 2.42 29.35
CA PHE C 63 -2.85 3.44 28.37
C PHE C 63 -2.84 2.96 26.91
N ALA C 64 -1.69 2.43 26.46
CA ALA C 64 -1.47 2.10 25.06
C ALA C 64 -2.49 1.10 24.59
N LEU C 65 -2.66 -0.01 25.32
CA LEU C 65 -3.56 -1.08 24.85
C LEU C 65 -5.06 -0.63 24.86
N ALA C 66 -5.42 0.26 25.80
CA ALA C 66 -6.74 0.87 25.84
C ALA C 66 -6.97 1.82 24.63
N ILE C 67 -5.99 2.69 24.39
CA ILE C 67 -5.99 3.56 23.20
C ILE C 67 -6.11 2.74 21.93
N ALA C 68 -5.32 1.67 21.84
CA ALA C 68 -5.37 0.83 20.68
C ALA C 68 -6.75 0.24 20.50
N ALA C 69 -7.28 -0.35 21.57
CA ALA C 69 -8.65 -0.95 21.60
C ALA C 69 -9.72 -0.02 21.09
N VAL C 70 -9.62 1.24 21.50
CA VAL C 70 -10.56 2.31 21.07
C VAL C 70 -10.51 2.61 19.54
N ILE C 71 -9.31 2.86 19.05
CA ILE C 71 -9.12 3.12 17.64
C ILE C 71 -9.69 1.97 16.87
N TYR C 72 -9.27 0.74 17.16
CA TYR C 72 -9.73 -0.45 16.41
C TYR C 72 -11.23 -0.72 16.48
N SER C 73 -11.89 -0.22 17.51
CA SER C 73 -13.34 -0.42 17.63
C SER C 73 -14.17 0.79 17.15
N LEU C 74 -13.69 2.01 17.43
CA LEU C 74 -14.45 3.25 17.19
C LEU C 74 -13.88 4.23 16.14
N GLY C 75 -12.58 4.08 15.82
CA GLY C 75 -11.92 4.90 14.78
C GLY C 75 -12.74 5.03 13.49
N ARG C 76 -13.21 3.88 13.00
CA ARG C 76 -14.09 3.84 11.85
C ARG C 76 -15.31 4.70 12.05
N ILE C 77 -15.63 5.10 13.29
CA ILE C 77 -16.86 5.89 13.52
C ILE C 77 -16.64 7.39 13.68
N SER C 78 -15.89 7.78 14.68
CA SER C 78 -15.64 9.21 14.98
C SER C 78 -14.28 9.66 14.46
N GLY C 79 -13.43 8.72 14.11
CA GLY C 79 -12.03 9.01 13.89
C GLY C 79 -11.21 8.61 15.10
N ALA C 80 -11.89 8.36 16.23
CA ALA C 80 -11.26 8.02 17.49
C ALA C 80 -10.18 9.04 17.89
N HIS C 81 -10.56 10.32 17.94
CA HIS C 81 -9.61 11.35 18.31
C HIS C 81 -9.31 11.24 19.78
N ILE C 82 -10.36 11.08 20.60
CA ILE C 82 -10.29 10.99 22.10
C ILE C 82 -9.28 11.95 22.76
N ASN C 83 -9.01 13.07 22.08
CA ASN C 83 -7.95 13.99 22.45
C ASN C 83 -8.14 15.27 21.69
N PRO C 84 -8.27 16.41 22.41
CA PRO C 84 -8.47 17.72 21.80
C PRO C 84 -7.28 18.27 21.06
N ALA C 85 -6.07 17.99 21.54
CA ALA C 85 -4.86 18.39 20.82
C ALA C 85 -4.79 17.77 19.42
N VAL C 86 -5.24 16.52 19.29
CA VAL C 86 -5.31 15.87 17.98
C VAL C 86 -6.32 16.60 17.08
N THR C 87 -7.54 16.76 17.57
CA THR C 87 -8.58 17.44 16.81
C THR C 87 -8.07 18.77 16.34
N ILE C 88 -7.52 19.58 17.25
CA ILE C 88 -7.03 20.93 16.91
C ILE C 88 -5.88 20.86 15.89
N ALA C 89 -4.97 19.89 16.06
CA ALA C 89 -3.85 19.69 15.13
C ALA C 89 -4.36 19.33 13.73
N LEU C 90 -5.34 18.43 13.66
CA LEU C 90 -5.91 18.00 12.37
C LEU C 90 -6.69 19.11 11.66
N TRP C 91 -7.34 19.94 12.47
CA TRP C 91 -8.02 21.13 11.97
C TRP C 91 -7.05 22.15 11.36
N SER C 92 -5.91 22.31 12.03
CA SER C 92 -4.88 23.22 11.56
C SER C 92 -4.22 22.82 10.23
N ILE C 93 -4.47 21.59 9.80
CA ILE C 93 -4.04 21.11 8.47
C ILE C 93 -5.21 20.99 7.47
N GLY C 94 -6.41 21.34 7.91
CA GLY C 94 -7.59 21.31 7.05
C GLY C 94 -8.03 19.89 6.78
N ARG C 95 -7.68 19.00 7.71
CA ARG C 95 -8.13 17.60 7.64
C ARG C 95 -9.34 17.38 8.54
N PHE C 96 -9.73 18.42 9.30
CA PHE C 96 -10.94 18.37 10.13
C PHE C 96 -11.73 19.66 10.07
N PRO C 97 -13.07 19.53 9.94
CA PRO C 97 -13.93 20.71 9.82
C PRO C 97 -13.93 21.54 11.09
N GLY C 98 -13.74 22.85 10.92
CA GLY C 98 -13.73 23.78 12.03
C GLY C 98 -15.03 23.74 12.81
N ARG C 99 -16.13 23.51 12.09
CA ARG C 99 -17.46 23.45 12.70
C ARG C 99 -17.58 22.36 13.76
N GLU C 100 -16.70 21.36 13.68
CA GLU C 100 -16.75 20.17 14.53
C GLU C 100 -15.65 20.07 15.59
N VAL C 101 -14.74 21.04 15.63
CA VAL C 101 -13.65 21.03 16.61
C VAL C 101 -14.17 21.24 18.03
N VAL C 102 -14.99 22.26 18.23
CA VAL C 102 -15.59 22.55 19.54
C VAL C 102 -16.54 21.43 20.03
N PRO C 103 -17.40 20.90 19.13
CA PRO C 103 -18.24 19.75 19.48
C PRO C 103 -17.45 18.49 19.83
N TYR C 104 -16.35 18.27 19.13
CA TYR C 104 -15.47 17.13 19.43
C TYR C 104 -14.82 17.22 20.83
N ILE C 105 -14.24 18.39 21.11
CA ILE C 105 -13.52 18.68 22.37
C ILE C 105 -14.45 18.57 23.58
N VAL C 106 -15.68 19.06 23.43
CA VAL C 106 -16.71 18.91 24.47
C VAL C 106 -17.04 17.42 24.70
N ALA C 107 -17.20 16.65 23.62
CA ALA C 107 -17.44 15.19 23.70
C ALA C 107 -16.33 14.49 24.49
N GLN C 108 -15.09 14.91 24.19
CA GLN C 108 -13.89 14.42 24.86
C GLN C 108 -13.87 14.76 26.36
N PHE C 109 -14.13 16.02 26.69
CA PHE C 109 -14.18 16.49 28.07
C PHE C 109 -15.27 15.79 28.88
N ILE C 110 -16.47 15.70 28.33
CA ILE C 110 -17.57 14.96 28.96
C ILE C 110 -17.20 13.49 29.20
N GLY C 111 -16.62 12.85 28.19
CA GLY C 111 -16.16 11.46 28.31
C GLY C 111 -15.10 11.26 29.37
N ALA C 112 -14.16 12.21 29.42
CA ALA C 112 -13.07 12.18 30.39
C ALA C 112 -13.55 12.33 31.83
N ALA C 113 -14.50 13.25 32.04
CA ALA C 113 -15.11 13.44 33.37
C ALA C 113 -15.83 12.18 33.83
N LEU C 114 -16.60 11.59 32.92
CA LEU C 114 -17.31 10.33 33.15
C LEU C 114 -16.40 9.17 33.50
N GLY C 115 -15.31 9.01 32.76
CA GLY C 115 -14.34 7.94 33.07
C GLY C 115 -13.64 8.08 34.44
N SER C 116 -13.27 9.33 34.74
CA SER C 116 -12.61 9.67 36.00
C SER C 116 -13.58 9.44 37.14
N LEU C 117 -14.79 9.98 37.03
CA LEU C 117 -15.83 9.78 38.04
C LEU C 117 -16.23 8.33 38.27
N LEU C 118 -16.42 7.59 37.18
CA LEU C 118 -16.76 6.17 37.29
C LEU C 118 -15.68 5.35 37.96
N PHE C 119 -14.42 5.56 37.55
CA PHE C 119 -13.30 4.89 38.24
C PHE C 119 -13.35 5.17 39.75
N LEU C 120 -13.49 6.45 40.11
CA LEU C 120 -13.61 6.86 41.51
C LEU C 120 -14.68 6.04 42.23
N ALA C 121 -15.87 5.99 41.67
CA ALA C 121 -16.96 5.20 42.22
C ALA C 121 -16.57 3.75 42.38
N CYS C 122 -15.98 3.18 41.33
CA CYS C 122 -15.58 1.77 41.35
C CYS C 122 -14.68 1.38 42.53
N VAL C 123 -13.72 2.24 42.88
CA VAL C 123 -12.65 1.90 43.83
C VAL C 123 -12.92 2.40 45.26
N GLY C 124 -13.33 3.66 45.35
CA GLY C 124 -13.55 4.33 46.64
C GLY C 124 -12.77 5.64 46.65
N PRO C 125 -12.94 6.44 47.73
CA PRO C 125 -12.20 7.69 47.88
C PRO C 125 -10.67 7.54 47.81
N ALA C 126 -10.16 6.41 48.30
CA ALA C 126 -8.74 6.06 48.21
C ALA C 126 -8.19 6.38 46.82
N ALA C 127 -9.00 6.11 45.80
CA ALA C 127 -8.64 6.39 44.40
C ALA C 127 -8.19 7.83 44.16
N ALA C 128 -8.71 8.78 44.97
CA ALA C 128 -8.35 10.19 44.87
C ALA C 128 -7.35 10.57 45.93
N THR C 129 -7.71 10.32 47.18
CA THR C 129 -6.85 10.70 48.28
C THR C 129 -5.49 9.99 48.26
N VAL C 130 -5.46 8.75 47.77
CA VAL C 130 -4.19 8.00 47.64
C VAL C 130 -3.68 7.93 46.21
N GLY C 131 -4.61 7.84 45.25
CA GLY C 131 -4.26 7.70 43.82
C GLY C 131 -4.21 8.98 43.02
N GLY C 132 -4.78 10.05 43.56
CA GLY C 132 -4.86 11.34 42.87
C GLY C 132 -5.68 11.29 41.59
N LEU C 133 -6.51 10.26 41.45
CA LEU C 133 -7.23 9.98 40.20
C LEU C 133 -6.30 10.00 38.97
N GLY C 134 -5.01 9.73 39.21
CA GLY C 134 -3.98 9.71 38.16
C GLY C 134 -3.83 11.03 37.42
N ALA C 135 -4.10 12.14 38.12
CA ALA C 135 -4.02 13.46 37.54
C ALA C 135 -2.57 13.78 37.24
N THR C 136 -2.33 14.50 36.15
CA THR C 136 -0.96 14.87 35.78
C THR C 136 -0.56 16.18 36.48
N ALA C 137 0.71 16.29 36.84
CA ALA C 137 1.25 17.52 37.36
C ALA C 137 2.76 17.35 37.39
N PRO C 138 3.52 18.47 37.42
CA PRO C 138 4.98 18.42 37.36
C PRO C 138 5.56 17.59 38.49
N PHE C 139 6.77 17.06 38.29
CA PHE C 139 7.39 16.25 39.33
C PHE C 139 8.44 17.02 40.08
N PRO C 140 8.84 16.52 41.25
CA PRO C 140 9.83 17.20 42.10
C PRO C 140 11.09 17.70 41.36
N GLY C 141 11.30 19.02 41.39
CA GLY C 141 12.41 19.66 40.67
C GLY C 141 12.12 19.97 39.20
N ILE C 142 10.83 20.06 38.83
CA ILE C 142 10.43 20.36 37.45
C ILE C 142 9.54 21.62 37.40
N GLY C 143 10.07 22.69 36.81
CA GLY C 143 9.33 23.95 36.68
C GLY C 143 8.27 23.92 35.59
N TYR C 144 7.46 24.97 35.50
CA TYR C 144 6.42 25.10 34.47
C TYR C 144 7.04 25.24 33.09
N GLY C 145 8.17 25.92 33.01
CA GLY C 145 8.88 26.09 31.75
C GLY C 145 9.21 24.77 31.12
N GLN C 146 9.83 23.89 31.91
CA GLN C 146 10.24 22.56 31.43
C GLN C 146 9.03 21.63 31.26
N ALA C 147 8.02 21.80 32.11
CA ALA C 147 6.82 20.94 32.08
C ALA C 147 6.04 21.06 30.78
N ILE C 148 5.91 22.28 30.24
CA ILE C 148 5.27 22.43 28.93
C ILE C 148 6.17 21.93 27.81
N LEU C 149 7.48 22.11 27.92
CA LEU C 149 8.41 21.68 26.88
C LEU C 149 8.44 20.18 26.77
N THR C 150 8.47 19.47 27.90
CA THR C 150 8.46 17.99 27.86
C THR C 150 7.10 17.47 27.37
N GLU C 151 6.03 18.18 27.69
CA GLU C 151 4.70 17.85 27.18
C GLU C 151 4.54 18.17 25.68
N ALA C 152 5.26 19.17 25.18
CA ALA C 152 5.24 19.47 23.74
C ALA C 152 6.08 18.46 22.98
N ILE C 153 7.29 18.17 23.48
CA ILE C 153 8.18 17.16 22.87
C ILE C 153 7.49 15.79 22.88
N GLY C 154 6.69 15.56 23.93
CA GLY C 154 5.93 14.34 24.07
C GLY C 154 4.87 14.24 23.00
N THR C 155 3.99 15.23 22.93
CA THR C 155 2.82 15.17 22.03
C THR C 155 3.22 15.41 20.58
N PHE C 156 4.43 15.91 20.38
CA PHE C 156 5.01 16.08 19.06
C PHE C 156 5.26 14.71 18.45
N LEU C 157 5.87 13.81 19.21
CA LEU C 157 6.11 12.46 18.71
C LEU C 157 4.82 11.73 18.49
N LEU C 158 3.86 11.85 19.39
CA LEU C 158 2.56 11.25 19.18
C LEU C 158 1.99 11.69 17.82
N MET C 159 1.75 12.99 17.64
CA MET C 159 1.07 13.49 16.42
C MET C 159 1.81 13.11 15.14
N LEU C 160 3.13 13.14 15.22
CA LEU C 160 3.98 12.70 14.12
C LEU C 160 3.66 11.26 13.68
N VAL C 161 3.39 10.37 14.63
CA VAL C 161 2.99 9.01 14.30
C VAL C 161 1.60 9.04 13.70
N ILE C 162 0.71 9.83 14.31
CA ILE C 162 -0.69 9.94 13.82
C ILE C 162 -0.75 10.35 12.33
N MET C 163 0.20 11.20 11.94
CA MET C 163 0.32 11.63 10.55
C MET C 163 0.82 10.47 9.72
N GLY C 164 1.85 9.82 10.21
CA GLY C 164 2.54 8.82 9.42
C GLY C 164 1.82 7.50 9.22
N VAL C 165 1.00 7.10 10.19
CA VAL C 165 0.42 5.78 10.15
C VAL C 165 -1.08 5.82 10.13
N ALA C 166 -1.67 7.01 10.13
CA ALA C 166 -3.10 7.12 10.14
C ALA C 166 -3.60 8.10 9.08
N VAL C 167 -3.08 9.34 9.08
CA VAL C 167 -3.54 10.37 8.10
C VAL C 167 -3.01 10.14 6.66
N ASP C 168 -1.74 9.76 6.53
CA ASP C 168 -1.10 9.57 5.24
C ASP C 168 -1.67 8.41 4.42
N GLU C 169 -2.15 8.76 3.23
CA GLU C 169 -2.67 7.79 2.24
C GLU C 169 -1.78 6.53 2.10
N ARG C 170 -0.47 6.70 2.22
CA ARG C 170 0.44 5.61 1.95
C ARG C 170 0.69 4.77 3.18
N ALA C 171 -0.06 4.99 4.27
CA ALA C 171 0.19 4.22 5.50
C ALA C 171 -0.38 2.80 5.42
N PRO C 172 0.38 1.82 5.90
CA PRO C 172 -0.04 0.40 5.84
C PRO C 172 -1.29 0.15 6.69
N PRO C 173 -2.36 -0.37 6.07
CA PRO C 173 -3.68 -0.35 6.73
C PRO C 173 -3.79 -1.39 7.81
N GLY C 174 -4.45 -1.01 8.91
CA GLY C 174 -4.62 -1.88 10.07
C GLY C 174 -3.62 -1.71 11.21
N PHE C 175 -2.44 -1.16 10.91
CA PHE C 175 -1.42 -0.99 11.92
C PHE C 175 -1.75 0.16 12.83
N ALA C 176 -2.45 1.17 12.31
CA ALA C 176 -2.81 2.40 13.03
C ALA C 176 -3.06 2.33 14.55
N GLY C 177 -4.10 1.58 14.96
CA GLY C 177 -4.47 1.46 16.36
C GLY C 177 -3.31 0.96 17.20
N LEU C 178 -2.77 -0.18 16.81
CA LEU C 178 -1.68 -0.81 17.52
C LEU C 178 -0.48 0.13 17.64
N VAL C 179 0.00 0.64 16.52
CA VAL C 179 1.15 1.54 16.53
C VAL C 179 0.89 2.79 17.33
N ILE C 180 -0.20 3.50 17.08
CA ILE C 180 -0.44 4.77 17.79
C ILE C 180 -0.48 4.58 19.30
N GLY C 181 -1.07 3.49 19.74
CA GLY C 181 -1.16 3.22 21.17
C GLY C 181 0.16 2.88 21.82
N LEU C 182 0.83 1.90 21.24
CA LEU C 182 2.13 1.48 21.70
C LEU C 182 3.07 2.69 21.76
N THR C 183 2.97 3.61 20.79
CA THR C 183 3.79 4.82 20.79
C THR C 183 3.56 5.63 22.06
N VAL C 184 2.29 5.90 22.39
CA VAL C 184 1.93 6.58 23.64
C VAL C 184 2.54 5.86 24.84
N GLY C 185 2.34 4.54 24.87
CA GLY C 185 2.92 3.69 25.92
C GLY C 185 4.39 3.93 26.12
N GLY C 186 5.11 4.04 25.00
CA GLY C 186 6.52 4.39 25.00
C GLY C 186 6.83 5.75 25.59
N ILE C 187 6.08 6.76 25.16
CA ILE C 187 6.28 8.13 25.64
C ILE C 187 6.06 8.20 27.16
N ILE C 188 5.01 7.55 27.67
CA ILE C 188 4.73 7.56 29.12
C ILE C 188 5.89 6.98 29.92
N THR C 189 6.43 5.88 29.44
CA THR C 189 7.56 5.24 30.10
C THR C 189 8.70 6.24 30.37
N THR C 190 9.08 7.05 29.38
CA THR C 190 10.13 8.06 29.56
C THR C 190 9.67 9.34 30.28
N ILE C 191 8.58 9.92 29.79
CA ILE C 191 8.11 11.24 30.23
C ILE C 191 7.30 11.20 31.53
N GLY C 192 6.79 10.01 31.85
CA GLY C 192 5.90 9.82 33.00
C GLY C 192 6.34 10.50 34.30
N ASN C 193 7.57 10.22 34.73
CA ASN C 193 8.06 10.79 35.98
C ASN C 193 8.57 12.23 35.86
N ILE C 194 8.26 12.89 34.74
CA ILE C 194 8.63 14.30 34.57
C ILE C 194 7.39 15.19 34.63
N THR C 195 6.32 14.80 33.96
CA THR C 195 5.08 15.57 34.02
C THR C 195 3.79 14.73 34.14
N GLY C 196 3.92 13.42 34.24
CA GLY C 196 2.77 12.53 34.22
C GLY C 196 2.35 12.18 32.81
N SER C 197 3.12 12.66 31.83
CA SER C 197 2.90 12.31 30.43
C SER C 197 1.42 12.32 30.04
N SER C 198 0.84 13.52 30.00
CA SER C 198 -0.57 13.70 29.67
C SER C 198 -0.79 13.66 28.17
N LEU C 199 -0.10 14.53 27.45
CA LEU C 199 -0.20 14.64 25.98
C LEU C 199 -1.63 15.04 25.48
N ASN C 200 -2.46 15.47 26.43
CA ASN C 200 -3.91 15.47 26.23
C ASN C 200 -4.65 16.29 27.32
N PRO C 201 -5.23 17.44 26.94
CA PRO C 201 -6.06 18.26 27.80
C PRO C 201 -7.28 17.57 28.41
N ALA C 202 -7.97 16.73 27.63
CA ALA C 202 -9.14 16.00 28.17
C ALA C 202 -8.73 14.97 29.20
N ARG C 203 -7.58 14.32 28.96
CA ARG C 203 -7.04 13.29 29.88
C ARG C 203 -6.54 13.87 31.21
N THR C 204 -6.06 15.11 31.17
CA THR C 204 -5.71 15.86 32.39
C THR C 204 -6.96 16.38 33.07
N PHE C 205 -7.87 16.97 32.29
CA PHE C 205 -9.13 17.49 32.81
C PHE C 205 -9.87 16.51 33.71
N GLY C 206 -10.16 15.32 33.18
CA GLY C 206 -10.91 14.28 33.91
C GLY C 206 -10.57 14.15 35.42
N PRO C 207 -9.36 13.68 35.71
CA PRO C 207 -8.86 13.66 37.07
C PRO C 207 -9.01 15.01 37.75
N TYR C 208 -8.56 16.09 37.14
CA TYR C 208 -8.59 17.41 37.80
C TYR C 208 -9.96 17.74 38.35
N LEU C 209 -11.00 17.38 37.59
CA LEU C 209 -12.37 17.57 38.03
C LEU C 209 -12.66 16.71 39.24
N GLY C 210 -12.50 15.40 39.07
CA GLY C 210 -12.74 14.45 40.17
C GLY C 210 -12.03 14.85 41.46
N ASP C 211 -10.74 15.18 41.32
CA ASP C 211 -9.90 15.63 42.42
C ASP C 211 -10.43 16.87 43.09
N SER C 212 -10.73 17.91 42.30
CA SER C 212 -11.27 19.15 42.85
C SER C 212 -12.70 18.98 43.39
N LEU C 213 -13.36 17.88 42.95
CA LEU C 213 -14.66 17.47 43.49
C LEU C 213 -14.44 16.77 44.81
N MET C 214 -13.34 16.04 44.90
CA MET C 214 -12.96 15.33 46.11
C MET C 214 -12.11 16.21 47.06
N GLY C 215 -12.09 17.52 46.84
CA GLY C 215 -11.36 18.44 47.72
C GLY C 215 -9.95 18.82 47.29
N ILE C 216 -9.45 18.21 46.21
CA ILE C 216 -8.06 18.41 45.76
C ILE C 216 -7.99 19.26 44.46
N ASN C 217 -7.89 20.57 44.67
CA ASN C 217 -7.83 21.56 43.61
C ASN C 217 -6.43 21.65 42.97
N LEU C 218 -6.34 21.40 41.65
CA LEU C 218 -5.05 21.41 40.92
C LEU C 218 -5.03 22.22 39.61
N TRP C 219 -6.03 23.04 39.37
CA TRP C 219 -6.17 23.75 38.10
C TRP C 219 -5.03 24.74 37.80
N GLN C 220 -4.22 25.06 38.82
CA GLN C 220 -3.00 25.85 38.64
C GLN C 220 -2.11 25.30 37.52
N TYR C 221 -2.13 23.97 37.37
CA TYR C 221 -1.26 23.27 36.44
C TYR C 221 -1.90 22.98 35.09
N PHE C 222 -3.19 23.26 34.94
CA PHE C 222 -3.93 22.93 33.70
C PHE C 222 -3.33 23.53 32.41
N PRO C 223 -2.93 24.82 32.43
CA PRO C 223 -2.30 25.37 31.22
C PRO C 223 -1.13 24.55 30.66
N ILE C 224 -0.35 23.91 31.53
CA ILE C 224 0.76 23.07 31.08
C ILE C 224 0.28 21.95 30.19
N TYR C 225 -0.95 21.51 30.40
CA TYR C 225 -1.52 20.38 29.67
C TYR C 225 -2.47 20.78 28.53
N VAL C 226 -2.61 22.08 28.32
CA VAL C 226 -3.31 22.62 27.17
C VAL C 226 -2.27 23.17 26.20
N ILE C 227 -1.46 24.10 26.66
CA ILE C 227 -0.42 24.72 25.83
C ILE C 227 0.55 23.67 25.28
N GLY C 228 1.13 22.89 26.18
CA GLY C 228 2.16 21.92 25.85
C GLY C 228 1.81 20.94 24.73
N PRO C 229 0.74 20.16 24.93
CA PRO C 229 0.17 19.23 23.94
C PRO C 229 -0.21 19.83 22.58
N ILE C 230 -0.87 20.98 22.58
CA ILE C 230 -1.29 21.64 21.33
C ILE C 230 -0.10 22.14 20.53
N VAL C 231 0.78 22.91 21.17
CA VAL C 231 1.99 23.41 20.48
C VAL C 231 2.84 22.23 19.95
N GLY C 232 2.85 21.11 20.68
CA GLY C 232 3.49 19.88 20.21
C GLY C 232 2.80 19.22 19.02
N ALA C 233 1.46 19.14 19.07
CA ALA C 233 0.67 18.53 18.00
C ALA C 233 0.66 19.33 16.71
N VAL C 234 0.40 20.63 16.83
CA VAL C 234 0.36 21.51 15.66
C VAL C 234 1.75 21.62 15.00
N ALA C 235 2.79 21.67 15.83
CA ALA C 235 4.14 21.61 15.31
C ALA C 235 4.36 20.34 14.50
N ALA C 236 4.01 19.17 15.07
CA ALA C 236 4.22 17.87 14.41
C ALA C 236 3.49 17.76 13.08
N ALA C 237 2.20 18.13 13.09
CA ALA C 237 1.34 18.08 11.90
C ALA C 237 1.96 18.86 10.76
N TRP C 238 2.29 20.11 11.05
CA TRP C 238 2.85 21.04 10.06
C TRP C 238 4.24 20.66 9.60
N LEU C 239 5.08 20.16 10.50
CA LEU C 239 6.38 19.65 10.09
C LEU C 239 6.23 18.46 9.13
N TYR C 240 5.33 17.52 9.47
CA TYR C 240 5.12 16.31 8.66
C TYR C 240 4.89 16.66 7.19
N ASN C 241 3.91 17.53 6.97
CA ASN C 241 3.51 17.93 5.64
C ASN C 241 4.68 18.57 4.90
N TYR C 242 5.45 19.39 5.59
CA TYR C 242 6.61 20.03 4.97
C TYR C 242 7.61 18.99 4.47
N LEU C 243 7.79 17.94 5.26
CA LEU C 243 8.76 16.90 4.92
C LEU C 243 8.26 15.95 3.82
N ALA C 244 6.94 15.74 3.77
CA ALA C 244 6.37 14.71 2.89
C ALA C 244 5.84 15.25 1.56
N LYS C 245 6.33 16.39 1.06
CA LYS C 245 5.75 16.91 -0.20
C LYS C 245 6.35 17.76 -1.33
N GLU C 246 5.51 17.75 -2.36
CA GLU C 246 5.74 18.49 -3.57
C GLU C 246 7.24 18.74 -3.77
N THR D 2 11.73 10.40 -4.79
CA THR D 2 12.25 10.64 -3.42
C THR D 2 12.29 12.13 -3.08
N MET D 3 12.20 12.42 -1.78
CA MET D 3 12.30 13.78 -1.25
C MET D 3 13.76 14.23 -1.40
N THR D 4 13.98 15.54 -1.57
CA THR D 4 15.34 16.10 -1.63
C THR D 4 16.23 15.71 -0.43
N LEU D 5 17.53 15.54 -0.67
CA LEU D 5 18.51 15.19 0.39
C LEU D 5 18.47 16.13 1.60
N ALA D 6 18.27 17.42 1.33
CA ALA D 6 18.11 18.44 2.36
C ALA D 6 17.01 18.04 3.33
N LYS D 7 15.94 17.49 2.80
CA LYS D 7 14.79 17.07 3.61
C LYS D 7 14.99 15.70 4.24
N ARG D 8 15.80 14.84 3.62
CA ARG D 8 16.12 13.55 4.23
C ARG D 8 17.12 13.74 5.38
N PHE D 9 17.97 14.76 5.23
CA PHE D 9 18.88 15.16 6.29
C PHE D 9 18.09 15.59 7.52
N THR D 10 17.19 16.54 7.33
CA THR D 10 16.42 17.08 8.44
C THR D 10 15.45 16.02 8.97
N ALA D 11 15.07 15.07 8.13
CA ALA D 11 14.32 13.90 8.61
C ALA D 11 15.18 13.01 9.52
N GLU D 12 16.44 12.78 9.15
CA GLU D 12 17.37 12.00 9.97
C GLU D 12 17.78 12.68 11.28
N VAL D 13 17.74 14.01 11.32
CA VAL D 13 17.97 14.75 12.55
C VAL D 13 16.82 14.51 13.51
N VAL D 14 15.61 14.87 13.07
CA VAL D 14 14.39 14.72 13.88
C VAL D 14 14.15 13.26 14.36
N GLY D 15 14.60 12.29 13.57
CA GLY D 15 14.51 10.88 13.95
C GLY D 15 15.48 10.50 15.08
N THR D 16 16.75 10.82 14.90
CA THR D 16 17.78 10.44 15.84
C THR D 16 17.65 11.25 17.12
N PHE D 17 17.02 12.41 17.00
CA PHE D 17 16.69 13.23 18.15
C PHE D 17 15.72 12.51 19.04
N ILE D 18 14.65 11.96 18.43
CA ILE D 18 13.65 11.22 19.20
C ILE D 18 14.22 9.90 19.75
N LEU D 19 15.10 9.25 18.96
CA LEU D 19 15.80 8.05 19.45
C LEU D 19 16.53 8.33 20.78
N VAL D 20 17.34 9.39 20.80
CA VAL D 20 18.16 9.71 21.97
C VAL D 20 17.41 10.46 23.09
N PHE D 21 16.29 11.08 22.78
CA PHE D 21 15.57 11.79 23.82
C PHE D 21 14.90 10.78 24.70
N PHE D 22 14.13 9.90 24.07
CA PHE D 22 13.26 8.96 24.78
C PHE D 22 13.98 7.69 25.20
N GLY D 23 14.81 7.15 24.31
CA GLY D 23 15.53 5.89 24.57
C GLY D 23 16.41 5.96 25.81
N PRO D 24 17.52 6.69 25.72
CA PRO D 24 18.36 6.90 26.90
C PRO D 24 17.69 7.75 27.99
N GLY D 25 16.60 8.44 27.65
CA GLY D 25 15.83 9.22 28.61
C GLY D 25 15.18 8.36 29.67
N ALA D 26 14.72 7.17 29.27
CA ALA D 26 14.20 6.16 30.19
C ALA D 26 15.27 5.65 31.20
N ALA D 27 16.47 5.39 30.68
CA ALA D 27 17.62 4.98 31.48
C ALA D 27 17.91 5.98 32.58
N VAL D 28 17.90 7.26 32.25
CA VAL D 28 18.09 8.33 33.23
C VAL D 28 17.01 8.30 34.30
N ILE D 29 15.75 8.25 33.88
CA ILE D 29 14.64 8.29 34.82
C ILE D 29 14.60 7.07 35.72
N THR D 30 14.95 5.90 35.18
CA THR D 30 15.12 4.70 36.02
C THR D 30 16.10 4.99 37.15
N LEU D 31 17.30 5.42 36.78
CA LEU D 31 18.35 5.72 37.74
C LEU D 31 17.89 6.77 38.74
N MET D 32 17.27 7.84 38.25
CA MET D 32 16.84 8.93 39.12
C MET D 32 15.79 8.49 40.14
N ILE D 33 14.79 7.71 39.73
CA ILE D 33 13.74 7.30 40.68
C ILE D 33 14.21 6.17 41.61
N ALA D 34 15.17 5.37 41.13
CA ALA D 34 15.76 4.29 41.91
C ALA D 34 16.93 4.77 42.76
N ASN D 35 17.33 6.04 42.62
CA ASN D 35 18.48 6.59 43.34
C ASN D 35 18.25 6.60 44.84
N GLY D 36 19.03 5.77 45.53
CA GLY D 36 18.95 5.63 46.98
C GLY D 36 18.65 4.21 47.42
N ALA D 37 18.02 3.43 46.55
CA ALA D 37 17.62 2.08 46.89
C ALA D 37 18.82 1.13 47.06
N ASP D 38 18.62 0.07 47.83
CA ASP D 38 19.65 -0.95 48.05
C ASP D 38 20.10 -1.61 46.76
N LYS D 39 21.34 -1.37 46.34
CA LYS D 39 21.95 -2.11 45.24
C LYS D 39 22.68 -3.32 45.82
N PRO D 40 22.12 -4.54 45.66
CA PRO D 40 22.55 -5.71 46.41
C PRO D 40 23.82 -6.36 45.92
N ASN D 41 24.41 -5.85 44.83
CA ASN D 41 25.80 -6.15 44.50
C ASN D 41 26.37 -5.11 43.52
N GLU D 42 27.65 -5.29 43.17
CA GLU D 42 28.37 -4.32 42.34
C GLU D 42 27.79 -4.26 40.94
N PHE D 43 27.40 -5.43 40.43
CA PHE D 43 26.92 -5.56 39.06
C PHE D 43 25.63 -4.75 38.83
N ASN D 44 24.82 -4.62 39.88
CA ASN D 44 23.62 -3.79 39.87
C ASN D 44 23.98 -2.34 40.16
N ILE D 45 23.85 -1.46 39.18
CA ILE D 45 24.20 -0.05 39.38
C ILE D 45 22.98 0.84 39.58
N GLY D 46 21.83 0.26 39.93
CA GLY D 46 20.60 1.04 40.17
C GLY D 46 19.46 0.66 39.24
N ILE D 47 19.80 0.39 37.98
CA ILE D 47 18.86 -0.20 37.04
C ILE D 47 18.70 -1.66 37.43
N GLY D 48 17.47 -2.05 37.78
CA GLY D 48 17.17 -3.36 38.32
C GLY D 48 16.97 -3.32 39.82
N ALA D 49 17.42 -2.25 40.45
CA ALA D 49 17.33 -2.11 41.91
C ALA D 49 15.92 -2.29 42.43
N LEU D 50 14.97 -1.59 41.80
CA LEU D 50 13.58 -1.61 42.23
C LEU D 50 12.73 -2.60 41.42
N GLY D 51 12.92 -2.62 40.11
CA GLY D 51 12.09 -3.44 39.23
C GLY D 51 12.80 -4.59 38.54
N GLY D 52 13.95 -5.00 39.07
CA GLY D 52 14.73 -6.10 38.50
C GLY D 52 14.98 -5.95 37.00
N LEU D 53 15.00 -7.08 36.28
CA LEU D 53 15.19 -7.05 34.82
C LEU D 53 14.02 -6.34 34.12
N GLY D 54 12.87 -6.30 34.79
CA GLY D 54 11.74 -5.53 34.33
C GLY D 54 12.09 -4.07 34.10
N ASP D 55 13.06 -3.54 34.86
CA ASP D 55 13.58 -2.19 34.60
C ASP D 55 14.27 -2.15 33.25
N TRP D 56 15.08 -3.17 32.94
CA TRP D 56 15.73 -3.23 31.61
C TRP D 56 14.75 -3.39 30.42
N PHE D 57 13.69 -4.18 30.60
CA PHE D 57 12.68 -4.33 29.55
C PHE D 57 11.93 -3.02 29.39
N ALA D 58 11.58 -2.40 30.50
CA ALA D 58 10.98 -1.07 30.51
C ALA D 58 11.79 -0.15 29.61
N ILE D 59 13.08 -0.08 29.89
CA ILE D 59 14.00 0.77 29.12
C ILE D 59 14.05 0.36 27.66
N GLY D 60 14.20 -0.94 27.41
CA GLY D 60 14.22 -1.46 26.04
C GLY D 60 12.98 -1.09 25.25
N MET D 61 11.84 -1.04 25.93
CA MET D 61 10.56 -0.75 25.29
C MET D 61 10.40 0.73 25.04
N ALA D 62 10.90 1.55 25.96
CA ALA D 62 11.02 2.98 25.72
C ALA D 62 11.74 3.21 24.40
N PHE D 63 12.89 2.55 24.24
CA PHE D 63 13.62 2.54 22.97
C PHE D 63 12.78 2.00 21.80
N ALA D 64 12.30 0.77 21.95
CA ALA D 64 11.67 0.03 20.86
C ALA D 64 10.52 0.79 20.30
N LEU D 65 9.62 1.24 21.16
CA LEU D 65 8.39 1.89 20.73
C LEU D 65 8.65 3.28 20.10
N ALA D 66 9.71 3.95 20.59
CA ALA D 66 10.19 5.21 19.98
C ALA D 66 10.74 4.94 18.58
N ILE D 67 11.65 3.98 18.48
CA ILE D 67 12.22 3.56 17.20
C ILE D 67 11.10 3.22 16.23
N ALA D 68 10.13 2.42 16.68
CA ALA D 68 9.00 2.00 15.82
C ALA D 68 8.27 3.23 15.31
N ALA D 69 7.90 4.10 16.25
CA ALA D 69 7.22 5.36 15.93
C ALA D 69 7.91 6.13 14.80
N VAL D 70 9.24 6.24 14.92
CA VAL D 70 10.09 6.98 13.97
C VAL D 70 10.07 6.36 12.57
N ILE D 71 10.29 5.06 12.48
CA ILE D 71 10.21 4.35 11.20
C ILE D 71 8.81 4.60 10.57
N TYR D 72 7.75 4.30 11.31
CA TYR D 72 6.38 4.44 10.80
C TYR D 72 6.03 5.85 10.32
N SER D 73 6.66 6.87 10.91
CA SER D 73 6.36 8.25 10.55
C SER D 73 7.34 8.79 9.50
N LEU D 74 8.63 8.50 9.66
CA LEU D 74 9.67 9.11 8.82
C LEU D 74 10.38 8.17 7.86
N GLY D 75 10.30 6.86 8.06
CA GLY D 75 10.93 5.87 7.17
C GLY D 75 10.64 6.12 5.70
N ARG D 76 9.40 6.45 5.40
CA ARG D 76 9.02 6.84 4.05
C ARG D 76 9.86 8.01 3.51
N ILE D 77 10.41 8.85 4.38
CA ILE D 77 11.09 10.05 3.93
C ILE D 77 12.61 9.87 3.79
N SER D 78 13.29 9.56 4.88
CA SER D 78 14.75 9.45 4.88
C SER D 78 15.20 8.00 4.76
N GLY D 79 14.30 7.08 5.03
CA GLY D 79 14.65 5.70 5.23
C GLY D 79 14.66 5.38 6.70
N ALA D 80 14.64 6.43 7.54
CA ALA D 80 14.66 6.27 9.00
C ALA D 80 15.84 5.44 9.49
N HIS D 81 17.05 5.83 9.09
CA HIS D 81 18.27 5.12 9.52
C HIS D 81 18.55 5.39 11.00
N ILE D 82 18.46 6.67 11.38
CA ILE D 82 18.73 7.16 12.75
C ILE D 82 19.88 6.45 13.45
N ASN D 83 20.83 5.95 12.67
CA ASN D 83 21.92 5.11 13.15
C ASN D 83 23.01 5.02 12.07
N PRO D 84 24.25 5.44 12.39
CA PRO D 84 25.32 5.39 11.42
C PRO D 84 25.79 4.00 11.04
N ALA D 85 25.74 3.05 11.96
CA ALA D 85 26.11 1.68 11.64
C ALA D 85 25.19 1.10 10.57
N VAL D 86 23.91 1.46 10.61
CA VAL D 86 22.97 1.00 9.61
C VAL D 86 23.34 1.59 8.25
N THR D 87 23.52 2.92 8.20
CA THR D 87 23.92 3.61 6.97
C THR D 87 25.16 3.01 6.35
N ILE D 88 26.19 2.81 7.18
CA ILE D 88 27.47 2.22 6.75
C ILE D 88 27.30 0.77 6.29
N ALA D 89 26.48 -0.01 6.99
CA ALA D 89 26.16 -1.38 6.59
C ALA D 89 25.44 -1.42 5.23
N LEU D 90 24.45 -0.54 5.06
CA LEU D 90 23.66 -0.51 3.82
C LEU D 90 24.50 -0.06 2.66
N TRP D 91 25.43 0.85 2.92
CA TRP D 91 26.39 1.32 1.90
C TRP D 91 27.31 0.20 1.44
N SER D 92 27.76 -0.60 2.39
CA SER D 92 28.64 -1.73 2.12
C SER D 92 28.00 -2.81 1.23
N ILE D 93 26.67 -2.76 1.06
CA ILE D 93 25.97 -3.67 0.16
C ILE D 93 25.57 -2.98 -1.17
N GLY D 94 25.85 -1.69 -1.27
CA GLY D 94 25.46 -0.91 -2.46
C GLY D 94 23.97 -0.59 -2.48
N ARG D 95 23.35 -0.58 -1.31
CA ARG D 95 21.95 -0.20 -1.15
C ARG D 95 21.81 1.27 -0.74
N PHE D 96 22.93 1.91 -0.43
CA PHE D 96 22.94 3.33 -0.12
C PHE D 96 24.10 4.04 -0.83
N PRO D 97 23.84 5.23 -1.38
CA PRO D 97 24.86 5.97 -2.08
C PRO D 97 25.95 6.45 -1.15
N GLY D 98 27.20 6.25 -1.58
CA GLY D 98 28.38 6.66 -0.82
C GLY D 98 28.40 8.15 -0.56
N ARG D 99 27.91 8.91 -1.54
CA ARG D 99 27.87 10.37 -1.43
C ARG D 99 27.03 10.86 -0.25
N GLU D 100 26.14 10.00 0.24
CA GLU D 100 25.18 10.34 1.28
C GLU D 100 25.44 9.73 2.67
N VAL D 101 26.49 8.91 2.79
CA VAL D 101 26.82 8.26 4.06
C VAL D 101 27.33 9.28 5.08
N VAL D 102 28.25 10.13 4.68
CA VAL D 102 28.76 11.17 5.59
C VAL D 102 27.68 12.21 5.98
N PRO D 103 26.93 12.70 4.99
CA PRO D 103 25.81 13.60 5.31
C PRO D 103 24.77 12.99 6.25
N TYR D 104 24.46 11.71 6.06
CA TYR D 104 23.52 11.01 6.93
C TYR D 104 24.04 10.93 8.36
N ILE D 105 25.28 10.48 8.51
CA ILE D 105 25.89 10.30 9.82
C ILE D 105 25.95 11.62 10.59
N VAL D 106 26.27 12.70 9.90
CA VAL D 106 26.27 14.03 10.51
C VAL D 106 24.88 14.41 11.01
N ALA D 107 23.86 14.17 10.18
CA ALA D 107 22.48 14.42 10.56
C ALA D 107 22.11 13.65 11.84
N GLN D 108 22.57 12.40 11.90
CA GLN D 108 22.36 11.52 13.06
C GLN D 108 23.01 12.05 14.32
N PHE D 109 24.27 12.43 14.19
CA PHE D 109 25.03 13.00 15.31
C PHE D 109 24.40 14.30 15.82
N ILE D 110 24.06 15.21 14.90
CA ILE D 110 23.42 16.48 15.26
C ILE D 110 22.11 16.23 15.98
N GLY D 111 21.33 15.29 15.45
CA GLY D 111 20.05 14.93 16.05
C GLY D 111 20.18 14.31 17.40
N ALA D 112 21.22 13.48 17.57
CA ALA D 112 21.52 12.84 18.87
C ALA D 112 21.94 13.84 19.94
N ALA D 113 22.79 14.79 19.58
CA ALA D 113 23.24 15.83 20.50
C ALA D 113 22.08 16.69 20.97
N LEU D 114 21.21 17.03 20.02
CA LEU D 114 19.99 17.80 20.31
C LEU D 114 19.07 17.06 21.30
N GLY D 115 18.83 15.77 21.07
CA GLY D 115 17.94 14.98 21.92
C GLY D 115 18.47 14.83 23.32
N SER D 116 19.78 14.62 23.42
CA SER D 116 20.47 14.49 24.70
C SER D 116 20.44 15.81 25.47
N LEU D 117 20.82 16.91 24.81
CA LEU D 117 20.75 18.26 25.39
C LEU D 117 19.36 18.69 25.83
N LEU D 118 18.37 18.46 24.97
CA LEU D 118 16.97 18.82 25.28
C LEU D 118 16.44 18.05 26.50
N PHE D 119 16.69 16.73 26.55
CA PHE D 119 16.30 15.95 27.73
C PHE D 119 16.91 16.54 28.98
N LEU D 120 18.22 16.82 28.92
CA LEU D 120 18.95 17.43 30.04
C LEU D 120 18.21 18.69 30.51
N ALA D 121 17.90 19.60 29.57
CA ALA D 121 17.17 20.84 29.85
C ALA D 121 15.82 20.56 30.50
N CYS D 122 15.10 19.59 29.95
CA CYS D 122 13.78 19.22 30.46
C CYS D 122 13.77 18.80 31.94
N VAL D 123 14.80 18.05 32.36
CA VAL D 123 14.80 17.44 33.68
C VAL D 123 15.59 18.23 34.73
N GLY D 124 16.80 18.67 34.36
CA GLY D 124 17.72 19.33 35.28
C GLY D 124 19.04 18.62 35.28
N PRO D 125 20.04 19.17 35.98
CA PRO D 125 21.37 18.55 36.04
C PRO D 125 21.33 17.10 36.54
N ALA D 126 20.41 16.81 37.45
CA ALA D 126 20.19 15.45 37.96
C ALA D 126 20.26 14.43 36.84
N ALA D 127 19.68 14.80 35.70
CA ALA D 127 19.69 13.94 34.50
C ALA D 127 21.08 13.44 34.10
N ALA D 128 22.11 14.22 34.37
CA ALA D 128 23.47 13.85 34.04
C ALA D 128 24.21 13.33 35.28
N THR D 129 24.20 14.11 36.35
CA THR D 129 24.90 13.73 37.58
C THR D 129 24.35 12.46 38.23
N VAL D 130 23.05 12.24 38.10
CA VAL D 130 22.43 11.01 38.63
C VAL D 130 22.08 10.01 37.53
N GLY D 131 21.67 10.51 36.37
CA GLY D 131 21.22 9.65 35.27
C GLY D 131 22.29 9.31 34.24
N GLY D 132 23.38 10.08 34.23
CA GLY D 132 24.46 9.90 33.25
C GLY D 132 24.05 10.19 31.82
N LEU D 133 22.92 10.89 31.67
CA LEU D 133 22.28 11.07 30.37
C LEU D 133 22.10 9.74 29.61
N GLY D 134 22.01 8.64 30.36
CA GLY D 134 21.87 7.29 29.80
C GLY D 134 23.00 6.84 28.89
N ALA D 135 24.20 7.39 29.09
CA ALA D 135 25.37 7.10 28.24
C ALA D 135 25.78 5.65 28.40
N THR D 136 26.26 5.03 27.33
CA THR D 136 26.63 3.62 27.39
C THR D 136 28.08 3.52 27.79
N ALA D 137 28.39 2.49 28.56
CA ALA D 137 29.77 2.18 28.96
C ALA D 137 29.77 0.80 29.59
N PRO D 138 30.93 0.10 29.54
CA PRO D 138 30.99 -1.27 30.02
C PRO D 138 30.49 -1.39 31.44
N PHE D 139 30.08 -2.59 31.84
CA PHE D 139 29.62 -2.80 33.21
C PHE D 139 30.67 -3.48 34.08
N PRO D 140 30.49 -3.41 35.40
CA PRO D 140 31.41 -4.02 36.34
C PRO D 140 31.82 -5.45 35.97
N GLY D 141 33.12 -5.63 35.75
CA GLY D 141 33.70 -6.92 35.34
C GLY D 141 33.63 -7.19 33.84
N ILE D 142 33.50 -6.14 33.04
CA ILE D 142 33.45 -6.27 31.59
C ILE D 142 34.53 -5.46 30.88
N GLY D 143 35.49 -6.16 30.28
CA GLY D 143 36.64 -5.54 29.59
C GLY D 143 36.26 -4.98 28.26
N TYR D 144 37.18 -4.25 27.62
CA TYR D 144 36.94 -3.67 26.29
C TYR D 144 36.79 -4.75 25.22
N GLY D 145 37.58 -5.83 25.37
CA GLY D 145 37.50 -6.97 24.47
C GLY D 145 36.10 -7.50 24.35
N GLN D 146 35.50 -7.80 25.50
CA GLN D 146 34.16 -8.36 25.56
C GLN D 146 33.12 -7.31 25.18
N ALA D 147 33.38 -6.06 25.55
CA ALA D 147 32.43 -4.96 25.33
C ALA D 147 32.14 -4.72 23.84
N ILE D 148 33.17 -4.79 23.00
CA ILE D 148 32.95 -4.68 21.56
C ILE D 148 32.30 -5.94 21.00
N LEU D 149 32.65 -7.11 21.53
CA LEU D 149 32.07 -8.36 21.03
C LEU D 149 30.58 -8.45 21.33
N THR D 150 30.15 -8.05 22.54
CA THR D 150 28.73 -8.06 22.87
C THR D 150 27.96 -7.00 22.06
N GLU D 151 28.61 -5.86 21.81
CA GLU D 151 28.03 -4.83 20.97
C GLU D 151 27.99 -5.23 19.49
N ALA D 152 28.91 -6.09 19.05
CA ALA D 152 28.87 -6.61 17.68
C ALA D 152 27.78 -7.67 17.55
N ILE D 153 27.75 -8.62 18.49
CA ILE D 153 26.71 -9.66 18.51
C ILE D 153 25.35 -9.01 18.63
N GLY D 154 25.28 -7.88 19.33
CA GLY D 154 24.05 -7.13 19.47
C GLY D 154 23.57 -6.55 18.17
N THR D 155 24.42 -5.73 17.55
CA THR D 155 24.03 -5.00 16.35
C THR D 155 23.96 -5.92 15.13
N PHE D 156 24.54 -7.11 15.25
CA PHE D 156 24.45 -8.15 14.24
C PHE D 156 23.03 -8.63 14.13
N LEU D 157 22.40 -8.92 15.26
CA LEU D 157 20.99 -9.33 15.25
C LEU D 157 20.09 -8.20 14.73
N LEU D 158 20.31 -6.97 15.19
CA LEU D 158 19.55 -5.83 14.66
C LEU D 158 19.60 -5.80 13.14
N MET D 159 20.79 -5.65 12.56
CA MET D 159 20.91 -5.47 11.10
C MET D 159 20.29 -6.65 10.34
N LEU D 160 20.49 -7.85 10.89
CA LEU D 160 19.91 -9.05 10.30
C LEU D 160 18.39 -8.95 10.15
N VAL D 161 17.72 -8.34 11.11
CA VAL D 161 16.28 -8.10 11.02
C VAL D 161 15.99 -7.00 10.01
N ILE D 162 16.81 -5.95 10.04
CA ILE D 162 16.68 -4.84 9.06
C ILE D 162 16.76 -5.36 7.62
N MET D 163 17.62 -6.36 7.37
CA MET D 163 17.69 -7.00 6.05
C MET D 163 16.42 -7.79 5.74
N GLY D 164 16.02 -8.57 6.72
CA GLY D 164 14.93 -9.52 6.55
C GLY D 164 13.52 -8.96 6.50
N VAL D 165 13.29 -7.83 7.16
CA VAL D 165 11.95 -7.27 7.23
C VAL D 165 11.81 -5.86 6.67
N ALA D 166 12.89 -5.33 6.07
CA ALA D 166 12.90 -3.97 5.52
C ALA D 166 13.57 -3.91 4.15
N VAL D 167 14.79 -4.42 4.03
CA VAL D 167 15.50 -4.34 2.75
C VAL D 167 15.01 -5.37 1.73
N ASP D 168 14.74 -6.59 2.18
CA ASP D 168 14.33 -7.68 1.29
C ASP D 168 12.96 -7.45 0.63
N GLU D 169 12.98 -7.45 -0.69
CA GLU D 169 11.77 -7.30 -1.50
C GLU D 169 10.63 -8.19 -1.07
N ARG D 170 10.91 -9.36 -0.51
CA ARG D 170 9.86 -10.31 -0.15
C ARG D 170 9.30 -10.07 1.23
N ALA D 171 9.72 -9.00 1.89
CA ALA D 171 9.32 -8.77 3.31
C ALA D 171 7.87 -8.29 3.39
N PRO D 172 7.12 -8.79 4.39
CA PRO D 172 5.70 -8.45 4.54
C PRO D 172 5.56 -6.97 4.89
N PRO D 173 4.81 -6.21 4.09
CA PRO D 173 4.81 -4.76 4.21
C PRO D 173 4.04 -4.26 5.43
N GLY D 174 4.60 -3.24 6.07
CA GLY D 174 4.02 -2.65 7.28
C GLY D 174 4.58 -3.16 8.60
N PHE D 175 5.15 -4.37 8.62
CA PHE D 175 5.63 -4.93 9.86
C PHE D 175 6.97 -4.32 10.27
N ALA D 176 7.70 -3.82 9.28
CA ALA D 176 9.02 -3.19 9.47
C ALA D 176 9.23 -2.43 10.78
N GLY D 177 8.52 -1.31 10.96
CA GLY D 177 8.70 -0.44 12.12
C GLY D 177 8.54 -1.16 13.45
N LEU D 178 7.43 -1.86 13.58
CA LEU D 178 7.10 -2.59 14.77
C LEU D 178 8.15 -3.65 15.03
N VAL D 179 8.41 -4.52 14.05
CA VAL D 179 9.40 -5.59 14.26
C VAL D 179 10.81 -5.07 14.57
N ILE D 180 11.33 -4.14 13.77
CA ILE D 180 12.69 -3.61 14.02
C ILE D 180 12.84 -3.02 15.41
N GLY D 181 11.84 -2.27 15.86
CA GLY D 181 11.87 -1.65 17.18
C GLY D 181 11.80 -2.66 18.30
N LEU D 182 10.81 -3.54 18.24
CA LEU D 182 10.65 -4.60 19.24
C LEU D 182 11.92 -5.46 19.35
N THR D 183 12.59 -5.69 18.21
CA THR D 183 13.85 -6.43 18.21
C THR D 183 14.93 -5.73 19.05
N VAL D 184 15.11 -4.43 18.83
CA VAL D 184 16.01 -3.61 19.65
C VAL D 184 15.67 -3.75 21.12
N GLY D 185 14.39 -3.55 21.42
CA GLY D 185 13.85 -3.70 22.78
C GLY D 185 14.34 -4.98 23.40
N GLY D 186 14.22 -6.06 22.63
CA GLY D 186 14.69 -7.37 23.09
C GLY D 186 16.18 -7.43 23.42
N ILE D 187 16.99 -6.88 22.51
CA ILE D 187 18.44 -6.90 22.64
C ILE D 187 18.84 -6.15 23.90
N ILE D 188 18.27 -4.96 24.11
CA ILE D 188 18.57 -4.16 25.29
C ILE D 188 18.29 -4.93 26.58
N THR D 189 17.16 -5.64 26.63
CA THR D 189 16.82 -6.44 27.81
C THR D 189 17.96 -7.41 28.23
N THR D 190 18.56 -8.11 27.26
CA THR D 190 19.67 -9.02 27.55
C THR D 190 21.04 -8.30 27.71
N ILE D 191 21.41 -7.51 26.70
CA ILE D 191 22.74 -6.89 26.60
C ILE D 191 22.90 -5.63 27.47
N GLY D 192 21.78 -5.08 27.92
CA GLY D 192 21.77 -3.80 28.65
C GLY D 192 22.78 -3.71 29.75
N ASN D 193 22.74 -4.67 30.68
CA ASN D 193 23.63 -4.67 31.86
C ASN D 193 25.03 -5.21 31.57
N ILE D 194 25.38 -5.34 30.30
CA ILE D 194 26.74 -5.74 29.94
C ILE D 194 27.50 -4.55 29.34
N THR D 195 26.87 -3.81 28.42
CA THR D 195 27.47 -2.61 27.80
C THR D 195 26.57 -1.38 27.67
N GLY D 196 25.32 -1.49 28.16
CA GLY D 196 24.31 -0.45 27.98
C GLY D 196 23.59 -0.58 26.64
N SER D 197 23.91 -1.66 25.90
CA SER D 197 23.25 -1.98 24.62
C SER D 197 23.02 -0.74 23.73
N SER D 198 24.10 -0.22 23.18
CA SER D 198 24.05 0.98 22.35
C SER D 198 23.63 0.61 20.93
N LEU D 199 24.40 -0.28 20.32
CA LEU D 199 24.18 -0.75 18.94
C LEU D 199 24.33 0.40 17.94
N ASN D 200 24.84 1.54 18.39
CA ASN D 200 24.64 2.79 17.66
C ASN D 200 25.57 3.93 18.10
N PRO D 201 26.55 4.30 17.26
CA PRO D 201 27.49 5.40 17.53
C PRO D 201 26.86 6.75 17.85
N ALA D 202 25.81 7.13 17.11
CA ALA D 202 25.12 8.40 17.36
C ALA D 202 24.41 8.37 18.73
N ARG D 203 23.86 7.21 19.08
CA ARG D 203 23.11 7.05 20.33
C ARG D 203 24.04 7.07 21.55
N THR D 204 25.28 6.63 21.35
CA THR D 204 26.30 6.77 22.38
C THR D 204 26.81 8.20 22.41
N PHE D 205 27.14 8.75 21.24
CA PHE D 205 27.65 10.12 21.12
C PHE D 205 26.83 11.14 21.92
N GLY D 206 25.54 11.20 21.63
CA GLY D 206 24.63 12.18 22.27
C GLY D 206 24.89 12.39 23.76
N PRO D 207 24.61 11.37 24.59
CA PRO D 207 24.96 11.43 25.99
C PRO D 207 26.42 11.82 26.28
N TYR D 208 27.36 11.20 25.57
CA TYR D 208 28.78 11.47 25.82
C TYR D 208 29.09 12.95 25.72
N LEU D 209 28.47 13.63 24.76
CA LEU D 209 28.61 15.07 24.60
C LEU D 209 28.01 15.79 25.81
N GLY D 210 26.73 15.58 26.06
CA GLY D 210 26.06 16.20 27.20
C GLY D 210 26.81 16.00 28.50
N ASP D 211 27.22 14.76 28.74
CA ASP D 211 28.00 14.40 29.92
C ASP D 211 29.33 15.15 30.01
N SER D 212 30.11 15.14 28.93
CA SER D 212 31.39 15.86 28.92
C SER D 212 31.19 17.38 28.89
N LEU D 213 29.98 17.83 28.55
CA LEU D 213 29.59 19.23 28.70
C LEU D 213 29.24 19.53 30.16
N MET D 214 28.67 18.53 30.82
CA MET D 214 28.29 18.63 32.23
C MET D 214 29.43 18.15 33.16
N GLY D 215 30.65 18.09 32.64
CA GLY D 215 31.83 17.76 33.44
C GLY D 215 32.24 16.29 33.44
N ILE D 216 31.43 15.42 32.83
CA ILE D 216 31.67 13.97 32.89
C ILE D 216 32.19 13.43 31.54
N ASN D 217 33.51 13.40 31.42
CA ASN D 217 34.24 12.96 30.22
C ASN D 217 34.32 11.43 30.12
N LEU D 218 33.78 10.84 29.05
CA LEU D 218 33.74 9.37 28.88
C LEU D 218 34.23 8.85 27.51
N TRP D 219 34.88 9.71 26.73
CA TRP D 219 35.24 9.37 25.34
C TRP D 219 36.25 8.22 25.23
N GLN D 220 36.86 7.84 26.34
CA GLN D 220 37.69 6.64 26.43
C GLN D 220 36.99 5.40 25.90
N TYR D 221 35.67 5.35 26.10
CA TYR D 221 34.85 4.19 25.74
C TYR D 221 34.19 4.28 24.35
N PHE D 222 34.30 5.42 23.69
CA PHE D 222 33.64 5.66 22.40
C PHE D 222 33.97 4.63 21.30
N PRO D 223 35.25 4.25 21.15
CA PRO D 223 35.55 3.22 20.14
C PRO D 223 34.75 1.92 20.26
N ILE D 224 34.42 1.52 21.48
CA ILE D 224 33.61 0.32 21.70
C ILE D 224 32.25 0.41 21.00
N TYR D 225 31.74 1.63 20.88
CA TYR D 225 30.43 1.89 20.32
C TYR D 225 30.48 2.38 18.86
N VAL D 226 31.68 2.41 18.28
CA VAL D 226 31.86 2.63 16.86
C VAL D 226 32.25 1.30 16.23
N ILE D 227 33.34 0.72 16.69
CA ILE D 227 33.84 -0.54 16.15
C ILE D 227 32.81 -1.66 16.26
N GLY D 228 32.34 -1.87 17.49
CA GLY D 228 31.41 -2.97 17.83
C GLY D 228 30.19 -3.04 16.95
N PRO D 229 29.38 -1.96 16.92
CA PRO D 229 28.20 -1.81 16.06
C PRO D 229 28.42 -1.96 14.55
N ILE D 230 29.46 -1.35 14.01
CA ILE D 230 29.76 -1.43 12.58
C ILE D 230 30.14 -2.84 12.17
N VAL D 231 31.12 -3.42 12.87
CA VAL D 231 31.55 -4.79 12.56
C VAL D 231 30.34 -5.74 12.65
N GLY D 232 29.46 -5.52 13.62
CA GLY D 232 28.23 -6.29 13.74
C GLY D 232 27.24 -6.11 12.59
N ALA D 233 27.02 -4.85 12.19
CA ALA D 233 26.09 -4.51 11.09
C ALA D 233 26.57 -4.96 9.72
N VAL D 234 27.84 -4.67 9.40
CA VAL D 234 28.42 -5.06 8.13
C VAL D 234 28.47 -6.58 8.03
N ALA D 235 28.88 -7.24 9.11
CA ALA D 235 28.83 -8.70 9.14
C ALA D 235 27.42 -9.22 8.82
N ALA D 236 26.41 -8.68 9.49
CA ALA D 236 25.04 -9.13 9.31
C ALA D 236 24.58 -8.96 7.87
N ALA D 237 24.80 -7.77 7.34
CA ALA D 237 24.37 -7.41 5.98
C ALA D 237 24.91 -8.39 4.98
N TRP D 238 26.22 -8.60 5.05
CA TRP D 238 26.90 -9.46 4.12
C TRP D 238 26.51 -10.92 4.31
N LEU D 239 26.33 -11.36 5.55
CA LEU D 239 25.91 -12.73 5.78
C LEU D 239 24.54 -12.96 5.14
N TYR D 240 23.64 -12.01 5.36
CA TYR D 240 22.27 -12.14 4.85
C TYR D 240 22.24 -12.46 3.37
N ASN D 241 22.90 -11.60 2.61
CA ASN D 241 22.94 -11.74 1.15
C ASN D 241 23.51 -13.08 0.72
N TYR D 242 24.51 -13.57 1.45
CA TYR D 242 25.11 -14.87 1.14
C TYR D 242 24.08 -15.99 1.34
N LEU D 243 23.27 -15.87 2.38
CA LEU D 243 22.28 -16.89 2.69
C LEU D 243 21.04 -16.82 1.80
N ALA D 244 20.72 -15.64 1.30
CA ALA D 244 19.46 -15.43 0.56
C ALA D 244 19.58 -15.40 -0.99
N LYS D 245 20.64 -16.02 -1.55
CA LYS D 245 20.85 -16.05 -3.02
C LYS D 245 21.79 -17.19 -3.42
N MET E 1 -6.27 -13.05 4.30
CA MET E 1 -5.44 -12.32 3.29
C MET E 1 -4.69 -13.32 2.39
N THR E 2 -5.13 -14.58 2.48
CA THR E 2 -5.24 -15.47 1.30
C THR E 2 -6.63 -16.14 1.26
N MET E 3 -7.35 -15.82 0.19
CA MET E 3 -8.71 -16.28 0.04
C MET E 3 -8.72 -17.74 -0.36
N THR E 4 -9.72 -18.47 0.10
CA THR E 4 -9.88 -19.90 -0.23
C THR E 4 -9.82 -20.17 -1.75
N LEU E 5 -9.29 -21.33 -2.15
CA LEU E 5 -9.20 -21.74 -3.57
C LEU E 5 -10.55 -21.67 -4.28
N ALA E 6 -11.60 -22.07 -3.56
CA ALA E 6 -12.97 -22.00 -4.06
C ALA E 6 -13.29 -20.60 -4.55
N LYS E 7 -12.82 -19.60 -3.81
CA LYS E 7 -13.06 -18.20 -4.14
C LYS E 7 -12.09 -17.68 -5.19
N ARG E 8 -10.89 -18.24 -5.28
CA ARG E 8 -9.95 -17.85 -6.33
C ARG E 8 -10.38 -18.45 -7.65
N PHE E 9 -11.02 -19.62 -7.59
CA PHE E 9 -11.61 -20.25 -8.78
C PHE E 9 -12.68 -19.37 -9.39
N THR E 10 -13.64 -18.99 -8.56
CA THR E 10 -14.77 -18.18 -8.98
C THR E 10 -14.29 -16.76 -9.36
N ALA E 11 -13.20 -16.29 -8.75
CA ALA E 11 -12.55 -15.04 -9.18
C ALA E 11 -11.93 -15.16 -10.58
N GLU E 12 -11.31 -16.31 -10.87
CA GLU E 12 -10.75 -16.63 -12.21
C GLU E 12 -11.80 -16.82 -13.31
N VAL E 13 -13.00 -17.29 -12.93
CA VAL E 13 -14.13 -17.38 -13.86
C VAL E 13 -14.59 -15.99 -14.24
N VAL E 14 -14.99 -15.21 -13.24
CA VAL E 14 -15.48 -13.84 -13.45
C VAL E 14 -14.46 -12.92 -14.16
N GLY E 15 -13.17 -13.23 -14.01
CA GLY E 15 -12.11 -12.50 -14.70
C GLY E 15 -11.96 -12.84 -16.17
N THR E 16 -11.95 -14.14 -16.48
CA THR E 16 -11.80 -14.60 -17.88
C THR E 16 -13.09 -14.36 -18.70
N PHE E 17 -14.21 -14.33 -17.97
CA PHE E 17 -15.49 -13.99 -18.56
C PHE E 17 -15.45 -12.59 -19.14
N ILE E 18 -14.97 -11.64 -18.34
CA ILE E 18 -14.85 -10.24 -18.76
C ILE E 18 -13.78 -10.09 -19.84
N LEU E 19 -12.70 -10.86 -19.75
CA LEU E 19 -11.72 -10.87 -20.81
C LEU E 19 -12.39 -11.24 -22.14
N VAL E 20 -13.12 -12.35 -22.17
CA VAL E 20 -13.70 -12.81 -23.47
C VAL E 20 -15.02 -12.13 -23.88
N PHE E 21 -15.67 -11.40 -22.96
CA PHE E 21 -16.91 -10.74 -23.31
C PHE E 21 -16.54 -9.51 -24.07
N PHE E 22 -15.66 -8.72 -23.48
CA PHE E 22 -15.34 -7.40 -24.00
C PHE E 22 -14.22 -7.44 -25.05
N GLY E 23 -13.20 -8.24 -24.81
CA GLY E 23 -12.06 -8.28 -25.69
C GLY E 23 -12.47 -8.68 -27.09
N PRO E 24 -12.80 -9.96 -27.30
CA PRO E 24 -13.27 -10.42 -28.61
C PRO E 24 -14.64 -9.82 -29.01
N GLY E 25 -15.36 -9.23 -28.04
CA GLY E 25 -16.64 -8.56 -28.31
C GLY E 25 -16.47 -7.33 -29.19
N ALA E 26 -15.36 -6.61 -29.01
CA ALA E 26 -15.01 -5.49 -29.89
C ALA E 26 -14.75 -5.95 -31.34
N ALA E 27 -14.00 -7.04 -31.49
CA ALA E 27 -13.72 -7.65 -32.79
C ALA E 27 -15.01 -7.95 -33.58
N VAL E 28 -16.01 -8.53 -32.89
CA VAL E 28 -17.32 -8.79 -33.47
C VAL E 28 -18.00 -7.52 -33.94
N ILE E 29 -18.05 -6.52 -33.05
CA ILE E 29 -18.74 -5.27 -33.36
C ILE E 29 -18.05 -4.48 -34.46
N THR E 30 -16.71 -4.53 -34.51
CA THR E 30 -15.98 -3.98 -35.66
C THR E 30 -16.50 -4.61 -36.96
N LEU E 31 -16.44 -5.94 -37.01
CA LEU E 31 -16.88 -6.68 -38.20
C LEU E 31 -18.33 -6.36 -38.56
N MET E 32 -19.20 -6.35 -37.55
CA MET E 32 -20.61 -6.12 -37.76
C MET E 32 -20.89 -4.75 -38.34
N ILE E 33 -20.29 -3.70 -37.76
CA ILE E 33 -20.56 -2.34 -38.24
C ILE E 33 -19.87 -2.04 -39.58
N ALA E 34 -18.75 -2.73 -39.81
CA ALA E 34 -17.99 -2.61 -41.06
C ALA E 34 -18.49 -3.56 -42.13
N ASN E 35 -19.46 -4.42 -41.79
CA ASN E 35 -20.02 -5.39 -42.74
C ASN E 35 -20.72 -4.74 -43.95
N GLY E 36 -20.11 -4.92 -45.12
CA GLY E 36 -20.63 -4.36 -46.36
C GLY E 36 -19.63 -3.42 -47.02
N ALA E 37 -18.72 -2.85 -46.24
CA ALA E 37 -17.78 -1.87 -46.77
C ALA E 37 -16.75 -2.51 -47.70
N ASP E 38 -16.19 -1.70 -48.61
CA ASP E 38 -15.15 -2.15 -49.53
C ASP E 38 -13.91 -2.67 -48.81
N LYS E 39 -13.66 -3.97 -48.89
CA LYS E 39 -12.39 -4.58 -48.45
C LYS E 39 -11.41 -4.60 -49.65
N PRO E 40 -10.41 -3.70 -49.66
CA PRO E 40 -9.61 -3.40 -50.84
C PRO E 40 -8.55 -4.44 -51.17
N ASN E 41 -8.40 -5.47 -50.34
CA ASN E 41 -7.68 -6.68 -50.75
C ASN E 41 -8.05 -7.86 -49.87
N GLU E 42 -7.46 -9.01 -50.14
CA GLU E 42 -7.79 -10.25 -49.44
C GLU E 42 -7.37 -10.20 -47.99
N PHE E 43 -6.23 -9.57 -47.74
CA PHE E 43 -5.63 -9.53 -46.40
C PHE E 43 -6.53 -8.78 -45.43
N ASN E 44 -7.29 -7.81 -45.94
CA ASN E 44 -8.26 -7.07 -45.14
C ASN E 44 -9.59 -7.83 -45.10
N ILE E 45 -9.96 -8.34 -43.93
CA ILE E 45 -11.20 -9.12 -43.81
C ILE E 45 -12.33 -8.33 -43.16
N GLY E 46 -12.23 -7.00 -43.15
CA GLY E 46 -13.30 -6.14 -42.62
C GLY E 46 -12.85 -5.30 -41.45
N ILE E 47 -11.98 -5.86 -40.63
CA ILE E 47 -11.28 -5.10 -39.62
C ILE E 47 -10.22 -4.28 -40.36
N GLY E 48 -10.32 -2.96 -40.23
CA GLY E 48 -9.45 -2.04 -40.96
C GLY E 48 -10.17 -1.40 -42.14
N ALA E 49 -11.28 -2.01 -42.55
CA ALA E 49 -12.04 -1.55 -43.70
C ALA E 49 -12.41 -0.08 -43.55
N LEU E 50 -13.00 0.28 -42.42
CA LEU E 50 -13.49 1.64 -42.19
C LEU E 50 -12.48 2.51 -41.45
N GLY E 51 -11.87 1.95 -40.40
CA GLY E 51 -10.94 2.70 -39.55
C GLY E 51 -9.47 2.31 -39.62
N GLY E 52 -9.07 1.60 -40.69
CA GLY E 52 -7.68 1.18 -40.90
C GLY E 52 -7.12 0.43 -39.72
N LEU E 53 -5.82 0.62 -39.44
CA LEU E 53 -5.19 0.00 -38.26
C LEU E 53 -5.80 0.54 -36.94
N GLY E 54 -6.36 1.74 -37.01
CA GLY E 54 -7.10 2.31 -35.88
C GLY E 54 -8.20 1.40 -35.37
N ASP E 55 -8.77 0.57 -36.26
CA ASP E 55 -9.72 -0.47 -35.87
C ASP E 55 -9.01 -1.51 -35.00
N TRP E 56 -7.81 -1.94 -35.39
CA TRP E 56 -7.05 -2.90 -34.57
C TRP E 56 -6.62 -2.34 -33.20
N PHE E 57 -6.24 -1.06 -33.13
CA PHE E 57 -5.90 -0.43 -31.85
C PHE E 57 -7.16 -0.27 -30.97
N ALA E 58 -8.27 0.14 -31.59
CA ALA E 58 -9.56 0.16 -30.91
C ALA E 58 -9.79 -1.17 -30.24
N ILE E 59 -9.68 -2.25 -31.01
CA ILE E 59 -9.87 -3.62 -30.49
C ILE E 59 -8.85 -3.97 -29.39
N GLY E 60 -7.58 -3.67 -29.64
CA GLY E 60 -6.54 -3.92 -28.65
C GLY E 60 -6.80 -3.20 -27.35
N MET E 61 -7.40 -2.02 -27.43
CA MET E 61 -7.67 -1.22 -26.25
C MET E 61 -8.89 -1.73 -25.51
N ALA E 62 -9.87 -2.21 -26.25
CA ALA E 62 -11.02 -2.91 -25.67
C ALA E 62 -10.48 -3.99 -24.79
N PHE E 63 -9.58 -4.80 -25.35
CA PHE E 63 -8.87 -5.83 -24.57
C PHE E 63 -8.09 -5.26 -23.35
N ALA E 64 -7.21 -4.32 -23.64
CA ALA E 64 -6.23 -3.83 -22.69
C ALA E 64 -6.93 -3.29 -21.48
N LEU E 65 -7.89 -2.40 -21.70
CA LEU E 65 -8.56 -1.68 -20.60
C LEU E 65 -9.47 -2.61 -19.77
N ALA E 66 -10.00 -3.65 -20.42
CA ALA E 66 -10.73 -4.73 -19.74
C ALA E 66 -9.78 -5.58 -18.87
N ILE E 67 -8.68 -6.03 -19.49
CA ILE E 67 -7.63 -6.74 -18.75
C ILE E 67 -7.17 -5.95 -17.53
N ALA E 68 -6.86 -4.66 -17.72
CA ALA E 68 -6.40 -3.79 -16.63
C ALA E 68 -7.42 -3.70 -15.50
N ALA E 69 -8.67 -3.44 -15.87
CA ALA E 69 -9.78 -3.38 -14.93
C ALA E 69 -9.86 -4.63 -14.05
N VAL E 70 -9.68 -5.80 -14.69
CA VAL E 70 -9.73 -7.13 -14.01
C VAL E 70 -8.60 -7.32 -12.98
N ILE E 71 -7.37 -7.05 -13.40
CA ILE E 71 -6.22 -7.10 -12.50
C ILE E 71 -6.50 -6.19 -11.31
N TYR E 72 -6.78 -4.90 -11.57
CA TYR E 72 -6.99 -3.90 -10.47
C TYR E 72 -8.13 -4.20 -9.51
N SER E 73 -9.11 -5.00 -9.95
CA SER E 73 -10.23 -5.39 -9.11
C SER E 73 -10.04 -6.76 -8.48
N LEU E 74 -9.55 -7.72 -9.28
CA LEU E 74 -9.49 -9.15 -8.88
C LEU E 74 -8.10 -9.77 -8.68
N GLY E 75 -7.05 -9.09 -9.14
CA GLY E 75 -5.66 -9.55 -8.93
C GLY E 75 -5.33 -9.87 -7.47
N ARG E 76 -5.74 -8.98 -6.58
CA ARG E 76 -5.57 -9.23 -5.18
C ARG E 76 -6.22 -10.51 -4.71
N ILE E 77 -7.16 -11.07 -5.48
CA ILE E 77 -7.90 -12.27 -5.02
C ILE E 77 -7.37 -13.55 -5.58
N SER E 78 -7.40 -13.69 -6.89
CA SER E 78 -6.95 -14.92 -7.53
C SER E 78 -5.54 -14.82 -8.05
N GLY E 79 -5.04 -13.59 -8.17
CA GLY E 79 -3.85 -13.31 -8.94
C GLY E 79 -4.21 -12.74 -10.28
N ALA E 80 -5.47 -12.86 -10.67
CA ALA E 80 -5.95 -12.40 -11.96
C ALA E 80 -5.13 -12.97 -13.14
N HIS E 81 -5.04 -14.30 -13.21
CA HIS E 81 -4.32 -14.98 -14.31
C HIS E 81 -5.12 -14.88 -15.60
N ILE E 82 -6.42 -15.16 -15.49
CA ILE E 82 -7.38 -15.16 -16.62
C ILE E 82 -6.82 -15.72 -17.93
N ASN E 83 -5.82 -16.60 -17.80
CA ASN E 83 -5.07 -17.07 -18.95
C ASN E 83 -4.26 -18.28 -18.54
N PRO E 84 -4.49 -19.43 -19.19
CA PRO E 84 -3.79 -20.66 -18.84
C PRO E 84 -2.29 -20.63 -19.13
N ALA E 85 -1.88 -20.00 -20.21
CA ALA E 85 -0.44 -19.90 -20.52
C ALA E 85 0.33 -19.19 -19.38
N VAL E 86 -0.30 -18.19 -18.75
CA VAL E 86 0.31 -17.51 -17.62
C VAL E 86 0.46 -18.46 -16.43
N THR E 87 -0.65 -19.13 -16.08
CA THR E 87 -0.65 -20.10 -14.99
C THR E 87 0.43 -21.16 -15.21
N ILE E 88 0.48 -21.73 -16.41
CA ILE E 88 1.47 -22.74 -16.75
C ILE E 88 2.90 -22.19 -16.72
N ALA E 89 3.10 -20.96 -17.21
CA ALA E 89 4.40 -20.30 -17.15
C ALA E 89 4.85 -20.04 -15.70
N LEU E 90 3.94 -19.58 -14.86
CA LEU E 90 4.26 -19.28 -13.47
C LEU E 90 4.55 -20.55 -12.68
N TRP E 91 3.83 -21.62 -13.03
CA TRP E 91 4.07 -22.92 -12.42
C TRP E 91 5.46 -23.43 -12.77
N SER E 92 5.87 -23.25 -14.02
CA SER E 92 7.18 -23.70 -14.50
C SER E 92 8.37 -23.00 -13.84
N ILE E 93 8.09 -21.92 -13.11
CA ILE E 93 9.12 -21.23 -12.29
C ILE E 93 8.95 -21.52 -10.80
N GLY E 94 7.93 -22.29 -10.42
CA GLY E 94 7.67 -22.61 -9.01
C GLY E 94 7.08 -21.43 -8.27
N ARG E 95 6.42 -20.54 -9.02
CA ARG E 95 5.72 -19.43 -8.42
C ARG E 95 4.23 -19.74 -8.26
N PHE E 96 3.80 -20.88 -8.79
CA PHE E 96 2.42 -21.32 -8.64
C PHE E 96 2.35 -22.82 -8.35
N PRO E 97 1.51 -23.19 -7.37
CA PRO E 97 1.37 -24.59 -6.98
C PRO E 97 0.80 -25.45 -8.10
N GLY E 98 1.44 -26.59 -8.34
CA GLY E 98 1.02 -27.55 -9.36
C GLY E 98 -0.39 -28.06 -9.14
N ARG E 99 -0.75 -28.19 -7.87
CA ARG E 99 -2.07 -28.67 -7.45
C ARG E 99 -3.19 -27.78 -7.99
N GLU E 100 -2.86 -26.52 -8.29
CA GLU E 100 -3.83 -25.48 -8.66
C GLU E 100 -3.83 -25.05 -10.13
N VAL E 101 -2.92 -25.61 -10.93
CA VAL E 101 -2.82 -25.27 -12.35
C VAL E 101 -4.03 -25.77 -13.13
N VAL E 102 -4.39 -27.04 -12.93
CA VAL E 102 -5.56 -27.64 -13.58
C VAL E 102 -6.89 -26.99 -13.14
N PRO E 103 -7.07 -26.76 -11.83
CA PRO E 103 -8.24 -26.01 -11.34
C PRO E 103 -8.33 -24.57 -11.86
N TYR E 104 -7.19 -23.90 -11.97
CA TYR E 104 -7.18 -22.55 -12.53
C TYR E 104 -7.62 -22.54 -14.01
N ILE E 105 -7.02 -23.43 -14.81
CA ILE E 105 -7.26 -23.50 -16.25
C ILE E 105 -8.73 -23.82 -16.54
N VAL E 106 -9.31 -24.72 -15.75
CA VAL E 106 -10.74 -25.04 -15.85
C VAL E 106 -11.61 -23.79 -15.57
N ALA E 107 -11.26 -23.06 -14.51
CA ALA E 107 -11.96 -21.81 -14.14
C ALA E 107 -11.93 -20.80 -15.29
N GLN E 108 -10.76 -20.70 -15.92
CA GLN E 108 -10.53 -19.86 -17.09
C GLN E 108 -11.38 -20.27 -18.30
N PHE E 109 -11.37 -21.56 -18.63
CA PHE E 109 -12.16 -22.10 -19.72
C PHE E 109 -13.65 -21.93 -19.50
N ILE E 110 -14.14 -22.26 -18.30
CA ILE E 110 -15.56 -22.02 -17.95
C ILE E 110 -15.96 -20.53 -18.06
N GLY E 111 -15.10 -19.64 -17.56
CA GLY E 111 -15.32 -18.20 -17.66
C GLY E 111 -15.37 -17.71 -19.09
N ALA E 112 -14.43 -18.20 -19.89
CA ALA E 112 -14.35 -17.86 -21.31
C ALA E 112 -15.59 -18.30 -22.11
N ALA E 113 -16.06 -19.52 -21.89
CA ALA E 113 -17.27 -20.02 -22.54
C ALA E 113 -18.47 -19.16 -22.16
N LEU E 114 -18.56 -18.80 -20.88
CA LEU E 114 -19.62 -17.92 -20.35
C LEU E 114 -19.63 -16.54 -20.99
N GLY E 115 -18.45 -15.93 -21.11
CA GLY E 115 -18.35 -14.60 -21.74
C GLY E 115 -18.71 -14.58 -23.22
N SER E 116 -18.24 -15.61 -23.91
CA SER E 116 -18.52 -15.81 -25.33
C SER E 116 -20.03 -16.07 -25.59
N LEU E 117 -20.61 -17.00 -24.83
CA LEU E 117 -22.04 -17.26 -24.88
C LEU E 117 -22.92 -16.07 -24.53
N LEU E 118 -22.57 -15.36 -23.45
CA LEU E 118 -23.34 -14.19 -23.02
C LEU E 118 -23.30 -13.07 -24.05
N PHE E 119 -22.12 -12.77 -24.57
CA PHE E 119 -22.03 -11.78 -25.65
C PHE E 119 -22.96 -12.16 -26.80
N LEU E 120 -22.88 -13.42 -27.23
CA LEU E 120 -23.72 -13.95 -28.31
C LEU E 120 -25.20 -13.65 -28.02
N ALA E 121 -25.65 -14.01 -26.83
CA ALA E 121 -27.02 -13.75 -26.40
C ALA E 121 -27.35 -12.27 -26.46
N CYS E 122 -26.45 -11.43 -25.95
CA CYS E 122 -26.63 -9.98 -25.93
C CYS E 122 -26.88 -9.34 -27.32
N VAL E 123 -26.18 -9.82 -28.34
CA VAL E 123 -26.19 -9.19 -29.66
C VAL E 123 -27.17 -9.90 -30.64
N GLY E 124 -27.11 -11.22 -30.70
CA GLY E 124 -27.88 -11.99 -31.66
C GLY E 124 -26.95 -12.90 -32.43
N PRO E 125 -27.50 -13.75 -33.30
CA PRO E 125 -26.68 -14.67 -34.12
C PRO E 125 -25.63 -13.94 -34.96
N ALA E 126 -25.97 -12.73 -35.43
CA ALA E 126 -25.06 -11.86 -36.20
C ALA E 126 -23.66 -11.85 -35.59
N ALA E 127 -23.64 -11.86 -34.26
CA ALA E 127 -22.40 -11.89 -33.50
C ALA E 127 -21.47 -13.05 -33.92
N ALA E 128 -22.04 -14.16 -34.36
CA ALA E 128 -21.26 -15.32 -34.77
C ALA E 128 -21.16 -15.39 -36.29
N THR E 129 -22.30 -15.37 -36.96
CA THR E 129 -22.34 -15.46 -38.42
C THR E 129 -21.61 -14.31 -39.12
N VAL E 130 -21.68 -13.12 -38.52
CA VAL E 130 -20.98 -11.93 -39.06
C VAL E 130 -19.73 -11.56 -38.28
N GLY E 131 -19.75 -11.77 -36.97
CA GLY E 131 -18.62 -11.42 -36.10
C GLY E 131 -17.64 -12.54 -35.76
N GLY E 132 -18.04 -13.79 -36.01
CA GLY E 132 -17.21 -14.96 -35.70
C GLY E 132 -16.94 -15.14 -34.21
N LEU E 133 -17.75 -14.48 -33.38
CA LEU E 133 -17.51 -14.40 -31.95
C LEU E 133 -16.06 -13.98 -31.64
N GLY E 134 -15.44 -13.26 -32.58
CA GLY E 134 -14.06 -12.79 -32.43
C GLY E 134 -13.04 -13.90 -32.28
N ALA E 135 -13.34 -15.07 -32.84
CA ALA E 135 -12.46 -16.21 -32.70
C ALA E 135 -11.16 -15.94 -33.44
N THR E 136 -10.06 -16.47 -32.93
CA THR E 136 -8.76 -16.27 -33.56
C THR E 136 -8.52 -17.38 -34.56
N ALA E 137 -7.86 -17.04 -35.66
CA ALA E 137 -7.44 -18.02 -36.65
C ALA E 137 -6.49 -17.31 -37.61
N PRO E 138 -5.60 -18.07 -38.28
CA PRO E 138 -4.60 -17.46 -39.15
C PRO E 138 -5.21 -16.56 -40.20
N PHE E 139 -4.44 -15.60 -40.71
CA PHE E 139 -4.95 -14.70 -41.74
C PHE E 139 -4.47 -15.10 -43.13
N PRO E 140 -5.14 -14.58 -44.17
CA PRO E 140 -4.79 -14.88 -45.57
C PRO E 140 -3.30 -14.82 -45.90
N GLY E 141 -2.73 -15.95 -46.29
CA GLY E 141 -1.31 -16.08 -46.58
C GLY E 141 -0.44 -16.37 -45.35
N ILE E 142 -1.05 -16.90 -44.29
CA ILE E 142 -0.33 -17.24 -43.05
C ILE E 142 -0.49 -18.72 -42.68
N GLY E 143 0.60 -19.48 -42.79
CA GLY E 143 0.61 -20.91 -42.48
C GLY E 143 0.58 -21.19 -40.98
N TYR E 144 0.43 -22.46 -40.61
CA TYR E 144 0.43 -22.87 -39.19
C TYR E 144 1.80 -22.65 -38.56
N GLY E 145 2.85 -22.89 -39.34
CA GLY E 145 4.23 -22.68 -38.91
C GLY E 145 4.42 -21.27 -38.38
N GLN E 146 4.07 -20.30 -39.20
CA GLN E 146 4.24 -18.90 -38.84
C GLN E 146 3.23 -18.48 -37.76
N ALA E 147 2.05 -19.09 -37.79
CA ALA E 147 0.96 -18.72 -36.85
C ALA E 147 1.31 -19.03 -35.40
N ILE E 148 1.98 -20.16 -35.15
CA ILE E 148 2.44 -20.45 -33.79
C ILE E 148 3.64 -19.57 -33.40
N LEU E 149 4.52 -19.27 -34.36
CA LEU E 149 5.70 -18.45 -34.08
C LEU E 149 5.30 -17.03 -33.72
N THR E 150 4.35 -16.44 -34.44
CA THR E 150 3.89 -15.08 -34.13
C THR E 150 3.14 -15.07 -32.80
N GLU E 151 2.41 -16.16 -32.51
CA GLU E 151 1.72 -16.30 -31.23
C GLU E 151 2.69 -16.56 -30.06
N ALA E 152 3.84 -17.17 -30.35
CA ALA E 152 4.86 -17.36 -29.32
C ALA E 152 5.60 -16.04 -29.06
N ILE E 153 6.02 -15.37 -30.14
CA ILE E 153 6.68 -14.04 -30.04
C ILE E 153 5.76 -13.02 -29.38
N GLY E 154 4.47 -13.19 -29.61
CA GLY E 154 3.45 -12.34 -28.98
C GLY E 154 3.36 -12.57 -27.49
N THR E 155 3.13 -13.81 -27.08
CA THR E 155 2.93 -14.13 -25.67
C THR E 155 4.23 -14.11 -24.88
N PHE E 156 5.35 -14.12 -25.60
CA PHE E 156 6.68 -13.95 -24.99
C PHE E 156 6.81 -12.55 -24.42
N LEU E 157 6.42 -11.54 -25.20
CA LEU E 157 6.49 -10.16 -24.72
C LEU E 157 5.52 -9.96 -23.58
N LEU E 158 4.31 -10.50 -23.69
CA LEU E 158 3.36 -10.42 -22.58
C LEU E 158 4.00 -10.94 -21.27
N MET E 159 4.37 -12.20 -21.24
CA MET E 159 4.85 -12.82 -20.01
C MET E 159 6.04 -12.05 -19.45
N LEU E 160 6.92 -11.60 -20.35
CA LEU E 160 8.10 -10.83 -19.98
C LEU E 160 7.72 -9.58 -19.17
N VAL E 161 6.61 -8.94 -19.53
CA VAL E 161 6.13 -7.79 -18.76
C VAL E 161 5.54 -8.28 -17.43
N ILE E 162 4.82 -9.40 -17.47
CA ILE E 162 4.24 -9.99 -16.28
C ILE E 162 5.31 -10.30 -15.23
N MET E 163 6.48 -10.74 -15.67
CA MET E 163 7.63 -10.98 -14.77
C MET E 163 8.17 -9.67 -14.23
N GLY E 164 8.32 -8.70 -15.12
CA GLY E 164 8.98 -7.44 -14.82
C GLY E 164 8.18 -6.46 -14.00
N VAL E 165 6.86 -6.48 -14.11
CA VAL E 165 6.06 -5.47 -13.42
C VAL E 165 5.06 -6.06 -12.42
N ALA E 166 5.05 -7.38 -12.28
CA ALA E 166 4.10 -8.06 -11.40
C ALA E 166 4.80 -9.08 -10.49
N VAL E 167 5.56 -10.00 -11.07
CA VAL E 167 6.20 -11.05 -10.26
C VAL E 167 7.41 -10.54 -9.47
N ASP E 168 8.23 -9.70 -10.11
CA ASP E 168 9.46 -9.19 -9.50
C ASP E 168 9.23 -8.27 -8.30
N GLU E 169 9.77 -8.69 -7.14
CA GLU E 169 9.70 -7.94 -5.89
C GLU E 169 10.03 -6.44 -6.05
N ARG E 170 10.92 -6.10 -6.99
CA ARG E 170 11.37 -4.73 -7.17
C ARG E 170 10.46 -3.92 -8.08
N ALA E 171 9.31 -4.50 -8.48
CA ALA E 171 8.38 -3.80 -9.40
C ALA E 171 7.62 -2.66 -8.72
N PRO E 172 7.45 -1.53 -9.42
CA PRO E 172 6.78 -0.37 -8.85
C PRO E 172 5.28 -0.65 -8.63
N PRO E 173 4.81 -0.52 -7.39
CA PRO E 173 3.51 -1.06 -7.06
C PRO E 173 2.40 -0.22 -7.63
N GLY E 174 1.33 -0.89 -8.08
CA GLY E 174 0.17 -0.23 -8.67
C GLY E 174 0.18 -0.07 -10.20
N PHE E 175 1.35 -0.15 -10.83
CA PHE E 175 1.43 0.01 -12.27
C PHE E 175 1.00 -1.27 -12.98
N ALA E 176 1.17 -2.42 -12.31
CA ALA E 176 0.85 -3.76 -12.85
C ALA E 176 -0.33 -3.87 -13.81
N GLY E 177 -1.55 -3.60 -13.32
CA GLY E 177 -2.77 -3.73 -14.11
C GLY E 177 -2.71 -2.90 -15.39
N LEU E 178 -2.43 -1.60 -15.23
CA LEU E 178 -2.38 -0.68 -16.35
C LEU E 178 -1.31 -1.11 -17.34
N VAL E 179 -0.09 -1.34 -16.89
CA VAL E 179 1.00 -1.74 -17.81
C VAL E 179 0.72 -3.06 -18.51
N ILE E 180 0.36 -4.11 -17.78
CA ILE E 180 0.11 -5.43 -18.40
C ILE E 180 -0.97 -5.37 -19.48
N GLY E 181 -2.03 -4.60 -19.22
CA GLY E 181 -3.13 -4.47 -20.17
C GLY E 181 -2.72 -3.71 -21.42
N LEU E 182 -2.15 -2.52 -21.22
CA LEU E 182 -1.71 -1.68 -22.32
C LEU E 182 -0.69 -2.43 -23.18
N THR E 183 0.12 -3.28 -22.57
CA THR E 183 1.06 -4.10 -23.34
C THR E 183 0.31 -5.00 -24.30
N VAL E 184 -0.67 -5.75 -23.78
CA VAL E 184 -1.52 -6.62 -24.62
C VAL E 184 -2.09 -5.81 -25.80
N GLY E 185 -2.72 -4.68 -25.46
CA GLY E 185 -3.30 -3.75 -26.43
C GLY E 185 -2.33 -3.45 -27.56
N GLY E 186 -1.07 -3.21 -27.20
CA GLY E 186 -0.01 -2.98 -28.16
C GLY E 186 0.24 -4.17 -29.06
N ILE E 187 0.34 -5.36 -28.47
CA ILE E 187 0.63 -6.59 -29.21
C ILE E 187 -0.47 -6.87 -30.22
N ILE E 188 -1.74 -6.75 -29.80
CA ILE E 188 -2.87 -6.96 -30.72
C ILE E 188 -2.80 -6.02 -31.94
N THR E 189 -2.48 -4.75 -31.70
CA THR E 189 -2.37 -3.78 -32.78
C THR E 189 -1.44 -4.28 -33.89
N THR E 190 -0.28 -4.84 -33.54
CA THR E 190 0.67 -5.39 -34.56
C THR E 190 0.30 -6.81 -35.06
N ILE E 191 0.09 -7.72 -34.12
CA ILE E 191 -0.11 -9.15 -34.40
C ILE E 191 -1.54 -9.50 -34.83
N GLY E 192 -2.48 -8.60 -34.55
CA GLY E 192 -3.90 -8.84 -34.80
C GLY E 192 -4.21 -9.42 -36.17
N ASN E 193 -3.75 -8.74 -37.22
CA ASN E 193 -4.06 -9.15 -38.58
C ASN E 193 -3.18 -10.28 -39.09
N ILE E 194 -2.44 -10.92 -38.19
CA ILE E 194 -1.62 -12.08 -38.58
C ILE E 194 -2.23 -13.36 -38.03
N THR E 195 -2.64 -13.37 -36.76
CA THR E 195 -3.27 -14.55 -36.16
C THR E 195 -4.50 -14.24 -35.31
N GLY E 196 -4.90 -12.98 -35.22
CA GLY E 196 -5.95 -12.57 -34.30
C GLY E 196 -5.42 -12.26 -32.90
N SER E 197 -4.09 -12.38 -32.73
CA SER E 197 -3.42 -12.07 -31.47
C SER E 197 -4.19 -12.61 -30.25
N SER E 198 -4.16 -13.94 -30.08
CA SER E 198 -4.87 -14.59 -28.97
C SER E 198 -4.06 -14.51 -27.69
N LEU E 199 -2.83 -15.02 -27.75
CA LEU E 199 -1.89 -15.05 -26.62
C LEU E 199 -2.42 -15.91 -25.45
N ASN E 200 -3.47 -16.69 -25.71
CA ASN E 200 -4.31 -17.19 -24.64
C ASN E 200 -5.27 -18.30 -25.11
N PRO E 201 -5.04 -19.55 -24.67
CA PRO E 201 -5.90 -20.69 -24.97
C PRO E 201 -7.35 -20.55 -24.55
N ALA E 202 -7.60 -20.01 -23.35
CA ALA E 202 -8.98 -19.81 -22.89
C ALA E 202 -9.72 -18.76 -23.76
N ARG E 203 -8.98 -17.72 -24.17
CA ARG E 203 -9.53 -16.64 -24.98
C ARG E 203 -9.85 -17.11 -26.41
N THR E 204 -9.10 -18.07 -26.91
CA THR E 204 -9.42 -18.70 -28.18
C THR E 204 -10.57 -19.69 -27.99
N PHE E 205 -10.48 -20.53 -26.96
CA PHE E 205 -11.51 -21.54 -26.66
C PHE E 205 -12.93 -20.95 -26.68
N GLY E 206 -13.17 -19.90 -25.86
CA GLY E 206 -14.50 -19.27 -25.72
C GLY E 206 -15.28 -19.13 -27.03
N PRO E 207 -14.80 -18.27 -27.93
CA PRO E 207 -15.36 -18.17 -29.28
C PRO E 207 -15.50 -19.50 -30.01
N TYR E 208 -14.44 -20.32 -30.00
CA TYR E 208 -14.45 -21.61 -30.72
C TYR E 208 -15.64 -22.47 -30.33
N LEU E 209 -15.95 -22.46 -29.03
CA LEU E 209 -17.11 -23.16 -28.52
C LEU E 209 -18.39 -22.55 -29.07
N GLY E 210 -18.61 -21.27 -28.80
CA GLY E 210 -19.80 -20.57 -29.31
C GLY E 210 -20.03 -20.74 -30.81
N ASP E 211 -18.96 -20.58 -31.58
CA ASP E 211 -18.95 -20.78 -33.03
C ASP E 211 -19.34 -22.20 -33.44
N SER E 212 -18.69 -23.21 -32.86
CA SER E 212 -19.02 -24.59 -33.16
C SER E 212 -20.39 -24.99 -32.60
N LEU E 213 -20.91 -24.20 -31.68
CA LEU E 213 -22.30 -24.34 -31.21
C LEU E 213 -23.26 -23.71 -32.20
N MET E 214 -22.79 -22.63 -32.84
CA MET E 214 -23.58 -21.90 -33.83
C MET E 214 -23.30 -22.42 -35.24
N GLY E 215 -22.74 -23.63 -35.34
CA GLY E 215 -22.53 -24.31 -36.65
C GLY E 215 -21.14 -24.11 -37.28
N ILE E 216 -20.31 -23.27 -36.69
CA ILE E 216 -19.00 -22.90 -37.26
C ILE E 216 -17.82 -23.57 -36.48
N ASN E 217 -17.44 -24.75 -36.97
CA ASN E 217 -16.39 -25.58 -36.39
C ASN E 217 -14.99 -25.10 -36.80
N LEU E 218 -14.14 -24.74 -35.84
CA LEU E 218 -12.78 -24.22 -36.12
C LEU E 218 -11.64 -24.85 -35.31
N TRP E 219 -11.91 -25.97 -34.64
CA TRP E 219 -10.94 -26.57 -33.72
C TRP E 219 -9.65 -27.06 -34.40
N GLN E 220 -9.65 -27.14 -35.74
CA GLN E 220 -8.45 -27.41 -36.54
C GLN E 220 -7.30 -26.48 -36.16
N TYR E 221 -7.64 -25.24 -35.78
CA TYR E 221 -6.67 -24.19 -35.48
C TYR E 221 -6.31 -24.06 -34.00
N PHE E 222 -7.01 -24.79 -33.13
CA PHE E 222 -6.80 -24.69 -31.68
C PHE E 222 -5.36 -24.92 -31.21
N PRO E 223 -4.67 -25.96 -31.71
CA PRO E 223 -3.28 -26.15 -31.31
C PRO E 223 -2.38 -24.91 -31.46
N ILE E 224 -2.62 -24.10 -32.48
CA ILE E 224 -1.85 -22.87 -32.69
C ILE E 224 -1.93 -21.94 -31.50
N TYR E 225 -3.06 -22.00 -30.80
CA TYR E 225 -3.35 -21.10 -29.66
C TYR E 225 -3.13 -21.76 -28.31
N VAL E 226 -2.64 -22.99 -28.31
CA VAL E 226 -2.19 -23.67 -27.10
C VAL E 226 -0.66 -23.74 -27.10
N ILE E 227 -0.11 -24.33 -28.16
CA ILE E 227 1.34 -24.46 -28.30
C ILE E 227 2.03 -23.09 -28.32
N GLY E 228 1.56 -22.22 -29.21
CA GLY E 228 2.17 -20.91 -29.43
C GLY E 228 2.36 -20.09 -28.17
N PRO E 229 1.23 -19.77 -27.48
CA PRO E 229 1.20 -19.03 -26.21
C PRO E 229 2.03 -19.64 -25.06
N ILE E 230 1.96 -20.97 -24.89
CA ILE E 230 2.69 -21.63 -23.82
C ILE E 230 4.19 -21.57 -24.06
N VAL E 231 4.63 -21.98 -25.24
CA VAL E 231 6.06 -21.94 -25.57
C VAL E 231 6.60 -20.50 -25.47
N GLY E 232 5.77 -19.53 -25.82
CA GLY E 232 6.13 -18.13 -25.63
C GLY E 232 6.26 -17.74 -24.17
N ALA E 233 5.26 -18.11 -23.36
CA ALA E 233 5.21 -17.73 -21.93
C ALA E 233 6.29 -18.40 -21.09
N VAL E 234 6.46 -19.70 -21.27
CA VAL E 234 7.49 -20.43 -20.54
C VAL E 234 8.88 -19.93 -20.93
N ALA E 235 9.07 -19.67 -22.22
CA ALA E 235 10.31 -19.07 -22.70
C ALA E 235 10.59 -17.74 -22.01
N ALA E 236 9.59 -16.87 -21.97
CA ALA E 236 9.75 -15.55 -21.35
C ALA E 236 10.11 -15.66 -19.87
N ALA E 237 9.36 -16.48 -19.14
CA ALA E 237 9.54 -16.66 -17.69
C ALA E 237 10.94 -17.10 -17.36
N TRP E 238 11.38 -18.14 -18.04
CA TRP E 238 12.70 -18.70 -17.82
C TRP E 238 13.83 -17.77 -18.25
N LEU E 239 13.63 -17.05 -19.35
CA LEU E 239 14.64 -16.08 -19.79
C LEU E 239 14.79 -14.98 -18.73
N TYR E 240 13.66 -14.47 -18.24
CA TYR E 240 13.66 -13.38 -17.27
C TYR E 240 14.55 -13.67 -16.08
N ASN E 241 14.32 -14.83 -15.47
CA ASN E 241 15.07 -15.26 -14.30
C ASN E 241 16.55 -15.39 -14.59
N TYR E 242 16.90 -15.89 -15.76
CA TYR E 242 18.30 -16.00 -16.15
C TYR E 242 18.96 -14.63 -16.20
N LEU E 243 18.24 -13.64 -16.73
CA LEU E 243 18.78 -12.28 -16.89
C LEU E 243 18.83 -11.49 -15.58
N ALA E 244 17.92 -11.79 -14.64
CA ALA E 244 17.76 -11.00 -13.42
C ALA E 244 18.44 -11.59 -12.17
N LYS E 245 19.45 -12.44 -12.33
CA LYS E 245 20.15 -13.04 -11.19
C LYS E 245 21.55 -13.54 -11.60
N THR F 2 -13.26 17.29 5.64
CA THR F 2 -14.17 17.14 4.45
C THR F 2 -15.24 18.24 4.41
N MET F 3 -16.06 18.18 3.37
CA MET F 3 -16.89 19.33 2.99
C MET F 3 -18.42 19.18 3.21
N THR F 4 -19.07 20.29 3.56
CA THR F 4 -20.53 20.32 3.79
C THR F 4 -21.28 19.67 2.61
N LEU F 5 -22.39 18.98 2.89
CA LEU F 5 -23.26 18.34 1.84
C LEU F 5 -23.68 19.28 0.70
N ALA F 6 -23.96 20.53 1.09
CA ALA F 6 -24.28 21.60 0.17
C ALA F 6 -23.19 21.71 -0.91
N LYS F 7 -21.93 21.60 -0.48
CA LYS F 7 -20.81 21.70 -1.39
C LYS F 7 -20.57 20.41 -2.15
N ARG F 8 -20.93 19.26 -1.57
CA ARG F 8 -20.77 17.98 -2.25
C ARG F 8 -21.87 17.82 -3.28
N PHE F 9 -23.00 18.45 -3.02
CA PHE F 9 -24.08 18.51 -4.02
C PHE F 9 -23.64 19.27 -5.28
N THR F 10 -23.14 20.48 -5.06
CA THR F 10 -22.72 21.35 -6.14
C THR F 10 -21.47 20.77 -6.80
N ALA F 11 -20.67 20.01 -6.06
CA ALA F 11 -19.58 19.25 -6.69
C ALA F 11 -20.11 18.11 -7.59
N GLU F 12 -21.16 17.41 -7.16
CA GLU F 12 -21.77 16.36 -7.97
C GLU F 12 -22.48 16.90 -9.21
N VAL F 13 -22.95 18.14 -9.14
CA VAL F 13 -23.55 18.80 -10.31
C VAL F 13 -22.46 19.05 -11.34
N VAL F 14 -21.45 19.83 -10.95
CA VAL F 14 -20.36 20.24 -11.83
C VAL F 14 -19.65 19.03 -12.43
N GLY F 15 -19.68 17.92 -11.72
CA GLY F 15 -19.07 16.67 -12.22
C GLY F 15 -19.91 15.99 -13.31
N THR F 16 -21.18 15.81 -13.03
CA THR F 16 -22.05 15.07 -13.96
C THR F 16 -22.30 15.92 -15.21
N PHE F 17 -22.19 17.23 -15.02
CA PHE F 17 -22.28 18.21 -16.11
C PHE F 17 -21.17 17.97 -17.11
N ILE F 18 -19.95 17.81 -16.61
CA ILE F 18 -18.81 17.55 -17.48
C ILE F 18 -18.94 16.19 -18.08
N LEU F 19 -19.39 15.21 -17.31
CA LEU F 19 -19.60 13.86 -17.84
C LEU F 19 -20.50 13.90 -19.07
N VAL F 20 -21.63 14.60 -18.97
CA VAL F 20 -22.61 14.59 -20.08
C VAL F 20 -22.29 15.58 -21.21
N PHE F 21 -21.41 16.55 -20.94
CA PHE F 21 -21.13 17.60 -21.92
C PHE F 21 -20.19 17.00 -22.93
N PHE F 22 -19.15 16.39 -22.41
CA PHE F 22 -18.07 15.95 -23.23
C PHE F 22 -18.28 14.52 -23.70
N GLY F 23 -18.77 13.67 -22.80
CA GLY F 23 -18.96 12.25 -23.11
C GLY F 23 -19.88 12.04 -24.33
N PRO F 24 -21.19 12.28 -24.12
CA PRO F 24 -22.13 12.20 -25.22
C PRO F 24 -21.92 13.28 -26.27
N GLY F 25 -21.17 14.33 -25.93
CA GLY F 25 -20.86 15.39 -26.91
C GLY F 25 -20.02 14.89 -28.08
N ALA F 26 -19.09 13.96 -27.78
CA ALA F 26 -18.28 13.28 -28.80
C ALA F 26 -19.14 12.45 -29.73
N ALA F 27 -20.12 11.72 -29.15
CA ALA F 27 -21.09 10.94 -29.96
C ALA F 27 -21.86 11.81 -31.00
N VAL F 28 -22.26 12.99 -30.54
CA VAL F 28 -22.90 13.97 -31.40
C VAL F 28 -21.99 14.36 -32.54
N ILE F 29 -20.78 14.82 -32.19
CA ILE F 29 -19.84 15.35 -33.20
C ILE F 29 -19.38 14.29 -34.18
N THR F 30 -19.23 13.03 -33.72
CA THR F 30 -19.01 11.91 -34.62
C THR F 30 -20.12 11.84 -35.64
N LEU F 31 -21.38 11.80 -35.18
CA LEU F 31 -22.55 11.69 -36.08
C LEU F 31 -22.66 12.88 -37.07
N MET F 32 -22.43 14.07 -36.54
CA MET F 32 -22.51 15.29 -37.32
C MET F 32 -21.45 15.33 -38.39
N ILE F 33 -20.19 15.01 -38.07
CA ILE F 33 -19.14 15.09 -39.12
C ILE F 33 -19.20 13.93 -40.14
N ALA F 34 -19.74 12.80 -39.70
CA ALA F 34 -19.93 11.62 -40.54
C ALA F 34 -21.25 11.66 -41.30
N ASN F 35 -22.09 12.65 -40.99
CA ASN F 35 -23.43 12.79 -41.61
C ASN F 35 -23.40 12.96 -43.15
N GLY F 36 -23.84 11.91 -43.83
CA GLY F 36 -23.82 11.89 -45.26
C GLY F 36 -23.03 10.72 -45.82
N ALA F 37 -22.10 10.19 -45.02
CA ALA F 37 -21.24 9.14 -45.49
C ALA F 37 -22.00 7.82 -45.69
N ASP F 38 -21.50 6.96 -46.59
CA ASP F 38 -22.05 5.62 -46.81
C ASP F 38 -22.08 4.77 -45.52
N LYS F 39 -23.29 4.51 -44.99
CA LYS F 39 -23.49 3.52 -43.91
C LYS F 39 -23.77 2.12 -44.57
N PRO F 40 -22.77 1.22 -44.56
CA PRO F 40 -22.78 0.01 -45.41
C PRO F 40 -23.71 -1.09 -44.92
N ASN F 41 -24.34 -0.91 -43.75
CA ASN F 41 -25.48 -1.75 -43.37
C ASN F 41 -26.33 -1.04 -42.30
N GLU F 42 -27.40 -1.71 -41.88
CA GLU F 42 -28.35 -1.13 -40.94
C GLU F 42 -27.73 -0.95 -39.59
N PHE F 43 -26.90 -1.92 -39.19
CA PHE F 43 -26.30 -1.91 -37.87
C PHE F 43 -25.42 -0.67 -37.64
N ASN F 44 -24.82 -0.17 -38.73
CA ASN F 44 -24.00 1.04 -38.69
C ASN F 44 -24.91 2.23 -38.83
N ILE F 45 -25.01 3.03 -37.79
CA ILE F 45 -25.87 4.21 -37.85
C ILE F 45 -25.09 5.51 -38.01
N GLY F 46 -23.84 5.44 -38.47
CA GLY F 46 -23.03 6.63 -38.71
C GLY F 46 -21.79 6.67 -37.89
N ILE F 47 -21.89 6.23 -36.65
CA ILE F 47 -20.71 6.00 -35.82
C ILE F 47 -20.03 4.72 -36.32
N GLY F 48 -18.79 4.87 -36.78
CA GLY F 48 -18.07 3.80 -37.46
C GLY F 48 -18.03 3.98 -38.96
N ALA F 49 -18.89 4.85 -39.48
CA ALA F 49 -18.98 5.09 -40.91
C ALA F 49 -17.63 5.49 -41.50
N LEU F 50 -16.99 6.46 -40.86
CA LEU F 50 -15.72 7.00 -41.37
C LEU F 50 -14.49 6.36 -40.72
N GLY F 51 -14.54 6.22 -39.39
CA GLY F 51 -13.41 5.75 -38.60
C GLY F 51 -13.57 4.38 -37.97
N GLY F 52 -14.54 3.60 -38.47
CA GLY F 52 -14.79 2.23 -37.99
C GLY F 52 -14.98 2.17 -36.48
N LEU F 53 -14.52 1.10 -35.84
CA LEU F 53 -14.60 0.98 -34.39
C LEU F 53 -13.75 2.06 -33.72
N GLY F 54 -12.74 2.56 -34.44
CA GLY F 54 -11.93 3.67 -33.97
C GLY F 54 -12.76 4.88 -33.59
N ASP F 55 -13.90 5.04 -34.25
CA ASP F 55 -14.87 6.06 -33.84
C ASP F 55 -15.41 5.76 -32.42
N TRP F 56 -15.80 4.50 -32.18
CA TRP F 56 -16.29 4.14 -30.86
C TRP F 56 -15.22 4.28 -29.77
N PHE F 57 -13.95 3.97 -30.07
CA PHE F 57 -12.86 4.18 -29.08
C PHE F 57 -12.63 5.68 -28.83
N ALA F 58 -12.63 6.44 -29.90
CA ALA F 58 -12.60 7.88 -29.82
C ALA F 58 -13.63 8.32 -28.80
N ILE F 59 -14.87 7.89 -29.01
CA ILE F 59 -15.97 8.29 -28.16
C ILE F 59 -15.73 7.81 -26.73
N GLY F 60 -15.33 6.55 -26.58
CA GLY F 60 -15.06 5.99 -25.25
C GLY F 60 -14.03 6.81 -24.50
N MET F 61 -13.05 7.33 -25.24
CA MET F 61 -11.91 8.05 -24.66
C MET F 61 -12.26 9.50 -24.30
N ALA F 62 -13.13 10.10 -25.11
CA ALA F 62 -13.77 11.34 -24.73
C ALA F 62 -14.35 11.20 -23.33
N PHE F 63 -15.14 10.14 -23.16
CA PHE F 63 -15.76 9.78 -21.88
C PHE F 63 -14.72 9.51 -20.78
N ALA F 64 -13.80 8.60 -21.09
CA ALA F 64 -12.88 8.07 -20.10
C ALA F 64 -12.08 9.21 -19.56
N LEU F 65 -11.45 9.99 -20.43
CA LEU F 65 -10.52 11.06 -19.98
C LEU F 65 -11.24 12.21 -19.24
N ALA F 66 -12.50 12.48 -19.59
CA ALA F 66 -13.39 13.42 -18.85
C ALA F 66 -13.70 12.89 -17.48
N ILE F 67 -14.16 11.64 -17.42
CA ILE F 67 -14.42 10.96 -16.14
C ILE F 67 -13.19 10.99 -15.24
N ALA F 68 -12.05 10.65 -15.83
CA ALA F 68 -10.81 10.66 -15.12
C ALA F 68 -10.53 12.08 -14.54
N ALA F 69 -10.56 13.08 -15.42
CA ALA F 69 -10.38 14.47 -15.03
C ALA F 69 -11.24 14.87 -13.83
N VAL F 70 -12.50 14.43 -13.83
CA VAL F 70 -13.47 14.73 -12.75
C VAL F 70 -13.11 14.10 -11.39
N ILE F 71 -12.81 12.81 -11.40
CA ILE F 71 -12.38 12.13 -10.20
C ILE F 71 -11.18 12.88 -9.63
N TYR F 72 -10.13 13.04 -10.43
CA TYR F 72 -8.87 13.66 -9.98
C TYR F 72 -9.02 15.10 -9.46
N SER F 73 -10.06 15.81 -9.90
CA SER F 73 -10.26 17.19 -9.46
C SER F 73 -11.26 17.28 -8.32
N LEU F 74 -12.34 16.51 -8.40
CA LEU F 74 -13.47 16.63 -7.47
C LEU F 74 -13.73 15.43 -6.52
N GLY F 75 -13.16 14.27 -6.86
CA GLY F 75 -13.30 13.05 -6.05
C GLY F 75 -13.02 13.29 -4.57
N ARG F 76 -11.95 14.03 -4.29
CA ARG F 76 -11.63 14.48 -2.94
C ARG F 76 -12.79 15.28 -2.30
N ILE F 77 -13.72 15.83 -3.09
CA ILE F 77 -14.78 16.65 -2.53
C ILE F 77 -16.11 15.96 -2.33
N SER F 78 -16.67 15.43 -3.40
CA SER F 78 -17.98 14.76 -3.30
C SER F 78 -17.84 13.26 -3.25
N GLY F 79 -16.68 12.76 -3.67
CA GLY F 79 -16.52 11.35 -3.95
C GLY F 79 -16.54 11.15 -5.44
N ALA F 80 -16.97 12.16 -6.18
CA ALA F 80 -17.04 12.08 -7.63
C ALA F 80 -17.88 10.88 -8.13
N HIS F 81 -19.09 10.76 -7.63
CA HIS F 81 -19.97 9.67 -8.03
C HIS F 81 -20.51 9.87 -9.46
N ILE F 82 -20.91 11.11 -9.76
CA ILE F 82 -21.45 11.54 -11.07
C ILE F 82 -22.36 10.51 -11.76
N ASN F 83 -22.93 9.60 -10.97
CA ASN F 83 -23.66 8.45 -11.47
C ASN F 83 -24.53 7.89 -10.35
N PRO F 84 -25.85 7.79 -10.57
CA PRO F 84 -26.75 7.32 -9.53
C PRO F 84 -26.65 5.82 -9.24
N ALA F 85 -26.36 5.01 -10.27
CA ALA F 85 -26.12 3.59 -10.04
C ALA F 85 -24.93 3.35 -9.04
N VAL F 86 -23.91 4.19 -9.11
CA VAL F 86 -22.77 4.09 -8.19
C VAL F 86 -23.22 4.43 -6.79
N THR F 87 -23.89 5.57 -6.66
CA THR F 87 -24.39 5.97 -5.38
C THR F 87 -25.26 4.88 -4.75
N ILE F 88 -26.20 4.36 -5.54
CA ILE F 88 -27.10 3.31 -5.06
C ILE F 88 -26.35 2.01 -4.72
N ALA F 89 -25.38 1.63 -5.55
CA ALA F 89 -24.56 0.43 -5.24
C ALA F 89 -23.75 0.62 -3.94
N LEU F 90 -23.17 1.81 -3.74
CA LEU F 90 -22.34 2.09 -2.54
C LEU F 90 -23.16 2.15 -1.29
N TRP F 91 -24.41 2.62 -1.41
CA TRP F 91 -25.37 2.65 -0.31
C TRP F 91 -25.77 1.25 0.09
N SER F 92 -25.97 0.38 -0.90
CA SER F 92 -26.34 -1.02 -0.68
C SER F 92 -25.26 -1.84 0.02
N ILE F 93 -24.05 -1.29 0.16
CA ILE F 93 -22.98 -1.91 0.97
C ILE F 93 -22.74 -1.17 2.30
N GLY F 94 -23.50 -0.11 2.55
CA GLY F 94 -23.34 0.69 3.76
C GLY F 94 -22.05 1.51 3.71
N ARG F 95 -21.60 1.84 2.51
CA ARG F 95 -20.48 2.75 2.31
C ARG F 95 -20.94 4.18 1.93
N PHE F 96 -22.26 4.38 1.82
CA PHE F 96 -22.81 5.70 1.64
C PHE F 96 -24.07 5.86 2.41
N PRO F 97 -24.22 7.01 3.09
CA PRO F 97 -25.43 7.30 3.87
C PRO F 97 -26.74 7.37 3.03
N GLY F 98 -27.78 6.67 3.53
CA GLY F 98 -29.09 6.64 2.89
C GLY F 98 -29.71 8.01 2.78
N ARG F 99 -29.44 8.86 3.77
CA ARG F 99 -29.94 10.25 3.78
C ARG F 99 -29.47 11.08 2.58
N GLU F 100 -28.36 10.65 1.97
CA GLU F 100 -27.68 11.38 0.93
C GLU F 100 -27.80 10.80 -0.46
N VAL F 101 -28.44 9.63 -0.59
CA VAL F 101 -28.59 9.00 -1.93
C VAL F 101 -29.52 9.82 -2.85
N VAL F 102 -30.68 10.20 -2.33
CA VAL F 102 -31.62 11.01 -3.12
C VAL F 102 -31.00 12.38 -3.47
N PRO F 103 -30.41 13.09 -2.50
CA PRO F 103 -29.76 14.36 -2.78
C PRO F 103 -28.64 14.26 -3.81
N TYR F 104 -27.88 13.17 -3.75
CA TYR F 104 -26.82 12.95 -4.73
C TYR F 104 -27.38 12.78 -6.13
N ILE F 105 -28.39 11.90 -6.27
CA ILE F 105 -28.98 11.54 -7.56
C ILE F 105 -29.62 12.76 -8.21
N VAL F 106 -30.26 13.60 -7.41
CA VAL F 106 -30.81 14.86 -7.90
C VAL F 106 -29.71 15.77 -8.44
N ALA F 107 -28.60 15.88 -7.70
CA ALA F 107 -27.41 16.67 -8.11
C ALA F 107 -26.86 16.17 -9.44
N GLN F 108 -26.83 14.86 -9.58
CA GLN F 108 -26.42 14.21 -10.81
C GLN F 108 -27.37 14.55 -11.99
N PHE F 109 -28.66 14.35 -11.80
CA PHE F 109 -29.64 14.63 -12.83
C PHE F 109 -29.57 16.10 -13.27
N ILE F 110 -29.57 17.03 -12.29
CA ILE F 110 -29.49 18.46 -12.59
C ILE F 110 -28.21 18.78 -13.38
N GLY F 111 -27.11 18.17 -12.96
CA GLY F 111 -25.85 18.35 -13.69
C GLY F 111 -25.88 17.83 -15.12
N ALA F 112 -26.52 16.67 -15.29
CA ALA F 112 -26.63 16.02 -16.60
C ALA F 112 -27.52 16.83 -17.57
N ALA F 113 -28.62 17.37 -17.05
CA ALA F 113 -29.50 18.20 -17.86
C ALA F 113 -28.75 19.47 -18.32
N LEU F 114 -28.01 20.08 -17.40
CA LEU F 114 -27.21 21.28 -17.69
C LEU F 114 -26.14 21.03 -18.74
N GLY F 115 -25.43 19.91 -18.63
CA GLY F 115 -24.38 19.54 -19.59
C GLY F 115 -24.93 19.28 -20.99
N SER F 116 -26.08 18.59 -21.02
CA SER F 116 -26.76 18.27 -22.29
C SER F 116 -27.28 19.53 -22.97
N LEU F 117 -28.01 20.35 -22.20
CA LEU F 117 -28.52 21.66 -22.65
C LEU F 117 -27.43 22.61 -23.14
N LEU F 118 -26.37 22.77 -22.36
CA LEU F 118 -25.25 23.64 -22.72
C LEU F 118 -24.53 23.20 -23.99
N PHE F 119 -24.26 21.90 -24.13
CA PHE F 119 -23.71 21.39 -25.39
C PHE F 119 -24.61 21.76 -26.57
N LEU F 120 -25.91 21.52 -26.41
CA LEU F 120 -26.91 21.85 -27.44
C LEU F 120 -26.74 23.29 -27.86
N ALA F 121 -26.75 24.22 -26.89
CA ALA F 121 -26.59 25.66 -27.13
C ALA F 121 -25.27 25.96 -27.88
N CYS F 122 -24.18 25.35 -27.41
CA CYS F 122 -22.87 25.52 -28.03
C CYS F 122 -22.85 25.22 -29.53
N VAL F 123 -23.51 24.14 -29.95
CA VAL F 123 -23.37 23.63 -31.32
C VAL F 123 -24.46 24.11 -32.26
N GLY F 124 -25.71 24.06 -31.79
CA GLY F 124 -26.90 24.35 -32.59
C GLY F 124 -27.83 23.16 -32.59
N PRO F 125 -29.02 23.32 -33.17
CA PRO F 125 -30.04 22.25 -33.19
C PRO F 125 -29.53 20.96 -33.82
N ALA F 126 -28.62 21.09 -34.80
CA ALA F 126 -28.00 19.95 -35.45
C ALA F 126 -27.56 18.95 -34.41
N ALA F 127 -27.06 19.46 -33.28
CA ALA F 127 -26.64 18.65 -32.13
C ALA F 127 -27.66 17.60 -31.74
N ALA F 128 -28.94 17.93 -31.87
CA ALA F 128 -30.04 17.02 -31.50
C ALA F 128 -30.61 16.32 -32.73
N THR F 129 -30.99 17.10 -33.72
CA THR F 129 -31.59 16.55 -34.92
C THR F 129 -30.64 15.65 -35.72
N VAL F 130 -29.35 15.95 -35.67
CA VAL F 130 -28.37 15.09 -36.32
C VAL F 130 -27.59 14.24 -35.34
N GLY F 131 -27.32 14.79 -34.15
CA GLY F 131 -26.49 14.10 -33.14
C GLY F 131 -27.25 13.32 -32.07
N GLY F 132 -28.56 13.58 -31.98
CA GLY F 132 -29.40 12.98 -30.97
C GLY F 132 -28.99 13.33 -29.56
N LEU F 133 -28.21 14.40 -29.39
CA LEU F 133 -27.60 14.75 -28.10
C LEU F 133 -26.93 13.54 -27.42
N GLY F 134 -26.43 12.61 -28.26
CA GLY F 134 -25.73 11.38 -27.82
C GLY F 134 -26.56 10.51 -26.90
N ALA F 135 -27.90 10.56 -27.03
CA ALA F 135 -28.78 9.79 -26.15
C ALA F 135 -28.59 8.30 -26.43
N THR F 136 -28.74 7.48 -25.38
CA THR F 136 -28.57 6.04 -25.51
C THR F 136 -29.91 5.43 -25.90
N ALA F 137 -29.86 4.38 -26.70
CA ALA F 137 -31.03 3.59 -26.98
C ALA F 137 -30.56 2.36 -27.74
N PRO F 138 -31.35 1.26 -27.70
CA PRO F 138 -30.92 -0.02 -28.28
C PRO F 138 -30.52 0.13 -29.72
N PHE F 139 -29.71 -0.77 -30.24
CA PHE F 139 -29.34 -0.71 -31.65
C PHE F 139 -30.14 -1.68 -32.51
N PRO F 140 -30.11 -1.49 -33.83
CA PRO F 140 -30.81 -2.37 -34.77
C PRO F 140 -30.62 -3.89 -34.54
N GLY F 141 -31.74 -4.56 -34.25
CA GLY F 141 -31.75 -5.98 -33.92
C GLY F 141 -31.47 -6.27 -32.46
N ILE F 142 -31.66 -5.30 -31.57
CA ILE F 142 -31.42 -5.48 -30.13
C ILE F 142 -32.66 -5.19 -29.27
N GLY F 143 -33.24 -6.24 -28.69
CA GLY F 143 -34.47 -6.12 -27.90
C GLY F 143 -34.22 -5.51 -26.54
N TYR F 144 -35.31 -5.24 -25.80
CA TYR F 144 -35.20 -4.69 -24.42
C TYR F 144 -34.57 -5.70 -23.44
N GLY F 145 -34.89 -6.97 -23.65
CA GLY F 145 -34.32 -8.03 -22.84
C GLY F 145 -32.79 -8.00 -22.85
N GLN F 146 -32.23 -7.97 -24.05
CA GLN F 146 -30.78 -7.99 -24.24
C GLN F 146 -30.20 -6.63 -23.87
N ALA F 147 -30.96 -5.56 -24.10
CA ALA F 147 -30.48 -4.20 -23.84
C ALA F 147 -30.22 -3.94 -22.36
N ILE F 148 -31.06 -4.47 -21.47
CA ILE F 148 -30.78 -4.35 -20.05
C ILE F 148 -29.63 -5.28 -19.59
N LEU F 149 -29.53 -6.45 -20.21
CA LEU F 149 -28.49 -7.41 -19.85
C LEU F 149 -27.11 -6.90 -20.25
N THR F 150 -26.98 -6.31 -21.43
CA THR F 150 -25.68 -5.79 -21.85
C THR F 150 -25.35 -4.54 -21.04
N GLU F 151 -26.36 -3.78 -20.63
CA GLU F 151 -26.14 -2.63 -19.72
C GLU F 151 -25.81 -3.08 -18.29
N ALA F 152 -26.33 -4.23 -17.87
CA ALA F 152 -25.97 -4.76 -16.56
C ALA F 152 -24.53 -5.32 -16.57
N ILE F 153 -24.21 -6.12 -17.58
CA ILE F 153 -22.88 -6.70 -17.73
C ILE F 153 -21.85 -5.59 -17.91
N GLY F 154 -22.30 -4.50 -18.48
CA GLY F 154 -21.43 -3.33 -18.63
C GLY F 154 -21.12 -2.70 -17.29
N THR F 155 -22.18 -2.34 -16.54
CA THR F 155 -22.02 -1.56 -15.31
C THR F 155 -21.53 -2.41 -14.14
N PHE F 156 -21.59 -3.73 -14.35
CA PHE F 156 -21.02 -4.71 -13.43
C PHE F 156 -19.49 -4.64 -13.43
N LEU F 157 -18.90 -4.55 -14.64
CA LEU F 157 -17.46 -4.40 -14.76
C LEU F 157 -17.04 -3.03 -14.25
N LEU F 158 -17.77 -1.98 -14.58
CA LEU F 158 -17.45 -0.68 -13.99
C LEU F 158 -17.35 -0.78 -12.45
N MET F 159 -18.48 -1.10 -11.79
CA MET F 159 -18.52 -1.05 -10.32
C MET F 159 -17.47 -1.93 -9.68
N LEU F 160 -17.20 -3.06 -10.32
CA LEU F 160 -16.18 -3.99 -9.86
C LEU F 160 -14.83 -3.32 -9.76
N VAL F 161 -14.52 -2.45 -10.71
CA VAL F 161 -13.27 -1.70 -10.68
C VAL F 161 -13.34 -0.67 -9.57
N ILE F 162 -14.47 0.03 -9.48
CA ILE F 162 -14.70 1.05 -8.45
C ILE F 162 -14.43 0.45 -7.04
N MET F 163 -14.85 -0.79 -6.83
CA MET F 163 -14.60 -1.47 -5.56
C MET F 163 -13.10 -1.70 -5.41
N GLY F 164 -12.50 -2.21 -6.50
CA GLY F 164 -11.16 -2.72 -6.48
C GLY F 164 -10.09 -1.67 -6.45
N VAL F 165 -10.36 -0.48 -7.00
CA VAL F 165 -9.30 0.53 -7.07
C VAL F 165 -9.66 1.85 -6.36
N ALA F 166 -10.81 1.87 -5.72
CA ALA F 166 -11.26 3.10 -5.09
C ALA F 166 -11.79 2.82 -3.68
N VAL F 167 -12.71 1.86 -3.56
CA VAL F 167 -13.30 1.61 -2.23
C VAL F 167 -12.34 0.82 -1.29
N ASP F 168 -11.68 -0.20 -1.86
CA ASP F 168 -10.82 -1.09 -1.08
C ASP F 168 -9.59 -0.41 -0.47
N GLU F 169 -9.52 -0.48 0.84
CA GLU F 169 -8.39 0.04 1.61
C GLU F 169 -6.98 -0.29 1.07
N ARG F 170 -6.86 -1.42 0.38
CA ARG F 170 -5.56 -1.89 -0.13
C ARG F 170 -5.30 -1.43 -1.57
N ALA F 171 -6.15 -0.52 -2.10
CA ALA F 171 -5.98 -0.05 -3.51
C ALA F 171 -4.85 0.96 -3.61
N PRO F 172 -3.99 0.82 -4.65
CA PRO F 172 -2.81 1.69 -4.85
C PRO F 172 -3.27 3.13 -5.13
N PRO F 173 -2.84 4.08 -4.29
CA PRO F 173 -3.43 5.41 -4.27
C PRO F 173 -3.00 6.23 -5.47
N GLY F 174 -3.93 7.01 -6.02
CA GLY F 174 -3.69 7.87 -7.18
C GLY F 174 -4.13 7.27 -8.50
N PHE F 175 -4.20 5.93 -8.59
CA PHE F 175 -4.53 5.26 -9.85
C PHE F 175 -6.03 5.33 -10.13
N ALA F 176 -6.82 5.44 -9.06
CA ALA F 176 -8.29 5.53 -9.14
C ALA F 176 -8.91 6.26 -10.41
N GLY F 177 -8.67 7.56 -10.51
CA GLY F 177 -9.28 8.38 -11.57
C GLY F 177 -8.94 7.81 -12.93
N LEU F 178 -7.66 7.61 -13.19
CA LEU F 178 -7.17 7.11 -14.46
C LEU F 178 -7.73 5.73 -14.77
N VAL F 179 -7.62 4.79 -13.83
CA VAL F 179 -8.14 3.44 -14.09
C VAL F 179 -9.65 3.41 -14.30
N ILE F 180 -10.42 4.01 -13.40
CA ILE F 180 -11.88 3.98 -13.52
C ILE F 180 -12.37 4.53 -14.87
N GLY F 181 -11.73 5.60 -15.31
CA GLY F 181 -12.13 6.26 -16.56
C GLY F 181 -11.78 5.43 -17.78
N LEU F 182 -10.52 5.02 -17.85
CA LEU F 182 -10.05 4.14 -18.95
C LEU F 182 -10.93 2.87 -19.05
N THR F 183 -11.37 2.34 -17.90
CA THR F 183 -12.24 1.17 -17.87
C THR F 183 -13.53 1.48 -18.59
N VAL F 184 -14.17 2.58 -18.22
CA VAL F 184 -15.40 3.00 -18.93
C VAL F 184 -15.12 3.06 -20.45
N GLY F 185 -14.07 3.79 -20.83
CA GLY F 185 -13.66 3.94 -22.20
C GLY F 185 -13.62 2.62 -22.94
N GLY F 186 -13.07 1.61 -22.27
CA GLY F 186 -13.03 0.21 -22.77
C GLY F 186 -14.42 -0.39 -22.99
N ILE F 187 -15.28 -0.26 -21.99
CA ILE F 187 -16.63 -0.80 -22.07
C ILE F 187 -17.38 -0.17 -23.26
N ILE F 188 -17.35 1.16 -23.38
CA ILE F 188 -18.03 1.83 -24.49
C ILE F 188 -17.57 1.28 -25.84
N THR F 189 -16.27 1.06 -26.00
CA THR F 189 -15.73 0.50 -27.24
C THR F 189 -16.42 -0.81 -27.64
N THR F 190 -16.65 -1.71 -26.70
CA THR F 190 -17.36 -2.95 -27.05
C THR F 190 -18.88 -2.81 -27.06
N ILE F 191 -19.44 -2.25 -25.99
CA ILE F 191 -20.90 -2.19 -25.76
C ILE F 191 -21.63 -1.06 -26.53
N GLY F 192 -20.84 -0.11 -27.01
CA GLY F 192 -21.36 1.11 -27.65
C GLY F 192 -22.41 0.86 -28.68
N ASN F 193 -22.06 0.05 -29.66
CA ASN F 193 -22.99 -0.21 -30.76
C ASN F 193 -24.06 -1.26 -30.43
N ILE F 194 -24.21 -1.60 -29.15
CA ILE F 194 -25.28 -2.50 -28.73
C ILE F 194 -26.35 -1.75 -27.97
N THR F 195 -25.95 -0.86 -27.07
CA THR F 195 -26.95 -0.05 -26.37
C THR F 195 -26.60 1.43 -26.24
N GLY F 196 -25.45 1.84 -26.77
CA GLY F 196 -24.92 3.18 -26.55
C GLY F 196 -24.11 3.28 -25.26
N SER F 197 -23.93 2.14 -24.58
CA SER F 197 -23.09 2.03 -23.38
C SER F 197 -23.27 3.23 -22.39
N SER F 198 -24.45 3.25 -21.75
CA SER F 198 -24.78 4.34 -20.85
C SER F 198 -24.15 4.09 -19.48
N LEU F 199 -24.47 2.93 -18.89
CA LEU F 199 -23.96 2.50 -17.58
C LEU F 199 -24.42 3.45 -16.49
N ASN F 200 -25.37 4.33 -16.82
CA ASN F 200 -25.63 5.50 -16.00
C ASN F 200 -26.99 6.18 -16.32
N PRO F 201 -27.93 6.15 -15.37
CA PRO F 201 -29.23 6.82 -15.49
C PRO F 201 -29.19 8.33 -15.66
N ALA F 202 -28.27 9.02 -14.96
CA ALA F 202 -28.13 10.48 -15.17
C ALA F 202 -27.57 10.85 -16.57
N ARG F 203 -26.67 9.99 -17.08
CA ARG F 203 -26.04 10.19 -18.40
C ARG F 203 -26.97 9.89 -19.55
N THR F 204 -27.93 9.00 -19.32
CA THR F 204 -29.02 8.78 -20.27
C THR F 204 -30.01 9.92 -20.14
N PHE F 205 -30.45 10.25 -18.92
CA PHE F 205 -31.44 11.30 -18.67
C PHE F 205 -31.16 12.60 -19.40
N GLY F 206 -29.94 13.12 -19.22
CA GLY F 206 -29.50 14.40 -19.86
C GLY F 206 -29.95 14.61 -21.31
N PRO F 207 -29.41 13.81 -22.23
CA PRO F 207 -29.85 13.79 -23.60
C PRO F 207 -31.34 13.60 -23.72
N TYR F 208 -31.92 12.64 -23.00
CA TYR F 208 -33.38 12.36 -23.13
C TYR F 208 -34.22 13.60 -22.92
N LEU F 209 -33.84 14.40 -21.94
CA LEU F 209 -34.49 15.68 -21.69
C LEU F 209 -34.31 16.65 -22.86
N GLY F 210 -33.06 16.97 -23.19
CA GLY F 210 -32.76 17.85 -24.34
C GLY F 210 -33.50 17.47 -25.62
N ASP F 211 -33.43 16.18 -25.94
CA ASP F 211 -34.11 15.60 -27.11
C ASP F 211 -35.61 15.79 -27.04
N SER F 212 -36.23 15.41 -25.92
CA SER F 212 -37.69 15.58 -25.79
C SER F 212 -38.07 17.05 -25.66
N LEU F 213 -37.08 17.90 -25.37
CA LEU F 213 -37.26 19.36 -25.44
C LEU F 213 -37.19 19.86 -26.87
N MET F 214 -36.35 19.19 -27.65
CA MET F 214 -36.17 19.50 -29.05
C MET F 214 -37.12 18.68 -29.93
N GLY F 215 -38.17 18.11 -29.35
CA GLY F 215 -39.19 17.39 -30.12
C GLY F 215 -39.01 15.87 -30.22
N ILE F 216 -37.89 15.36 -29.72
CA ILE F 216 -37.56 13.94 -29.89
C ILE F 216 -37.71 13.17 -28.56
N ASN F 217 -38.90 12.63 -28.36
CA ASN F 217 -39.31 11.88 -27.17
C ASN F 217 -38.81 10.41 -27.18
N LEU F 218 -38.00 10.04 -26.20
CA LEU F 218 -37.39 8.68 -26.14
C LEU F 218 -37.52 7.94 -24.77
N TRP F 219 -38.38 8.45 -23.89
CA TRP F 219 -38.47 7.93 -22.54
C TRP F 219 -38.92 6.46 -22.49
N GLN F 220 -39.48 5.96 -23.60
CA GLN F 220 -39.81 4.53 -23.73
C GLN F 220 -38.64 3.64 -23.35
N TYR F 221 -37.43 4.11 -23.62
CA TYR F 221 -36.23 3.32 -23.39
C TYR F 221 -35.55 3.58 -22.03
N PHE F 222 -36.03 4.56 -21.26
CA PHE F 222 -35.37 4.94 -20.00
C PHE F 222 -35.19 3.82 -18.99
N PRO F 223 -36.22 2.97 -18.81
CA PRO F 223 -36.05 1.86 -17.86
C PRO F 223 -34.80 0.99 -18.14
N ILE F 224 -34.46 0.79 -19.40
CA ILE F 224 -33.28 0.00 -19.75
C ILE F 224 -32.02 0.56 -19.11
N TYR F 225 -32.02 1.88 -18.91
CA TYR F 225 -30.85 2.61 -18.39
C TYR F 225 -30.93 2.95 -16.89
N VAL F 226 -32.01 2.51 -16.25
CA VAL F 226 -32.15 2.55 -14.80
C VAL F 226 -31.98 1.15 -14.23
N ILE F 227 -32.81 0.22 -14.70
CA ILE F 227 -32.76 -1.17 -14.28
C ILE F 227 -31.40 -1.83 -14.54
N GLY F 228 -30.97 -1.76 -15.80
CA GLY F 228 -29.71 -2.39 -16.25
C GLY F 228 -28.46 -2.04 -15.45
N PRO F 229 -28.14 -0.72 -15.37
CA PRO F 229 -27.04 -0.18 -14.59
C PRO F 229 -27.06 -0.49 -13.08
N ILE F 230 -28.23 -0.36 -12.44
CA ILE F 230 -28.37 -0.62 -11.01
C ILE F 230 -28.20 -2.10 -10.67
N VAL F 231 -28.91 -2.97 -11.37
CA VAL F 231 -28.75 -4.40 -11.15
C VAL F 231 -27.31 -4.86 -11.44
N GLY F 232 -26.64 -4.22 -12.39
CA GLY F 232 -25.20 -4.48 -12.62
C GLY F 232 -24.30 -4.00 -11.50
N ALA F 233 -24.51 -2.76 -11.04
CA ALA F 233 -23.69 -2.15 -9.98
C ALA F 233 -23.86 -2.81 -8.58
N VAL F 234 -25.10 -3.05 -8.19
CA VAL F 234 -25.35 -3.69 -6.92
C VAL F 234 -24.78 -5.11 -6.95
N ALA F 235 -24.99 -5.83 -8.04
CA ALA F 235 -24.43 -7.17 -8.19
C ALA F 235 -22.92 -7.12 -8.03
N ALA F 236 -22.25 -6.19 -8.72
CA ALA F 236 -20.78 -6.09 -8.65
C ALA F 236 -20.25 -5.84 -7.22
N ALA F 237 -20.87 -4.87 -6.53
CA ALA F 237 -20.48 -4.44 -5.16
C ALA F 237 -20.58 -5.60 -4.20
N TRP F 238 -21.71 -6.28 -4.26
CA TRP F 238 -21.98 -7.40 -3.38
C TRP F 238 -21.12 -8.62 -3.71
N LEU F 239 -20.86 -8.86 -4.99
CA LEU F 239 -19.96 -9.94 -5.35
C LEU F 239 -18.57 -9.66 -4.83
N TYR F 240 -18.10 -8.42 -5.00
CA TYR F 240 -16.75 -8.03 -4.59
C TYR F 240 -16.43 -8.40 -3.12
N ASN F 241 -17.30 -7.95 -2.24
CA ASN F 241 -17.18 -8.14 -0.82
C ASN F 241 -17.16 -9.62 -0.50
N TYR F 242 -18.01 -10.39 -1.17
CA TYR F 242 -18.03 -11.84 -0.93
C TYR F 242 -16.69 -12.48 -1.25
N LEU F 243 -16.06 -12.01 -2.33
CA LEU F 243 -14.79 -12.58 -2.79
C LEU F 243 -13.60 -12.10 -1.97
N ALA F 244 -13.69 -10.89 -1.40
CA ALA F 244 -12.55 -10.27 -0.72
C ALA F 244 -12.54 -10.39 0.81
N LYS F 245 -13.24 -11.39 1.38
CA LYS F 245 -13.30 -11.58 2.83
C LYS F 245 -13.71 -13.00 3.20
N THR G 2 25.04 -4.50 -9.87
CA THR G 2 24.41 -4.57 -11.23
C THR G 2 24.62 -5.94 -11.87
N MET G 3 23.93 -6.20 -12.99
CA MET G 3 24.13 -7.43 -13.75
C MET G 3 25.35 -7.30 -14.65
N THR G 4 26.03 -8.42 -14.90
CA THR G 4 27.21 -8.44 -15.79
C THR G 4 26.91 -7.84 -17.18
N LEU G 5 27.91 -7.19 -17.80
CA LEU G 5 27.77 -6.56 -19.14
C LEU G 5 27.26 -7.54 -20.19
N ALA G 6 27.74 -8.79 -20.10
CA ALA G 6 27.30 -9.87 -20.97
C ALA G 6 25.78 -10.01 -20.95
N LYS G 7 25.21 -9.86 -19.77
CA LYS G 7 23.76 -9.95 -19.58
C LYS G 7 23.01 -8.66 -19.92
N ARG G 8 23.67 -7.51 -19.81
CA ARG G 8 23.06 -6.24 -20.23
C ARG G 8 23.07 -6.13 -21.76
N PHE G 9 24.10 -6.73 -22.39
CA PHE G 9 24.18 -6.85 -23.84
C PHE G 9 22.96 -7.63 -24.35
N THR G 10 22.80 -8.84 -23.83
CA THR G 10 21.73 -9.73 -24.29
C THR G 10 20.39 -9.14 -23.91
N ALA G 11 20.35 -8.35 -22.84
CA ALA G 11 19.13 -7.59 -22.48
C ALA G 11 18.83 -6.50 -23.52
N GLU G 12 19.86 -5.80 -23.99
CA GLU G 12 19.71 -4.78 -25.04
C GLU G 12 19.32 -5.37 -26.41
N VAL G 13 19.73 -6.61 -26.67
CA VAL G 13 19.33 -7.30 -27.89
C VAL G 13 17.82 -7.56 -27.84
N VAL G 14 17.40 -8.34 -26.84
CA VAL G 14 15.99 -8.72 -26.68
C VAL G 14 15.05 -7.51 -26.62
N GLY G 15 15.56 -6.39 -26.11
CA GLY G 15 14.79 -5.14 -26.05
C GLY G 15 14.60 -4.50 -27.41
N THR G 16 15.69 -4.33 -28.15
CA THR G 16 15.64 -3.66 -29.45
C THR G 16 14.98 -4.55 -30.49
N PHE G 17 15.02 -5.86 -30.25
CA PHE G 17 14.31 -6.83 -31.06
C PHE G 17 12.80 -6.58 -30.98
N ILE G 18 12.29 -6.43 -29.77
CA ILE G 18 10.86 -6.17 -29.58
C ILE G 18 10.49 -4.78 -30.10
N LEU G 19 11.38 -3.81 -29.92
CA LEU G 19 11.15 -2.47 -30.49
C LEU G 19 10.91 -2.58 -32.00
N VAL G 20 11.80 -3.25 -32.72
CA VAL G 20 11.68 -3.32 -34.18
C VAL G 20 10.72 -4.39 -34.69
N PHE G 21 10.33 -5.36 -33.87
CA PHE G 21 9.40 -6.37 -34.36
C PHE G 21 8.01 -5.75 -34.41
N PHE G 22 7.61 -5.15 -33.28
CA PHE G 22 6.24 -4.69 -33.10
C PHE G 22 6.03 -3.27 -33.59
N GLY G 23 7.00 -2.40 -33.34
CA GLY G 23 6.90 -1.00 -33.74
C GLY G 23 6.72 -0.84 -35.26
N PRO G 24 7.78 -1.07 -36.05
CA PRO G 24 7.65 -1.04 -37.50
C PRO G 24 6.77 -2.14 -38.08
N GLY G 25 6.49 -3.18 -37.28
CA GLY G 25 5.59 -4.26 -37.69
C GLY G 25 4.16 -3.79 -37.92
N ALA G 26 3.72 -2.85 -37.09
CA ALA G 26 2.43 -2.19 -37.27
C ALA G 26 2.37 -1.42 -38.60
N ALA G 27 3.45 -0.68 -38.90
CA ALA G 27 3.52 0.10 -40.12
C ALA G 27 3.31 -0.81 -41.32
N VAL G 28 3.94 -1.99 -41.28
CA VAL G 28 3.81 -2.98 -42.35
C VAL G 28 2.37 -3.43 -42.50
N ILE G 29 1.78 -3.83 -41.39
CA ILE G 29 0.42 -4.36 -41.41
C ILE G 29 -0.60 -3.30 -41.85
N THR G 30 -0.39 -2.05 -41.44
CA THR G 30 -1.22 -0.94 -41.94
C THR G 30 -1.18 -0.95 -43.46
N LEU G 31 0.04 -0.86 -44.01
CA LEU G 31 0.23 -0.80 -45.44
C LEU G 31 -0.41 -2.03 -46.13
N MET G 32 -0.16 -3.21 -45.57
CA MET G 32 -0.67 -4.45 -46.15
C MET G 32 -2.20 -4.51 -46.19
N ILE G 33 -2.86 -4.16 -45.09
CA ILE G 33 -4.33 -4.24 -45.07
C ILE G 33 -4.98 -3.09 -45.86
N ALA G 34 -4.27 -1.96 -45.96
CA ALA G 34 -4.74 -0.81 -46.71
C ALA G 34 -4.36 -0.87 -48.18
N ASN G 35 -3.56 -1.89 -48.54
CA ASN G 35 -3.06 -2.03 -49.93
C ASN G 35 -4.18 -2.24 -50.94
N GLY G 36 -4.38 -1.24 -51.78
CA GLY G 36 -5.43 -1.26 -52.81
C GLY G 36 -6.38 -0.08 -52.67
N ALA G 37 -6.49 0.48 -51.47
CA ALA G 37 -7.44 1.55 -51.22
C ALA G 37 -7.02 2.86 -51.91
N ASP G 38 -8.03 3.70 -52.16
CA ASP G 38 -7.82 5.00 -52.79
C ASP G 38 -6.90 5.89 -51.97
N LYS G 39 -5.69 6.14 -52.46
CA LYS G 39 -4.80 7.14 -51.88
C LYS G 39 -5.08 8.50 -52.56
N PRO G 40 -5.78 9.44 -51.87
CA PRO G 40 -6.36 10.64 -52.47
C PRO G 40 -5.37 11.75 -52.77
N ASN G 41 -4.11 11.59 -52.42
CA ASN G 41 -3.04 12.41 -53.01
C ASN G 41 -1.68 11.74 -52.84
N GLU G 42 -0.63 12.39 -53.33
CA GLU G 42 0.72 11.83 -53.33
C GLU G 42 1.27 11.68 -51.91
N PHE G 43 0.95 12.65 -51.06
CA PHE G 43 1.48 12.69 -49.70
C PHE G 43 1.01 11.50 -48.87
N ASN G 44 -0.17 10.98 -49.20
CA ASN G 44 -0.71 9.76 -48.57
C ASN G 44 -0.17 8.54 -49.32
N ILE G 45 0.65 7.75 -48.64
CA ILE G 45 1.24 6.55 -49.27
C ILE G 45 0.58 5.25 -48.78
N GLY G 46 -0.63 5.34 -48.24
CA GLY G 46 -1.39 4.16 -47.81
C GLY G 46 -1.68 4.15 -46.33
N ILE G 47 -0.73 4.64 -45.55
CA ILE G 47 -0.95 4.90 -44.14
C ILE G 47 -1.80 6.17 -44.07
N GLY G 48 -2.99 6.03 -43.49
CA GLY G 48 -3.98 7.09 -43.46
C GLY G 48 -5.08 6.87 -44.48
N ALA G 49 -4.83 5.98 -45.44
CA ALA G 49 -5.79 5.71 -46.50
C ALA G 49 -7.16 5.30 -45.95
N LEU G 50 -7.16 4.35 -45.03
CA LEU G 50 -8.41 3.81 -44.46
C LEU G 50 -8.80 4.45 -43.12
N GLY G 51 -7.82 4.66 -42.25
CA GLY G 51 -8.08 5.20 -40.91
C GLY G 51 -7.55 6.60 -40.63
N GLY G 52 -7.21 7.34 -41.68
CA GLY G 52 -6.69 8.70 -41.52
C GLY G 52 -5.51 8.77 -40.57
N LEU G 53 -5.39 9.87 -39.84
CA LEU G 53 -4.29 10.03 -38.87
C LEU G 53 -4.39 9.01 -37.74
N GLY G 54 -5.60 8.49 -37.52
CA GLY G 54 -5.82 7.38 -36.60
C GLY G 54 -4.96 6.17 -36.91
N ASP G 55 -4.62 5.96 -38.18
CA ASP G 55 -3.63 4.95 -38.59
C ASP G 55 -2.25 5.28 -38.03
N TRP G 56 -1.83 6.54 -38.11
CA TRP G 56 -0.56 6.96 -37.50
C TRP G 56 -0.49 6.84 -35.95
N PHE G 57 -1.59 7.16 -35.27
CA PHE G 57 -1.67 7.00 -33.82
C PHE G 57 -1.66 5.51 -33.48
N ALA G 58 -2.43 4.72 -34.21
CA ALA G 58 -2.38 3.26 -34.07
C ALA G 58 -0.93 2.80 -34.08
N ILE G 59 -0.21 3.21 -35.13
CA ILE G 59 1.20 2.82 -35.28
C ILE G 59 2.04 3.35 -34.13
N GLY G 60 1.87 4.63 -33.79
CA GLY G 60 2.60 5.22 -32.66
C GLY G 60 2.39 4.47 -31.35
N MET G 61 1.19 3.94 -31.19
CA MET G 61 0.85 3.24 -29.96
C MET G 61 1.40 1.83 -29.95
N ALA G 62 1.42 1.18 -31.11
CA ALA G 62 2.15 -0.09 -31.28
C ALA G 62 3.59 0.05 -30.78
N PHE G 63 4.26 1.11 -31.25
CA PHE G 63 5.57 1.51 -30.74
C PHE G 63 5.55 1.80 -29.22
N ALA G 64 4.71 2.75 -28.80
CA ALA G 64 4.76 3.27 -27.44
C ALA G 64 4.60 2.15 -26.43
N LEU G 65 3.56 1.35 -26.61
CA LEU G 65 3.22 0.33 -25.62
C LEU G 65 4.26 -0.79 -25.61
N ALA G 66 4.88 -1.06 -26.75
CA ALA G 66 6.01 -1.99 -26.82
C ALA G 66 7.25 -1.44 -26.09
N ILE G 67 7.59 -0.20 -26.39
CA ILE G 67 8.67 0.51 -25.69
C ILE G 67 8.43 0.50 -24.17
N ALA G 68 7.21 0.84 -23.76
CA ALA G 68 6.86 0.86 -22.34
C ALA G 68 7.08 -0.52 -21.71
N ALA G 69 6.50 -1.53 -22.35
CA ALA G 69 6.67 -2.93 -21.94
C ALA G 69 8.13 -3.29 -21.67
N VAL G 70 9.01 -2.90 -22.60
CA VAL G 70 10.45 -3.20 -22.55
C VAL G 70 11.18 -2.52 -21.39
N ILE G 71 10.94 -1.22 -21.21
CA ILE G 71 11.46 -0.51 -20.04
C ILE G 71 11.00 -1.19 -18.73
N TYR G 72 9.69 -1.39 -18.56
CA TYR G 72 9.14 -2.00 -17.33
C TYR G 72 9.63 -3.40 -17.03
N SER G 73 10.05 -4.15 -18.06
CA SER G 73 10.56 -5.50 -17.86
C SER G 73 12.09 -5.56 -17.80
N LEU G 74 12.76 -4.80 -18.66
CA LEU G 74 14.22 -4.91 -18.80
C LEU G 74 15.05 -3.69 -18.35
N GLY G 75 14.40 -2.54 -18.18
CA GLY G 75 15.08 -1.32 -17.73
C GLY G 75 15.93 -1.54 -16.50
N ARG G 76 15.39 -2.28 -15.54
CA ARG G 76 16.14 -2.66 -14.36
C ARG G 76 17.42 -3.42 -14.68
N ILE G 77 17.52 -4.02 -15.88
CA ILE G 77 18.69 -4.86 -16.20
C ILE G 77 19.75 -4.12 -16.99
N SER G 78 19.40 -3.67 -18.19
CA SER G 78 20.37 -3.01 -19.09
C SER G 78 20.29 -1.49 -19.00
N GLY G 79 19.19 -0.99 -18.46
CA GLY G 79 18.85 0.41 -18.59
C GLY G 79 17.78 0.57 -19.66
N ALA G 80 17.57 -0.47 -20.47
CA ALA G 80 16.58 -0.44 -21.56
C ALA G 80 16.76 0.75 -22.51
N HIS G 81 17.99 0.87 -23.03
CA HIS G 81 18.33 1.94 -24.00
C HIS G 81 17.70 1.70 -25.38
N ILE G 82 17.79 0.45 -25.82
CA ILE G 82 17.23 -0.03 -27.09
C ILE G 82 17.33 1.00 -28.21
N ASN G 83 18.32 1.88 -28.10
CA ASN G 83 18.46 3.01 -29.00
C ASN G 83 19.88 3.59 -28.85
N PRO G 84 20.64 3.62 -29.94
CA PRO G 84 22.00 4.14 -29.86
C PRO G 84 22.08 5.63 -29.56
N ALA G 85 21.14 6.42 -30.09
CA ALA G 85 21.12 7.86 -29.84
C ALA G 85 21.01 8.17 -28.35
N VAL G 86 20.24 7.35 -27.65
CA VAL G 86 20.11 7.48 -26.19
C VAL G 86 21.46 7.17 -25.52
N THR G 87 22.04 6.02 -25.85
CA THR G 87 23.33 5.63 -25.30
C THR G 87 24.38 6.72 -25.53
N ILE G 88 24.46 7.22 -26.76
CA ILE G 88 25.42 8.27 -27.11
C ILE G 88 25.13 9.56 -26.34
N ALA G 89 23.87 9.94 -26.24
CA ALA G 89 23.48 11.14 -25.50
C ALA G 89 23.86 11.00 -24.00
N LEU G 90 23.59 9.84 -23.42
CA LEU G 90 23.84 9.61 -22.00
C LEU G 90 25.32 9.58 -21.72
N TRP G 91 26.09 9.08 -22.68
CA TRP G 91 27.55 9.08 -22.59
C TRP G 91 28.12 10.50 -22.62
N SER G 92 27.53 11.33 -23.47
CA SER G 92 27.96 12.72 -23.60
C SER G 92 27.75 13.56 -22.32
N ILE G 93 26.95 13.05 -21.39
CA ILE G 93 26.75 13.68 -20.08
C ILE G 93 27.57 12.99 -18.94
N GLY G 94 28.27 11.91 -19.29
CA GLY G 94 29.01 11.13 -18.30
C GLY G 94 28.09 10.32 -17.40
N ARG G 95 26.93 9.96 -17.92
CA ARG G 95 26.00 9.08 -17.23
C ARG G 95 26.11 7.65 -17.74
N PHE G 96 26.92 7.43 -18.77
CA PHE G 96 27.18 6.10 -19.27
C PHE G 96 28.65 5.94 -19.63
N PRO G 97 29.24 4.80 -19.24
CA PRO G 97 30.65 4.52 -19.51
C PRO G 97 30.99 4.43 -21.01
N GLY G 98 32.05 5.12 -21.42
CA GLY G 98 32.48 5.13 -22.82
C GLY G 98 32.82 3.73 -23.32
N ARG G 99 33.35 2.91 -22.41
CA ARG G 99 33.73 1.53 -22.71
C ARG G 99 32.56 0.68 -23.19
N GLU G 100 31.34 1.11 -22.84
CA GLU G 100 30.13 0.33 -23.10
C GLU G 100 29.22 0.89 -24.19
N VAL G 101 29.57 2.05 -24.77
CA VAL G 101 28.75 2.65 -25.81
C VAL G 101 28.76 1.80 -27.08
N VAL G 102 29.95 1.42 -27.54
CA VAL G 102 30.05 0.57 -28.74
C VAL G 102 29.44 -0.81 -28.56
N PRO G 103 29.68 -1.47 -27.42
CA PRO G 103 29.02 -2.74 -27.14
C PRO G 103 27.50 -2.64 -27.09
N TYR G 104 26.98 -1.55 -26.52
CA TYR G 104 25.54 -1.33 -26.44
C TYR G 104 24.91 -1.16 -27.83
N ILE G 105 25.54 -0.33 -28.65
CA ILE G 105 25.04 -0.02 -30.00
C ILE G 105 25.03 -1.27 -30.90
N VAL G 106 26.06 -2.10 -30.75
CA VAL G 106 26.11 -3.39 -31.45
C VAL G 106 24.98 -4.31 -31.03
N ALA G 107 24.73 -4.39 -29.72
CA ALA G 107 23.60 -5.17 -29.16
C ALA G 107 22.27 -4.70 -29.74
N GLN G 108 22.12 -3.39 -29.83
CA GLN G 108 20.95 -2.75 -30.43
C GLN G 108 20.78 -3.10 -31.90
N PHE G 109 21.84 -2.96 -32.66
CA PHE G 109 21.81 -3.28 -34.08
C PHE G 109 21.46 -4.75 -34.30
N ILE G 110 22.13 -5.65 -33.58
CA ILE G 110 21.86 -7.09 -33.71
C ILE G 110 20.41 -7.41 -33.38
N GLY G 111 19.92 -6.81 -32.31
CA GLY G 111 18.53 -6.99 -31.90
C GLY G 111 17.53 -6.46 -32.92
N ALA G 112 17.86 -5.32 -33.52
CA ALA G 112 17.02 -4.71 -34.55
C ALA G 112 16.92 -5.56 -35.81
N ALA G 113 18.06 -6.09 -36.25
CA ALA G 113 18.11 -6.97 -37.43
C ALA G 113 17.29 -8.24 -37.19
N LEU G 114 17.45 -8.82 -36.01
CA LEU G 114 16.69 -10.00 -35.61
C LEU G 114 15.17 -9.76 -35.61
N GLY G 115 14.73 -8.63 -35.05
CA GLY G 115 13.30 -8.28 -34.99
C GLY G 115 12.69 -8.07 -36.36
N SER G 116 13.45 -7.38 -37.22
CA SER G 116 13.03 -7.11 -38.59
C SER G 116 12.95 -8.41 -39.41
N LEU G 117 14.00 -9.23 -39.34
CA LEU G 117 14.05 -10.54 -40.00
C LEU G 117 12.94 -11.49 -39.54
N LEU G 118 12.76 -11.58 -38.23
CA LEU G 118 11.72 -12.46 -37.66
C LEU G 118 10.31 -12.03 -38.10
N PHE G 119 10.01 -10.73 -38.03
CA PHE G 119 8.72 -10.24 -38.53
C PHE G 119 8.53 -10.67 -39.97
N LEU G 120 9.55 -10.43 -40.80
CA LEU G 120 9.53 -10.82 -42.21
C LEU G 120 9.12 -12.29 -42.34
N ALA G 121 9.84 -13.16 -41.63
CA ALA G 121 9.55 -14.60 -41.63
C ALA G 121 8.11 -14.90 -41.22
N CYS G 122 7.67 -14.24 -40.16
CA CYS G 122 6.31 -14.42 -39.64
C CYS G 122 5.21 -14.16 -40.69
N VAL G 123 5.38 -13.13 -41.50
CA VAL G 123 4.31 -12.65 -42.39
C VAL G 123 4.43 -13.18 -43.83
N GLY G 124 5.63 -13.08 -44.38
CA GLY G 124 5.89 -13.43 -45.76
C GLY G 124 6.55 -12.26 -46.45
N PRO G 125 6.96 -12.46 -47.73
CA PRO G 125 7.63 -11.41 -48.49
C PRO G 125 6.80 -10.14 -48.60
N ALA G 126 5.48 -10.28 -48.66
CA ALA G 126 4.57 -9.14 -48.66
C ALA G 126 5.00 -8.08 -47.65
N ALA G 127 5.46 -8.55 -46.48
CA ALA G 127 5.96 -7.70 -45.40
C ALA G 127 7.01 -6.67 -45.84
N ALA G 128 7.79 -7.01 -46.86
CA ALA G 128 8.81 -6.13 -47.40
C ALA G 128 8.32 -5.45 -48.69
N THR G 129 7.89 -6.26 -49.66
CA THR G 129 7.45 -5.75 -50.97
C THR G 129 6.22 -4.84 -50.87
N VAL G 130 5.33 -5.11 -49.92
CA VAL G 130 4.17 -4.27 -49.70
C VAL G 130 4.31 -3.37 -48.46
N GLY G 131 4.96 -3.89 -47.43
CA GLY G 131 5.09 -3.17 -46.15
C GLY G 131 6.37 -2.36 -46.00
N GLY G 132 7.38 -2.68 -46.80
CA GLY G 132 8.70 -2.04 -46.70
C GLY G 132 9.47 -2.35 -45.42
N LEU G 133 9.03 -3.41 -44.71
CA LEU G 133 9.48 -3.72 -43.36
C LEU G 133 9.41 -2.50 -42.41
N GLY G 134 8.48 -1.58 -42.70
CA GLY G 134 8.31 -0.34 -41.94
C GLY G 134 9.53 0.57 -41.89
N ALA G 135 10.39 0.50 -42.91
CA ALA G 135 11.64 1.27 -42.95
C ALA G 135 11.32 2.76 -43.07
N THR G 136 12.15 3.60 -42.45
CA THR G 136 11.90 5.03 -42.46
C THR G 136 12.59 5.63 -43.65
N ALA G 137 11.96 6.64 -44.22
CA ALA G 137 12.55 7.41 -45.31
C ALA G 137 11.68 8.64 -45.55
N PRO G 138 12.27 9.72 -46.11
CA PRO G 138 11.54 10.98 -46.25
C PRO G 138 10.23 10.78 -46.97
N PHE G 139 9.28 11.69 -46.77
CA PHE G 139 8.01 11.61 -47.49
C PHE G 139 7.93 12.58 -48.69
N PRO G 140 6.98 12.33 -49.59
CA PRO G 140 6.81 13.17 -50.78
C PRO G 140 6.87 14.67 -50.48
N GLY G 141 7.85 15.34 -51.09
CA GLY G 141 8.07 16.78 -50.91
C GLY G 141 8.89 17.13 -49.69
N ILE G 142 9.68 16.18 -49.20
CA ILE G 142 10.53 16.40 -48.02
C ILE G 142 12.00 16.11 -48.32
N GLY G 143 12.82 17.17 -48.35
CA GLY G 143 14.24 17.06 -48.65
C GLY G 143 15.04 16.49 -47.49
N TYR G 144 16.32 16.21 -47.74
CA TYR G 144 17.23 15.70 -46.69
C TYR G 144 17.42 16.73 -45.58
N GLY G 145 17.54 18.00 -45.98
CA GLY G 145 17.72 19.10 -45.03
C GLY G 145 16.63 19.09 -43.97
N GLN G 146 15.39 19.04 -44.42
CA GLN G 146 14.25 19.06 -43.52
C GLN G 146 14.11 17.70 -42.78
N ALA G 147 14.50 16.63 -43.45
CA ALA G 147 14.36 15.27 -42.90
C ALA G 147 15.20 15.06 -41.65
N ILE G 148 16.43 15.58 -41.63
CA ILE G 148 17.25 15.51 -40.43
C ILE G 148 16.73 16.47 -39.35
N LEU G 149 16.23 17.64 -39.74
CA LEU G 149 15.75 18.63 -38.77
C LEU G 149 14.51 18.12 -38.06
N THR G 150 13.59 17.50 -38.78
CA THR G 150 12.38 16.95 -38.14
C THR G 150 12.74 15.75 -37.25
N GLU G 151 13.73 14.98 -37.67
CA GLU G 151 14.24 13.87 -36.86
C GLU G 151 15.02 14.34 -35.63
N ALA G 152 15.65 15.51 -35.72
CA ALA G 152 16.35 16.09 -34.57
C ALA G 152 15.36 16.69 -33.59
N ILE G 153 14.41 17.48 -34.11
CA ILE G 153 13.34 18.04 -33.29
C ILE G 153 12.49 16.93 -32.64
N GLY G 154 12.38 15.81 -33.34
CA GLY G 154 11.70 14.63 -32.79
C GLY G 154 12.43 14.00 -31.62
N THR G 155 13.69 13.63 -31.84
CA THR G 155 14.46 12.91 -30.84
C THR G 155 14.89 13.84 -29.72
N PHE G 156 14.79 15.14 -29.96
CA PHE G 156 15.04 16.14 -28.93
C PHE G 156 14.00 16.06 -27.84
N LEU G 157 12.73 15.98 -28.25
CA LEU G 157 11.65 15.85 -27.28
C LEU G 157 11.75 14.52 -26.56
N LEU G 158 12.03 13.43 -27.27
CA LEU G 158 12.24 12.14 -26.61
C LEU G 158 13.28 12.24 -25.49
N MET G 159 14.51 12.59 -25.85
CA MET G 159 15.57 12.59 -24.85
C MET G 159 15.23 13.50 -23.67
N LEU G 160 14.58 14.63 -23.96
CA LEU G 160 14.20 15.58 -22.94
C LEU G 160 13.32 14.94 -21.89
N VAL G 161 12.45 14.03 -22.32
CA VAL G 161 11.60 13.28 -21.38
C VAL G 161 12.43 12.25 -20.64
N ILE G 162 13.33 11.59 -21.36
CA ILE G 162 14.23 10.60 -20.75
C ILE G 162 15.09 11.21 -19.62
N MET G 163 15.48 12.48 -19.77
CA MET G 163 16.18 13.20 -18.71
C MET G 163 15.24 13.47 -17.55
N GLY G 164 14.06 13.97 -17.87
CA GLY G 164 13.13 14.46 -16.87
C GLY G 164 12.44 13.40 -16.03
N VAL G 165 12.18 12.23 -16.62
CA VAL G 165 11.38 11.21 -15.93
C VAL G 165 12.14 9.91 -15.69
N ALA G 166 13.43 9.87 -16.02
CA ALA G 166 14.24 8.66 -15.86
C ALA G 166 15.62 8.94 -15.28
N VAL G 167 16.36 9.89 -15.85
CA VAL G 167 17.70 10.17 -15.34
C VAL G 167 17.70 11.02 -14.06
N ASP G 168 16.79 12.00 -13.99
CA ASP G 168 16.73 12.94 -12.86
C ASP G 168 16.31 12.27 -11.54
N GLU G 169 17.19 12.38 -10.55
CA GLU G 169 16.94 11.85 -9.20
C GLU G 169 15.55 12.21 -8.66
N ARG G 170 15.01 13.37 -9.05
CA ARG G 170 13.75 13.85 -8.50
C ARG G 170 12.54 13.33 -9.29
N ALA G 171 12.75 12.39 -10.22
CA ALA G 171 11.65 11.91 -11.07
C ALA G 171 10.77 10.91 -10.33
N PRO G 172 9.43 11.03 -10.48
CA PRO G 172 8.49 10.17 -9.78
C PRO G 172 8.67 8.73 -10.24
N PRO G 173 8.91 7.81 -9.29
CA PRO G 173 9.32 6.47 -9.67
C PRO G 173 8.17 5.62 -10.21
N GLY G 174 8.47 4.84 -11.24
CA GLY G 174 7.48 3.97 -11.87
C GLY G 174 6.83 4.53 -13.11
N PHE G 175 6.80 5.85 -13.25
CA PHE G 175 6.13 6.47 -14.41
C PHE G 175 6.99 6.36 -15.66
N ALA G 176 8.30 6.27 -15.48
CA ALA G 176 9.28 6.18 -16.56
C ALA G 176 8.84 5.43 -17.83
N GLY G 177 8.57 4.13 -17.70
CA GLY G 177 8.25 3.28 -18.87
C GLY G 177 7.06 3.81 -19.64
N LEU G 178 5.95 4.00 -18.92
CA LEU G 178 4.72 4.47 -19.48
C LEU G 178 4.93 5.83 -20.14
N VAL G 179 5.46 6.80 -19.41
CA VAL G 179 5.65 8.15 -19.97
C VAL G 179 6.57 8.16 -21.20
N ILE G 180 7.75 7.55 -21.10
CA ILE G 180 8.69 7.56 -22.22
C ILE G 180 8.07 6.96 -23.48
N GLY G 181 7.35 5.86 -23.33
CA GLY G 181 6.73 5.18 -24.46
C GLY G 181 5.63 6.03 -25.09
N LEU G 182 4.67 6.46 -24.26
CA LEU G 182 3.56 7.30 -24.71
C LEU G 182 4.07 8.57 -25.41
N THR G 183 5.19 9.12 -24.93
CA THR G 183 5.82 10.27 -25.58
C THR G 183 6.20 9.95 -27.02
N VAL G 184 6.94 8.85 -27.23
CA VAL G 184 7.32 8.38 -28.57
C VAL G 184 6.05 8.26 -29.43
N GLY G 185 5.03 7.58 -28.88
CA GLY G 185 3.74 7.40 -29.57
C GLY G 185 3.22 8.72 -30.11
N GLY G 186 3.28 9.74 -29.26
CA GLY G 186 2.89 11.10 -29.62
C GLY G 186 3.69 11.66 -30.77
N ILE G 187 5.01 11.53 -30.71
CA ILE G 187 5.90 12.07 -31.73
C ILE G 187 5.60 11.44 -33.09
N ILE G 188 5.48 10.11 -33.12
CA ILE G 188 5.19 9.40 -34.38
C ILE G 188 3.91 9.91 -35.03
N THR G 189 2.86 10.12 -34.23
CA THR G 189 1.59 10.65 -34.73
C THR G 189 1.80 11.93 -35.56
N THR G 190 2.61 12.86 -35.06
CA THR G 190 2.88 14.11 -35.81
C THR G 190 3.91 13.91 -36.90
N ILE G 191 5.07 13.39 -36.53
CA ILE G 191 6.26 13.34 -37.43
C ILE G 191 6.23 12.18 -38.44
N GLY G 192 5.34 11.21 -38.19
CA GLY G 192 5.29 9.98 -38.96
C GLY G 192 5.29 10.20 -40.44
N ASN G 193 4.33 10.98 -40.91
CA ASN G 193 4.19 11.21 -42.36
C ASN G 193 5.16 12.25 -42.92
N ILE G 194 6.18 12.61 -42.15
CA ILE G 194 7.22 13.51 -42.64
C ILE G 194 8.55 12.76 -42.89
N THR G 195 8.95 11.90 -41.95
CA THR G 195 10.17 11.09 -42.11
C THR G 195 10.03 9.62 -41.69
N GLY G 196 8.82 9.22 -41.27
CA GLY G 196 8.62 7.89 -40.67
C GLY G 196 8.94 7.86 -39.17
N SER G 197 9.26 9.02 -38.61
CA SER G 197 9.56 9.17 -37.18
C SER G 197 10.37 8.02 -36.61
N SER G 198 11.64 7.97 -36.99
CA SER G 198 12.55 6.91 -36.54
C SER G 198 13.06 7.20 -35.11
N LEU G 199 13.69 8.36 -34.96
CA LEU G 199 14.27 8.81 -33.68
C LEU G 199 15.40 7.90 -33.22
N ASN G 200 15.86 7.01 -34.10
CA ASN G 200 16.61 5.82 -33.68
C ASN G 200 17.33 5.11 -34.83
N PRO G 201 18.68 5.17 -34.87
CA PRO G 201 19.51 4.48 -35.88
C PRO G 201 19.34 2.97 -35.95
N ALA G 202 19.21 2.29 -34.81
CA ALA G 202 19.00 0.84 -34.80
C ALA G 202 17.61 0.46 -35.34
N ARG G 203 16.62 1.31 -35.08
CA ARG G 203 15.25 1.09 -35.54
C ARG G 203 15.09 1.32 -37.04
N THR G 204 15.92 2.21 -37.59
CA THR G 204 16.01 2.39 -39.04
C THR G 204 16.83 1.27 -39.68
N PHE G 205 17.99 0.97 -39.09
CA PHE G 205 18.86 -0.10 -39.58
C PHE G 205 18.13 -1.41 -39.86
N GLY G 206 17.44 -1.92 -38.85
CA GLY G 206 16.70 -3.21 -38.95
C GLY G 206 16.00 -3.45 -40.28
N PRO G 207 14.92 -2.69 -40.53
CA PRO G 207 14.24 -2.70 -41.82
C PRO G 207 15.17 -2.54 -43.03
N TYR G 208 16.08 -1.56 -42.98
CA TYR G 208 17.00 -1.30 -44.11
C TYR G 208 17.79 -2.54 -44.52
N LEU G 209 18.20 -3.32 -43.52
CA LEU G 209 18.87 -4.59 -43.76
C LEU G 209 17.92 -5.57 -44.44
N GLY G 210 16.81 -5.89 -43.77
CA GLY G 210 15.80 -6.80 -44.32
C GLY G 210 15.42 -6.44 -45.74
N ASP G 211 15.13 -5.15 -45.95
CA ASP G 211 14.78 -4.62 -47.25
C ASP G 211 15.87 -4.83 -48.28
N SER G 212 17.10 -4.44 -47.97
CA SER G 212 18.21 -4.64 -48.90
C SER G 212 18.59 -6.11 -49.06
N LEU G 213 18.13 -6.95 -48.13
CA LEU G 213 18.24 -8.39 -48.25
C LEU G 213 17.16 -8.92 -49.18
N MET G 214 16.01 -8.26 -49.14
CA MET G 214 14.86 -8.60 -49.98
C MET G 214 14.87 -7.81 -51.31
N GLY G 215 16.02 -7.25 -51.67
CA GLY G 215 16.20 -6.56 -52.96
C GLY G 215 15.99 -5.06 -52.94
N ILE G 216 15.55 -4.51 -51.81
CA ILE G 216 15.20 -3.07 -51.72
C ILE G 216 16.24 -2.26 -50.92
N ASN G 217 17.22 -1.75 -51.66
CA ASN G 217 18.34 -0.98 -51.13
C ASN G 217 17.93 0.47 -50.80
N LEU G 218 18.08 0.90 -49.55
CA LEU G 218 17.69 2.27 -49.12
C LEU G 218 18.73 3.02 -48.29
N TRP G 219 19.97 2.54 -48.27
CA TRP G 219 21.02 3.10 -47.38
C TRP G 219 21.39 4.55 -47.71
N GLN G 220 20.97 5.04 -48.88
CA GLN G 220 21.09 6.46 -49.25
C GLN G 220 20.53 7.38 -48.16
N TYR G 221 19.48 6.91 -47.48
CA TYR G 221 18.79 7.71 -46.48
C TYR G 221 19.28 7.50 -45.04
N PHE G 222 20.16 6.52 -44.82
CA PHE G 222 20.61 6.16 -43.47
C PHE G 222 21.20 7.33 -42.64
N PRO G 223 22.05 8.17 -43.25
CA PRO G 223 22.58 9.31 -42.50
C PRO G 223 21.50 10.19 -41.81
N ILE G 224 20.36 10.36 -42.47
CA ILE G 224 19.27 11.15 -41.91
C ILE G 224 18.82 10.60 -40.55
N TYR G 225 18.98 9.29 -40.37
CA TYR G 225 18.54 8.60 -39.15
C TYR G 225 19.65 8.29 -38.16
N VAL G 226 20.87 8.75 -38.48
CA VAL G 226 22.00 8.73 -37.58
C VAL G 226 22.26 10.15 -37.08
N ILE G 227 22.53 11.06 -38.02
CA ILE G 227 22.80 12.46 -37.70
C ILE G 227 21.64 13.10 -36.93
N GLY G 228 20.44 13.01 -37.50
CA GLY G 228 19.23 13.65 -36.97
C GLY G 228 18.97 13.34 -35.51
N PRO G 229 18.78 12.05 -35.20
CA PRO G 229 18.55 11.54 -33.83
C PRO G 229 19.63 11.87 -32.80
N ILE G 230 20.89 11.73 -33.18
CA ILE G 230 22.00 12.03 -32.27
C ILE G 230 22.05 13.52 -31.94
N VAL G 231 22.06 14.37 -32.97
CA VAL G 231 22.12 15.83 -32.76
C VAL G 231 20.90 16.29 -31.93
N GLY G 232 19.77 15.63 -32.13
CA GLY G 232 18.60 15.87 -31.28
C GLY G 232 18.75 15.44 -29.82
N ALA G 233 19.27 14.23 -29.61
CA ALA G 233 19.47 13.64 -28.27
C ALA G 233 20.54 14.33 -27.43
N VAL G 234 21.70 14.57 -28.05
CA VAL G 234 22.80 15.25 -27.38
C VAL G 234 22.37 16.68 -27.04
N ALA G 235 21.71 17.36 -27.97
CA ALA G 235 21.17 18.69 -27.71
C ALA G 235 20.23 18.69 -26.50
N ALA G 236 19.30 17.74 -26.47
CA ALA G 236 18.33 17.65 -25.37
C ALA G 236 19.00 17.41 -24.01
N ALA G 237 19.91 16.44 -23.99
CA ALA G 237 20.60 16.06 -22.76
C ALA G 237 21.33 17.26 -22.17
N TRP G 238 22.12 17.93 -23.00
CA TRP G 238 22.91 19.08 -22.56
C TRP G 238 22.06 20.29 -22.21
N LEU G 239 20.96 20.51 -22.93
CA LEU G 239 20.06 21.59 -22.58
C LEU G 239 19.44 21.34 -21.21
N TYR G 240 19.00 20.10 -20.97
CA TYR G 240 18.34 19.74 -19.72
C TYR G 240 19.17 20.13 -18.49
N ASN G 241 20.42 19.68 -18.49
CA ASN G 241 21.35 19.93 -17.41
C ASN G 241 21.56 21.42 -17.19
N TYR G 242 21.65 22.17 -18.27
CA TYR G 242 21.80 23.63 -18.17
C TYR G 242 20.61 24.25 -17.46
N LEU G 243 19.42 23.76 -17.76
CA LEU G 243 18.20 24.33 -17.19
C LEU G 243 17.96 23.89 -15.76
N ALA G 244 18.45 22.71 -15.38
CA ALA G 244 18.15 22.10 -14.06
C ALA G 244 19.25 22.24 -13.00
N LYS G 245 20.11 23.25 -13.11
CA LYS G 245 21.18 23.47 -12.11
C LYS G 245 21.71 24.90 -12.20
N THR H 2 13.73 27.82 -6.60
CA THR H 2 14.35 26.84 -7.53
C THR H 2 15.32 27.54 -8.53
N MET H 3 14.92 27.64 -9.79
CA MET H 3 15.76 28.19 -10.86
C MET H 3 15.47 29.66 -11.16
N THR H 4 16.50 30.40 -11.58
CA THR H 4 16.36 31.81 -11.95
C THR H 4 15.25 32.04 -12.99
N LEU H 5 14.57 33.20 -12.90
CA LEU H 5 13.48 33.56 -13.85
C LEU H 5 13.93 33.49 -15.31
N ALA H 6 15.16 33.89 -15.56
CA ALA H 6 15.78 33.80 -16.88
C ALA H 6 15.67 32.38 -17.44
N LYS H 7 15.90 31.40 -16.56
CA LYS H 7 15.84 29.99 -16.94
C LYS H 7 14.43 29.43 -16.96
N ARG H 8 13.52 30.01 -16.19
CA ARG H 8 12.11 29.61 -16.26
C ARG H 8 11.47 30.19 -17.52
N PHE H 9 11.94 31.36 -17.93
CA PHE H 9 11.51 31.95 -19.19
C PHE H 9 11.85 31.05 -20.37
N THR H 10 13.12 30.68 -20.44
CA THR H 10 13.62 29.84 -21.55
C THR H 10 13.03 28.44 -21.44
N ALA H 11 12.69 28.00 -20.23
CA ALA H 11 11.95 26.75 -20.04
C ALA H 11 10.52 26.87 -20.61
N GLU H 12 9.86 28.01 -20.38
CA GLU H 12 8.52 28.26 -20.91
C GLU H 12 8.47 28.39 -22.43
N VAL H 13 9.57 28.87 -23.02
CA VAL H 13 9.71 28.95 -24.48
C VAL H 13 9.77 27.54 -25.06
N VAL H 14 10.78 26.78 -24.65
CA VAL H 14 10.99 25.42 -25.13
C VAL H 14 9.76 24.52 -24.92
N GLY H 15 8.98 24.79 -23.88
CA GLY H 15 7.75 24.05 -23.60
C GLY H 15 6.63 24.36 -24.57
N THR H 16 6.35 25.64 -24.75
CA THR H 16 5.25 26.08 -25.61
C THR H 16 5.57 25.84 -27.08
N PHE H 17 6.87 25.80 -27.37
CA PHE H 17 7.37 25.45 -28.70
C PHE H 17 6.95 24.02 -29.05
N ILE H 18 7.18 23.09 -28.13
CA ILE H 18 6.82 21.70 -28.33
C ILE H 18 5.31 21.53 -28.34
N LEU H 19 4.60 22.29 -27.50
CA LEU H 19 3.14 22.29 -27.55
C LEU H 19 2.65 22.63 -28.98
N VAL H 20 3.14 23.72 -29.57
CA VAL H 20 2.62 24.15 -30.87
C VAL H 20 3.25 23.45 -32.07
N PHE H 21 4.36 22.77 -31.87
CA PHE H 21 5.00 22.09 -33.01
C PHE H 21 4.20 20.83 -33.28
N PHE H 22 4.01 20.05 -32.23
CA PHE H 22 3.46 18.70 -32.34
C PHE H 22 1.94 18.70 -32.27
N GLY H 23 1.39 19.50 -31.36
CA GLY H 23 -0.06 19.57 -31.18
C GLY H 23 -0.75 19.93 -32.49
N PRO H 24 -0.67 21.22 -32.89
CA PRO H 24 -1.30 21.64 -34.14
C PRO H 24 -0.62 21.02 -35.37
N GLY H 25 0.58 20.45 -35.21
CA GLY H 25 1.30 19.79 -36.32
C GLY H 25 0.54 18.57 -36.81
N ALA H 26 -0.05 17.84 -35.87
CA ALA H 26 -0.91 16.69 -36.18
C ALA H 26 -2.14 17.10 -37.00
N ALA H 27 -2.76 18.22 -36.60
CA ALA H 27 -3.90 18.78 -37.34
C ALA H 27 -3.56 19.03 -38.81
N VAL H 28 -2.38 19.60 -39.03
CA VAL H 28 -1.87 19.88 -40.38
C VAL H 28 -1.70 18.60 -41.16
N ILE H 29 -1.03 17.63 -40.56
CA ILE H 29 -0.74 16.37 -41.25
C ILE H 29 -2.02 15.57 -41.52
N THR H 30 -2.99 15.62 -40.61
CA THR H 30 -4.30 15.02 -40.88
C THR H 30 -4.85 15.61 -42.17
N LEU H 31 -4.96 16.94 -42.20
CA LEU H 31 -5.52 17.67 -43.36
C LEU H 31 -4.74 17.37 -44.65
N MET H 32 -3.42 17.38 -44.54
CA MET H 32 -2.57 17.12 -45.71
C MET H 32 -2.75 15.71 -46.28
N ILE H 33 -2.76 14.69 -45.43
CA ILE H 33 -2.90 13.31 -45.94
C ILE H 33 -4.33 12.99 -46.37
N ALA H 34 -5.30 13.67 -45.75
CA ALA H 34 -6.71 13.52 -46.09
C ALA H 34 -7.14 14.45 -47.25
N ASN H 35 -6.22 15.32 -47.70
CA ASN H 35 -6.52 16.27 -48.78
C ASN H 35 -6.88 15.59 -50.12
N GLY H 36 -8.15 15.73 -50.49
CA GLY H 36 -8.66 15.15 -51.70
C GLY H 36 -9.83 14.22 -51.43
N ALA H 37 -9.89 13.64 -50.24
CA ALA H 37 -10.90 12.65 -49.94
C ALA H 37 -12.30 13.27 -49.86
N ASP H 38 -13.33 12.44 -50.08
CA ASP H 38 -14.74 12.87 -50.01
C ASP H 38 -15.11 13.44 -48.64
N LYS H 39 -15.36 14.74 -48.55
CA LYS H 39 -15.92 15.34 -47.35
C LYS H 39 -17.47 15.33 -47.50
N PRO H 40 -18.18 14.44 -46.78
CA PRO H 40 -19.59 14.11 -47.01
C PRO H 40 -20.59 15.13 -46.48
N ASN H 41 -20.11 16.18 -45.82
CA ASN H 41 -20.93 17.39 -45.63
C ASN H 41 -20.06 18.59 -45.30
N GLU H 42 -20.70 19.74 -45.09
CA GLU H 42 -19.99 21.00 -44.86
C GLU H 42 -19.26 20.99 -43.52
N PHE H 43 -19.87 20.37 -42.52
CA PHE H 43 -19.32 20.36 -41.19
C PHE H 43 -17.95 19.65 -41.16
N ASN H 44 -17.78 18.67 -42.03
CA ASN H 44 -16.54 17.94 -42.15
C ASN H 44 -15.59 18.70 -43.06
N ILE H 45 -14.51 19.22 -42.51
CA ILE H 45 -13.56 19.99 -43.31
C ILE H 45 -12.30 19.20 -43.60
N GLY H 46 -12.35 17.88 -43.52
CA GLY H 46 -11.19 17.03 -43.89
C GLY H 46 -10.66 16.20 -42.72
N ILE H 47 -10.67 16.81 -41.54
CA ILE H 47 -10.45 16.08 -40.33
C ILE H 47 -11.73 15.25 -40.07
N GLY H 48 -11.54 13.94 -40.05
CA GLY H 48 -12.65 13.00 -39.94
C GLY H 48 -13.01 12.36 -41.26
N ALA H 49 -12.51 12.94 -42.35
CA ALA H 49 -12.79 12.42 -43.68
C ALA H 49 -12.40 10.96 -43.86
N LEU H 50 -11.17 10.63 -43.45
CA LEU H 50 -10.64 9.27 -43.60
C LEU H 50 -10.78 8.39 -42.33
N GLY H 51 -10.50 8.97 -41.17
CA GLY H 51 -10.54 8.24 -39.90
C GLY H 51 -11.64 8.64 -38.91
N GLY H 52 -12.66 9.35 -39.41
CA GLY H 52 -13.78 9.78 -38.57
C GLY H 52 -13.29 10.53 -37.32
N LEU H 53 -14.02 10.36 -36.23
CA LEU H 53 -13.69 11.02 -34.97
C LEU H 53 -12.35 10.51 -34.45
N GLY H 54 -11.96 9.32 -34.90
CA GLY H 54 -10.63 8.77 -34.63
C GLY H 54 -9.50 9.68 -35.07
N ASP H 55 -9.76 10.47 -36.12
CA ASP H 55 -8.83 11.52 -36.53
C ASP H 55 -8.69 12.59 -35.42
N TRP H 56 -9.81 13.03 -34.86
CA TRP H 56 -9.78 14.00 -33.77
C TRP H 56 -9.09 13.46 -32.50
N PHE H 57 -9.30 12.18 -32.16
CA PHE H 57 -8.65 11.58 -31.00
C PHE H 57 -7.15 11.45 -31.27
N ALA H 58 -6.81 11.05 -32.49
CA ALA H 58 -5.40 11.03 -32.95
C ALA H 58 -4.75 12.38 -32.66
N ILE H 59 -5.41 13.44 -33.13
CA ILE H 59 -4.93 14.82 -32.93
C ILE H 59 -4.87 15.17 -31.44
N GLY H 60 -5.95 14.89 -30.72
CA GLY H 60 -5.96 15.15 -29.30
C GLY H 60 -4.81 14.47 -28.55
N MET H 61 -4.44 13.28 -29.00
CA MET H 61 -3.41 12.50 -28.33
C MET H 61 -2.03 13.03 -28.67
N ALA H 62 -1.88 13.49 -29.91
CA ALA H 62 -0.69 14.20 -30.31
C ALA H 62 -0.44 15.34 -29.32
N PHE H 63 -1.48 16.12 -29.07
CA PHE H 63 -1.42 17.18 -28.07
C PHE H 63 -1.11 16.62 -26.68
N ALA H 64 -1.94 15.67 -26.24
CA ALA H 64 -1.92 15.21 -24.85
C ALA H 64 -0.55 14.67 -24.49
N LEU H 65 -0.02 13.80 -25.34
CA LEU H 65 1.21 13.11 -25.01
C LEU H 65 2.41 14.06 -25.07
N ALA H 66 2.34 15.07 -25.94
CA ALA H 66 3.33 16.15 -25.99
C ALA H 66 3.28 17.02 -24.72
N ILE H 67 2.06 17.46 -24.35
CA ILE H 67 1.84 18.22 -23.11
C ILE H 67 2.39 17.45 -21.92
N ALA H 68 2.09 16.16 -21.84
CA ALA H 68 2.53 15.32 -20.70
C ALA H 68 4.02 15.30 -20.67
N ALA H 69 4.63 14.99 -21.81
CA ALA H 69 6.10 14.97 -21.94
C ALA H 69 6.73 16.24 -21.40
N VAL H 70 6.15 17.39 -21.76
CA VAL H 70 6.64 18.71 -21.32
C VAL H 70 6.57 18.91 -19.80
N ILE H 71 5.42 18.64 -19.19
CA ILE H 71 5.25 18.73 -17.75
C ILE H 71 6.30 17.84 -17.07
N TYR H 72 6.35 16.55 -17.45
CA TYR H 72 7.28 15.60 -16.82
C TYR H 72 8.75 15.96 -16.95
N SER H 73 9.12 16.70 -17.98
CA SER H 73 10.51 17.10 -18.19
C SER H 73 10.81 18.50 -17.65
N LEU H 74 9.88 19.43 -17.84
CA LEU H 74 10.15 20.84 -17.51
C LEU H 74 9.33 21.46 -16.37
N GLY H 75 8.24 20.80 -15.99
CA GLY H 75 7.39 21.25 -14.88
C GLY H 75 8.16 21.55 -13.61
N ARG H 76 9.11 20.69 -13.28
CA ARG H 76 10.03 20.96 -12.17
C ARG H 76 10.78 22.28 -12.31
N ILE H 77 10.89 22.83 -13.54
CA ILE H 77 11.70 24.03 -13.77
C ILE H 77 10.87 25.32 -13.81
N SER H 78 9.97 25.44 -14.77
CA SER H 78 9.18 26.65 -14.93
C SER H 78 7.82 26.54 -14.28
N GLY H 79 7.41 25.31 -14.00
CA GLY H 79 6.04 25.03 -13.67
C GLY H 79 5.35 24.40 -14.87
N ALA H 80 5.95 24.53 -16.05
CA ALA H 80 5.37 24.03 -17.29
C ALA H 80 3.95 24.57 -17.55
N HIS H 81 3.80 25.90 -17.53
CA HIS H 81 2.51 26.54 -17.81
C HIS H 81 2.15 26.44 -19.29
N ILE H 82 3.14 26.71 -20.15
CA ILE H 82 3.01 26.67 -21.62
C ILE H 82 1.64 27.18 -22.16
N ASN H 83 1.02 28.06 -21.37
CA ASN H 83 -0.33 28.53 -21.65
C ASN H 83 -0.58 29.77 -20.79
N PRO H 84 -0.92 30.90 -21.42
CA PRO H 84 -1.17 32.15 -20.71
C PRO H 84 -2.42 32.14 -19.86
N ALA H 85 -3.46 31.46 -20.31
CA ALA H 85 -4.68 31.34 -19.51
C ALA H 85 -4.40 30.69 -18.14
N VAL H 86 -3.51 29.69 -18.12
CA VAL H 86 -3.13 29.03 -16.87
C VAL H 86 -2.39 30.00 -15.96
N THR H 87 -1.38 30.67 -16.51
CA THR H 87 -0.62 31.69 -15.77
C THR H 87 -1.53 32.77 -15.18
N ILE H 88 -2.44 33.28 -15.99
CA ILE H 88 -3.41 34.28 -15.55
C ILE H 88 -4.37 33.75 -14.49
N ALA H 89 -4.86 32.52 -14.67
CA ALA H 89 -5.72 31.86 -13.69
C ALA H 89 -4.99 31.64 -12.34
N LEU H 90 -3.75 31.16 -12.40
CA LEU H 90 -2.99 30.91 -11.18
C LEU H 90 -2.66 32.20 -10.46
N TRP H 91 -2.42 33.25 -11.22
CA TRP H 91 -2.17 34.57 -10.66
C TRP H 91 -3.41 35.06 -9.92
N SER H 92 -4.57 34.85 -10.51
CA SER H 92 -5.83 35.30 -9.94
C SER H 92 -6.17 34.60 -8.61
N ILE H 93 -5.44 33.55 -8.26
CA ILE H 93 -5.59 32.91 -6.95
C ILE H 93 -4.43 33.29 -5.97
N GLY H 94 -3.46 34.05 -6.47
CA GLY H 94 -2.26 34.37 -5.68
C GLY H 94 -1.30 33.20 -5.55
N ARG H 95 -1.33 32.31 -6.52
CA ARG H 95 -0.40 31.18 -6.61
C ARG H 95 0.75 31.50 -7.57
N PHE H 96 0.65 32.62 -8.26
CA PHE H 96 1.73 33.05 -9.15
C PHE H 96 1.96 34.56 -9.03
N PRO H 97 3.23 34.97 -8.96
CA PRO H 97 3.58 36.37 -8.80
C PRO H 97 3.18 37.21 -9.99
N GLY H 98 2.53 38.33 -9.71
CA GLY H 98 2.08 39.25 -10.74
C GLY H 98 3.22 39.77 -11.59
N ARG H 99 4.39 39.93 -10.96
CA ARG H 99 5.56 40.42 -11.67
C ARG H 99 6.00 39.49 -12.81
N GLU H 100 5.59 38.22 -12.74
CA GLU H 100 6.04 37.19 -13.67
C GLU H 100 4.98 36.75 -14.69
N VAL H 101 3.76 37.28 -14.62
CA VAL H 101 2.69 36.89 -15.56
C VAL H 101 2.97 37.39 -16.99
N VAL H 102 3.34 38.65 -17.12
CA VAL H 102 3.70 39.20 -18.43
C VAL H 102 4.95 38.55 -19.03
N PRO H 103 6.02 38.38 -18.23
CA PRO H 103 7.20 37.65 -18.72
C PRO H 103 6.90 36.22 -19.16
N TYR H 104 6.04 35.53 -18.41
CA TYR H 104 5.67 34.16 -18.76
C TYR H 104 4.93 34.12 -20.10
N ILE H 105 3.93 34.99 -20.24
CA ILE H 105 3.08 35.02 -21.42
C ILE H 105 3.90 35.34 -22.68
N VAL H 106 4.85 36.26 -22.56
CA VAL H 106 5.77 36.56 -23.64
C VAL H 106 6.61 35.34 -24.03
N ALA H 107 7.12 34.62 -23.03
CA ALA H 107 7.88 33.38 -23.24
C ALA H 107 7.06 32.32 -23.99
N GLN H 108 5.79 32.22 -23.60
CA GLN H 108 4.82 31.35 -24.25
C GLN H 108 4.59 31.75 -25.72
N PHE H 109 4.32 33.03 -25.95
CA PHE H 109 4.07 33.52 -27.31
C PHE H 109 5.28 33.32 -28.22
N ILE H 110 6.48 33.67 -27.73
CA ILE H 110 7.72 33.46 -28.48
C ILE H 110 7.93 31.98 -28.81
N GLY H 111 7.69 31.12 -27.83
CA GLY H 111 7.81 29.67 -28.04
C GLY H 111 6.80 29.14 -29.05
N ALA H 112 5.58 29.66 -28.99
CA ALA H 112 4.52 29.26 -29.89
C ALA H 112 4.83 29.66 -31.33
N ALA H 113 5.33 30.88 -31.54
CA ALA H 113 5.70 31.35 -32.88
C ALA H 113 6.83 30.50 -33.46
N LEU H 114 7.81 30.17 -32.63
CA LEU H 114 8.93 29.32 -33.01
C LEU H 114 8.49 27.92 -33.43
N GLY H 115 7.59 27.31 -32.66
CA GLY H 115 7.10 25.97 -32.97
C GLY H 115 6.30 25.92 -34.26
N SER H 116 5.47 26.94 -34.47
CA SER H 116 4.64 27.06 -35.66
C SER H 116 5.53 27.29 -36.90
N LEU H 117 6.44 28.25 -36.82
CA LEU H 117 7.42 28.53 -37.89
C LEU H 117 8.29 27.34 -38.26
N LEU H 118 8.83 26.67 -37.24
CA LEU H 118 9.69 25.50 -37.45
C LEU H 118 8.93 24.37 -38.13
N PHE H 119 7.73 24.06 -37.66
CA PHE H 119 6.92 23.04 -38.32
C PHE H 119 6.74 23.39 -39.79
N LEU H 120 6.39 24.64 -40.05
CA LEU H 120 6.22 25.15 -41.42
C LEU H 120 7.45 24.83 -42.24
N ALA H 121 8.61 25.22 -41.73
CA ALA H 121 9.89 24.97 -42.42
C ALA H 121 10.09 23.48 -42.69
N CYS H 122 9.82 22.67 -41.68
CA CYS H 122 10.00 21.22 -41.78
C CYS H 122 9.23 20.59 -42.95
N VAL H 123 7.99 21.04 -43.15
CA VAL H 123 7.08 20.36 -44.07
C VAL H 123 7.04 21.00 -45.45
N GLY H 124 6.91 22.32 -45.47
CA GLY H 124 6.75 23.08 -46.72
C GLY H 124 5.52 23.96 -46.62
N PRO H 125 5.28 24.80 -47.63
CA PRO H 125 4.13 25.71 -47.65
C PRO H 125 2.79 24.99 -47.49
N ALA H 126 2.71 23.76 -48.03
CA ALA H 126 1.53 22.90 -47.90
C ALA H 126 1.01 22.93 -46.48
N ALA H 127 1.93 22.92 -45.52
CA ALA H 127 1.61 23.00 -44.07
C ALA H 127 0.66 24.13 -43.70
N ALA H 128 0.72 25.24 -44.44
CA ALA H 128 -0.14 26.40 -44.24
C ALA H 128 -1.30 26.42 -45.23
N THR H 129 -0.96 26.39 -46.51
CA THR H 129 -1.98 26.45 -47.56
C THR H 129 -2.95 25.27 -47.54
N VAL H 130 -2.47 24.10 -47.13
CA VAL H 130 -3.35 22.92 -47.01
C VAL H 130 -3.69 22.59 -45.55
N GLY H 131 -2.73 22.79 -44.64
CA GLY H 131 -2.88 22.45 -43.22
C GLY H 131 -3.35 23.58 -42.32
N GLY H 132 -3.24 24.82 -42.80
CA GLY H 132 -3.63 26.00 -42.03
C GLY H 132 -2.78 26.22 -40.80
N LEU H 133 -1.60 25.59 -40.77
CA LEU H 133 -0.74 25.51 -39.59
C LEU H 133 -1.51 25.11 -38.32
N GLY H 134 -2.62 24.38 -38.51
CA GLY H 134 -3.50 23.90 -37.43
C GLY H 134 -4.13 25.01 -36.60
N ALA H 135 -4.34 26.18 -37.22
CA ALA H 135 -4.88 27.33 -36.50
C ALA H 135 -6.33 27.06 -36.10
N THR H 136 -6.74 27.61 -34.97
CA THR H 136 -8.08 27.39 -34.49
C THR H 136 -8.96 28.48 -35.04
N ALA H 137 -10.21 28.13 -35.35
CA ALA H 137 -11.24 29.08 -35.78
C ALA H 137 -12.57 28.35 -35.79
N PRO H 138 -13.68 29.08 -35.62
CA PRO H 138 -15.01 28.46 -35.48
C PRO H 138 -15.31 27.52 -36.63
N PHE H 139 -16.21 26.55 -36.42
CA PHE H 139 -16.56 25.63 -37.50
C PHE H 139 -17.88 25.99 -38.15
N PRO H 140 -18.13 25.45 -39.35
CA PRO H 140 -19.37 25.72 -40.07
C PRO H 140 -20.64 25.65 -39.21
N GLY H 141 -21.35 26.79 -39.13
CA GLY H 141 -22.57 26.90 -38.34
C GLY H 141 -22.32 27.25 -36.89
N ILE H 142 -21.15 27.80 -36.58
CA ILE H 142 -20.79 28.16 -35.21
C ILE H 142 -20.42 29.63 -35.07
N GLY H 143 -21.28 30.39 -34.39
CA GLY H 143 -21.09 31.83 -34.18
C GLY H 143 -19.99 32.16 -33.18
N TYR H 144 -19.66 33.44 -33.05
CA TYR H 144 -18.66 33.90 -32.06
C TYR H 144 -19.17 33.71 -30.64
N GLY H 145 -20.48 33.93 -30.44
CA GLY H 145 -21.11 33.73 -29.14
C GLY H 145 -20.86 32.34 -28.58
N GLN H 146 -21.16 31.33 -29.39
CA GLN H 146 -20.99 29.92 -29.01
C GLN H 146 -19.51 29.51 -28.95
N ALA H 147 -18.71 30.09 -29.84
CA ALA H 147 -17.29 29.75 -29.95
C ALA H 147 -16.53 30.09 -28.70
N ILE H 148 -16.82 31.25 -28.08
CA ILE H 148 -16.18 31.58 -26.81
C ILE H 148 -16.72 30.70 -25.67
N LEU H 149 -18.01 30.38 -25.72
CA LEU H 149 -18.62 29.57 -24.65
C LEU H 149 -18.05 28.17 -24.66
N THR H 150 -17.89 27.57 -25.83
CA THR H 150 -17.36 26.21 -25.91
C THR H 150 -15.90 26.22 -25.51
N GLU H 151 -15.20 27.31 -25.84
CA GLU H 151 -13.79 27.50 -25.42
C GLU H 151 -13.66 27.76 -23.91
N ALA H 152 -14.66 28.38 -23.30
CA ALA H 152 -14.66 28.59 -21.85
C ALA H 152 -14.98 27.28 -21.12
N ILE H 153 -16.02 26.59 -21.57
CA ILE H 153 -16.39 25.28 -21.00
C ILE H 153 -15.25 24.29 -21.18
N GLY H 154 -14.51 24.44 -22.27
CA GLY H 154 -13.35 23.62 -22.53
C GLY H 154 -12.25 23.87 -21.56
N THR H 155 -11.83 25.13 -21.45
CA THR H 155 -10.67 25.49 -20.61
C THR H 155 -11.02 25.50 -19.12
N PHE H 156 -12.32 25.48 -18.84
CA PHE H 156 -12.81 25.31 -17.46
C PHE H 156 -12.50 23.92 -16.93
N LEU H 157 -12.76 22.90 -17.74
CA LEU H 157 -12.43 21.53 -17.36
C LEU H 157 -10.92 21.36 -17.25
N LEU H 158 -10.14 21.89 -18.18
CA LEU H 158 -8.69 21.83 -18.06
C LEU H 158 -8.21 22.39 -16.73
N MET H 159 -8.48 23.67 -16.46
CA MET H 159 -7.97 24.30 -15.25
C MET H 159 -8.43 23.58 -13.99
N LEU H 160 -9.66 23.11 -13.98
CA LEU H 160 -10.18 22.34 -12.87
C LEU H 160 -9.30 21.12 -12.54
N VAL H 161 -8.76 20.44 -13.56
CA VAL H 161 -7.87 19.31 -13.35
C VAL H 161 -6.54 19.83 -12.84
N ILE H 162 -6.07 20.93 -13.44
CA ILE H 162 -4.81 21.54 -13.02
C ILE H 162 -4.84 21.91 -11.53
N MET H 163 -5.99 22.34 -11.02
CA MET H 163 -6.16 22.58 -9.57
C MET H 163 -6.10 21.27 -8.79
N GLY H 164 -6.85 20.28 -9.29
CA GLY H 164 -7.08 19.04 -8.56
C GLY H 164 -5.93 18.06 -8.54
N VAL H 165 -5.09 18.08 -9.56
CA VAL H 165 -4.01 17.08 -9.64
C VAL H 165 -2.60 17.70 -9.66
N ALA H 166 -2.50 19.02 -9.54
CA ALA H 166 -1.21 19.71 -9.61
C ALA H 166 -1.07 20.75 -8.52
N VAL H 167 -2.04 21.65 -8.37
CA VAL H 167 -1.94 22.73 -7.37
C VAL H 167 -2.23 22.26 -5.93
N ASP H 168 -3.26 21.41 -5.79
CA ASP H 168 -3.70 20.94 -4.48
C ASP H 168 -2.65 20.05 -3.79
N GLU H 169 -2.23 20.51 -2.62
CA GLU H 169 -1.31 19.78 -1.75
C GLU H 169 -1.63 18.29 -1.64
N ARG H 170 -2.91 17.91 -1.65
CA ARG H 170 -3.30 16.50 -1.46
C ARG H 170 -3.25 15.68 -2.75
N ALA H 171 -2.74 16.24 -3.84
CA ALA H 171 -2.77 15.53 -5.12
C ALA H 171 -1.73 14.44 -5.16
N PRO H 172 -2.08 13.26 -5.73
CA PRO H 172 -1.19 12.11 -5.77
C PRO H 172 -0.02 12.35 -6.70
N PRO H 173 1.22 12.30 -6.16
CA PRO H 173 2.38 12.82 -6.87
C PRO H 173 2.79 11.97 -8.06
N GLY H 174 3.18 12.64 -9.15
CA GLY H 174 3.61 11.96 -10.36
C GLY H 174 2.54 11.82 -11.42
N PHE H 175 1.27 11.89 -11.03
CA PHE H 175 0.15 11.68 -11.98
C PHE H 175 -0.12 12.93 -12.82
N ALA H 176 0.20 14.08 -12.25
CA ALA H 176 0.05 15.40 -12.89
C ALA H 176 0.19 15.47 -14.44
N GLY H 177 1.42 15.19 -14.93
CA GLY H 177 1.72 15.32 -16.35
C GLY H 177 0.79 14.48 -17.18
N LEU H 178 0.73 13.19 -16.86
CA LEU H 178 -0.08 12.23 -17.58
C LEU H 178 -1.54 12.62 -17.54
N VAL H 179 -2.09 12.87 -16.35
CA VAL H 179 -3.49 13.26 -16.24
C VAL H 179 -3.81 14.57 -17.00
N ILE H 180 -3.06 15.64 -16.74
CA ILE H 180 -3.37 16.93 -17.36
C ILE H 180 -3.40 16.83 -18.89
N GLY H 181 -2.45 16.07 -19.44
CA GLY H 181 -2.31 15.93 -20.88
C GLY H 181 -3.47 15.13 -21.43
N LEU H 182 -3.70 13.95 -20.86
CA LEU H 182 -4.76 13.09 -21.33
C LEU H 182 -6.13 13.81 -21.27
N THR H 183 -6.33 14.65 -20.25
CA THR H 183 -7.55 15.46 -20.13
C THR H 183 -7.73 16.40 -21.32
N VAL H 184 -6.66 17.14 -21.69
CA VAL H 184 -6.67 17.99 -22.91
C VAL H 184 -7.05 17.17 -24.12
N GLY H 185 -6.36 16.03 -24.30
CA GLY H 185 -6.62 15.06 -25.36
C GLY H 185 -8.08 14.73 -25.47
N GLY H 186 -8.72 14.51 -24.32
CA GLY H 186 -10.16 14.28 -24.23
C GLY H 186 -10.99 15.46 -24.74
N ILE H 187 -10.68 16.65 -24.25
CA ILE H 187 -11.44 17.85 -24.61
C ILE H 187 -11.40 18.08 -26.14
N ILE H 188 -10.20 17.98 -26.73
CA ILE H 188 -10.04 18.17 -28.18
C ILE H 188 -10.90 17.20 -28.96
N THR H 189 -10.96 15.94 -28.54
CA THR H 189 -11.84 14.95 -29.18
C THR H 189 -13.32 15.43 -29.30
N THR H 190 -13.88 15.99 -28.24
CA THR H 190 -15.24 16.52 -28.29
C THR H 190 -15.33 17.92 -28.92
N ILE H 191 -14.53 18.85 -28.42
CA ILE H 191 -14.62 20.27 -28.80
C ILE H 191 -13.93 20.62 -30.13
N GLY H 192 -13.08 19.73 -30.62
CA GLY H 192 -12.28 19.96 -31.81
C GLY H 192 -13.03 20.50 -33.01
N ASN H 193 -14.06 19.78 -33.42
CA ASN H 193 -14.83 20.17 -34.60
C ASN H 193 -15.85 21.29 -34.34
N ILE H 194 -15.74 21.95 -33.19
CA ILE H 194 -16.60 23.08 -32.88
C ILE H 194 -15.80 24.37 -32.93
N THR H 195 -14.61 24.39 -32.33
CA THR H 195 -13.76 25.60 -32.40
C THR H 195 -12.26 25.32 -32.67
N GLY H 196 -11.90 24.06 -32.89
CA GLY H 196 -10.52 23.67 -32.98
C GLY H 196 -9.90 23.46 -31.61
N SER H 197 -10.71 23.54 -30.54
CA SER H 197 -10.25 23.26 -29.16
C SER H 197 -8.85 23.80 -28.87
N SER H 198 -8.77 25.11 -28.75
CA SER H 198 -7.50 25.80 -28.49
C SER H 198 -7.18 25.72 -27.00
N LEU H 199 -8.10 26.26 -26.19
CA LEU H 199 -7.97 26.35 -24.74
C LEU H 199 -6.78 27.22 -24.36
N ASN H 200 -6.23 27.98 -25.30
CA ASN H 200 -4.89 28.52 -25.15
C ASN H 200 -4.56 29.61 -26.15
N PRO H 201 -4.43 30.87 -25.69
CA PRO H 201 -4.05 32.02 -26.52
C PRO H 201 -2.72 31.88 -27.26
N ALA H 202 -1.69 31.37 -26.59
CA ALA H 202 -0.39 31.17 -27.24
C ALA H 202 -0.48 30.10 -28.35
N ARG H 203 -1.28 29.07 -28.11
CA ARG H 203 -1.43 27.95 -29.06
C ARG H 203 -2.23 28.35 -30.28
N THR H 204 -3.12 29.32 -30.10
CA THR H 204 -3.80 29.94 -31.23
C THR H 204 -2.86 30.90 -31.93
N PHE H 205 -2.22 31.78 -31.16
CA PHE H 205 -1.31 32.78 -31.72
C PHE H 205 -0.29 32.22 -32.72
N GLY H 206 0.42 31.18 -32.31
CA GLY H 206 1.47 30.57 -33.16
C GLY H 206 1.11 30.40 -34.62
N PRO H 207 0.16 29.51 -34.92
CA PRO H 207 -0.42 29.36 -36.26
C PRO H 207 -0.89 30.67 -36.89
N TYR H 208 -1.64 31.49 -36.16
CA TYR H 208 -2.16 32.75 -36.71
C TYR H 208 -1.07 33.63 -37.29
N LEU H 209 0.09 33.67 -36.61
CA LEU H 209 1.27 34.38 -37.09
C LEU H 209 1.80 33.76 -38.37
N GLY H 210 2.14 32.47 -38.30
CA GLY H 210 2.64 31.74 -39.47
C GLY H 210 1.74 31.88 -40.68
N ASP H 211 0.44 31.71 -40.44
CA ASP H 211 -0.60 31.87 -41.47
C ASP H 211 -0.64 33.27 -42.08
N SER H 212 -0.69 34.30 -41.23
CA SER H 212 -0.71 35.69 -41.72
C SER H 212 0.64 36.11 -42.31
N LEU H 213 1.68 35.33 -42.00
CA LEU H 213 3.00 35.48 -42.65
C LEU H 213 2.95 34.82 -44.02
N MET H 214 2.22 33.72 -44.11
CA MET H 214 2.06 32.98 -45.34
C MET H 214 0.83 33.48 -46.16
N GLY H 215 0.35 34.69 -45.83
CA GLY H 215 -0.72 35.31 -46.59
C GLY H 215 -2.12 35.09 -46.07
N ILE H 216 -2.27 34.28 -45.02
CA ILE H 216 -3.60 33.90 -44.51
C ILE H 216 -3.92 34.59 -43.16
N ASN H 217 -4.52 35.77 -43.26
CA ASN H 217 -4.87 36.60 -42.12
C ASN H 217 -6.13 36.09 -41.39
N LEU H 218 -6.04 35.77 -40.10
CA LEU H 218 -7.19 35.26 -39.32
C LEU H 218 -7.45 35.94 -37.98
N TRP H 219 -6.79 37.07 -37.72
CA TRP H 219 -6.83 37.71 -36.39
C TRP H 219 -8.23 38.17 -35.95
N GLN H 220 -9.17 38.18 -36.89
CA GLN H 220 -10.58 38.43 -36.59
C GLN H 220 -11.08 37.53 -35.49
N TYR H 221 -10.58 36.30 -35.46
CA TYR H 221 -11.04 35.27 -34.53
C TYR H 221 -10.22 35.17 -33.23
N PHE H 222 -9.13 35.92 -33.12
CA PHE H 222 -8.23 35.85 -31.96
C PHE H 222 -8.92 36.08 -30.60
N PRO H 223 -9.79 37.11 -30.48
CA PRO H 223 -10.50 37.31 -29.21
C PRO H 223 -11.21 36.07 -28.65
N ILE H 224 -11.77 35.25 -29.52
CA ILE H 224 -12.43 34.03 -29.10
C ILE H 224 -11.47 33.15 -28.29
N TYR H 225 -10.19 33.22 -28.62
CA TYR H 225 -9.19 32.35 -28.02
C TYR H 225 -8.38 33.02 -26.89
N VAL H 226 -8.74 34.26 -26.59
CA VAL H 226 -8.20 34.97 -25.43
C VAL H 226 -9.26 35.05 -24.34
N ILE H 227 -10.42 35.62 -24.69
CA ILE H 227 -11.57 35.73 -23.78
C ILE H 227 -12.05 34.38 -23.28
N GLY H 228 -12.34 33.48 -24.23
CA GLY H 228 -12.90 32.15 -23.93
C GLY H 228 -12.11 31.34 -22.91
N PRO H 229 -10.84 31.05 -23.22
CA PRO H 229 -9.88 30.37 -22.33
C PRO H 229 -9.68 30.99 -20.96
N ILE H 230 -9.53 32.32 -20.90
CA ILE H 230 -9.30 33.01 -19.63
C ILE H 230 -10.53 32.97 -18.73
N VAL H 231 -11.69 33.35 -19.27
CA VAL H 231 -12.92 33.30 -18.49
C VAL H 231 -13.21 31.87 -18.00
N GLY H 232 -12.85 30.87 -18.81
CA GLY H 232 -12.93 29.45 -18.38
C GLY H 232 -11.98 29.10 -17.24
N ALA H 233 -10.70 29.47 -17.39
CA ALA H 233 -9.66 29.14 -16.43
C ALA H 233 -9.85 29.85 -15.10
N VAL H 234 -10.11 31.15 -15.15
CA VAL H 234 -10.31 31.91 -13.91
C VAL H 234 -11.55 31.39 -13.21
N ALA H 235 -12.61 31.10 -13.96
CA ALA H 235 -13.82 30.51 -13.38
C ALA H 235 -13.49 29.20 -12.67
N ALA H 236 -12.73 28.33 -13.32
CA ALA H 236 -12.39 27.02 -12.74
C ALA H 236 -11.59 27.14 -11.45
N ALA H 237 -10.56 27.99 -11.49
CA ALA H 237 -9.66 28.21 -10.37
C ALA H 237 -10.42 28.67 -9.14
N TRP H 238 -11.23 29.69 -9.32
CA TRP H 238 -12.00 30.24 -8.23
C TRP H 238 -13.10 29.32 -7.74
N LEU H 239 -13.71 28.56 -8.64
CA LEU H 239 -14.72 27.57 -8.21
C LEU H 239 -14.08 26.50 -7.34
N TYR H 240 -12.92 26.02 -7.78
CA TYR H 240 -12.19 24.95 -7.07
C TYR H 240 -12.00 25.27 -5.58
N ASN H 241 -11.40 26.43 -5.35
CA ASN H 241 -11.11 26.91 -4.01
C ASN H 241 -12.37 27.07 -3.16
N TYR H 242 -13.47 27.51 -3.76
CA TYR H 242 -14.71 27.60 -3.03
C TYR H 242 -15.20 26.23 -2.59
N LEU H 243 -15.05 25.23 -3.46
CA LEU H 243 -15.52 23.87 -3.16
C LEU H 243 -14.61 23.09 -2.20
N ALA H 244 -13.32 23.42 -2.19
CA ALA H 244 -12.31 22.67 -1.43
C ALA H 244 -11.89 23.33 -0.08
N LYS H 245 -12.77 24.12 0.54
CA LYS H 245 -12.47 24.75 1.82
C LYS H 245 -13.75 25.24 2.52
C1 BOG I . -4.28 -31.79 26.76
O1 BOG I . -3.02 -31.12 26.71
C2 BOG I . -5.49 -30.85 26.71
O2 BOG I . -5.43 -29.86 27.73
C3 BOG I . -6.74 -31.65 26.97
O3 BOG I . -7.86 -30.76 26.98
C4 BOG I . -6.87 -32.74 25.90
O4 BOG I . -7.99 -33.57 26.21
C5 BOG I . -5.58 -33.57 25.84
O5 BOG I . -4.42 -32.72 25.67
C6 BOG I . -5.61 -34.61 24.72
O6 BOG I . -5.92 -35.89 25.29
C1' BOG I . -1.97 -31.91 27.31
C2' BOG I . -0.67 -31.79 26.50
C3' BOG I . 0.09 -33.11 26.48
C4' BOG I . -0.52 -34.13 25.52
C5' BOG I . -0.83 -35.44 26.24
C6' BOG I . -1.34 -36.53 25.27
C7' BOG I . -2.80 -36.87 25.54
C8' BOG I . -3.44 -37.58 24.36
C1 BOG J . -5.10 -34.27 44.14
O1 BOG J . -6.32 -34.88 43.68
C2 BOG J . -4.76 -33.00 43.34
O2 BOG J . -4.85 -33.15 41.91
C3 BOG J . -3.37 -32.58 43.80
O3 BOG J . -2.78 -31.53 43.04
C4 BOG J . -3.52 -32.14 45.25
O4 BOG J . -2.24 -31.61 45.62
C5 BOG J . -3.96 -33.34 46.12
O5 BOG J . -5.17 -33.90 45.54
C6 BOG J . -4.21 -32.95 47.60
O6 BOG J . -3.67 -33.91 48.55
C1' BOG J . -6.85 -35.98 44.45
C2' BOG J . -8.38 -35.88 44.54
C3' BOG J . -8.92 -34.92 45.62
C4' BOG J . -8.45 -35.18 47.06
C5' BOG J . -8.54 -36.64 47.54
C6' BOG J . -9.96 -37.05 47.93
C7' BOG J . -10.24 -36.95 49.43
C8' BOG J . -10.96 -35.67 49.78
C1 BOG K . -14.33 -35.91 45.63
O1 BOG K . -13.24 -36.73 45.14
C2 BOG K . -13.82 -34.72 46.47
O2 BOG K . -13.29 -35.20 47.73
C3 BOG K . -14.92 -33.68 46.75
O3 BOG K . -14.66 -32.46 46.04
C4 BOG K . -16.34 -34.16 46.41
O4 BOG K . -16.84 -34.95 47.49
C5 BOG K . -16.44 -34.94 45.09
O5 BOG K . -15.16 -35.37 44.60
C6 BOG K . -17.15 -34.14 43.99
O6 BOG K . -16.25 -33.14 43.48
C1' BOG K . -12.84 -36.59 43.76
C2' BOG K . -13.53 -37.65 42.91
C3' BOG K . -13.97 -37.08 41.57
C4' BOG K . -14.80 -38.08 40.77
C5' BOG K . -15.87 -37.39 39.92
C6' BOG K . -17.24 -37.38 40.62
C7' BOG K . -18.35 -36.74 39.79
C8' BOG K . -19.68 -36.71 40.52
C1 BOG L . 15.67 7.01 0.29
O1 BOG L . 16.14 7.22 -1.05
C2 BOG L . 14.13 7.18 0.40
O2 BOG L . 13.81 8.52 0.82
C3 BOG L . 13.43 6.27 1.41
O3 BOG L . 12.09 5.97 1.01
C4 BOG L . 14.16 4.95 1.58
O4 BOG L . 13.46 4.21 2.59
C5 BOG L . 15.62 5.26 1.89
O5 BOG L . 16.18 5.72 0.66
C6 BOG L . 16.48 4.11 2.43
O6 BOG L . 17.68 4.00 1.65
C1' BOG L . 17.56 7.20 -1.20
C2' BOG L . 17.95 8.22 -2.26
C3' BOG L . 19.30 7.90 -2.92
C4' BOG L . 19.15 7.75 -4.44
C5' BOG L . 20.47 7.99 -5.19
C6' BOG L . 21.01 6.73 -5.85
C7' BOG L . 22.49 6.83 -6.20
C8' BOG L . 23.19 5.49 -6.07
C1 BOG M . 14.26 2.02 -0.67
O1 BOG M . 15.14 2.27 -1.77
C2 BOG M . 12.86 1.51 -1.05
O2 BOG M . 12.35 2.19 -2.20
C3 BOG M . 11.99 1.72 0.20
O3 BOG M . 10.68 1.20 -0.01
C4 BOG M . 12.60 1.04 1.43
O4 BOG M . 11.98 1.64 2.59
C5 BOG M . 14.14 1.11 1.54
O5 BOG M . 14.80 1.07 0.25
C6 BOG M . 14.74 0.01 2.44
O6 BOG M . 15.80 0.53 3.25
C1' BOG M . 15.82 3.52 -1.58
C2' BOG M . 16.94 3.73 -2.61
C3' BOG M . 18.32 3.45 -2.00
C4' BOG M . 19.44 3.85 -2.96
C5' BOG M . 19.56 2.90 -4.15
C6' BOG M . 21.01 2.71 -4.59
C7' BOG M . 21.16 2.09 -5.99
C8' BOG M . 21.62 0.65 -5.95
C1 BOG N . -23.45 -11.61 -14.10
O1 BOG N . -22.25 -11.94 -14.82
C2 BOG N . -23.64 -10.11 -14.19
O2 BOG N . -22.46 -9.49 -13.67
C3 BOG N . -24.88 -9.69 -13.41
O3 BOG N . -25.07 -8.27 -13.48
C4 BOG N . -26.09 -10.44 -13.94
O4 BOG N . -27.22 -10.10 -13.13
C5 BOG N . -25.84 -11.95 -14.00
O5 BOG N . -24.60 -12.24 -14.66
C6 BOG N . -26.96 -12.68 -14.75
O6 BOG N . -26.97 -14.09 -14.48
C1' BOG N . -21.07 -12.10 -14.02
C2' BOG N . -20.28 -13.35 -14.42
C3' BOG N . -21.07 -14.42 -15.18
C4' BOG N . -22.06 -15.14 -14.27
C5' BOG N . -23.31 -15.67 -14.99
C6' BOG N . -24.47 -15.90 -14.01
C7' BOG N . -24.16 -16.95 -12.93
C8' BOG N . -23.56 -16.34 -11.67
C1 BOG O . -20.47 27.26 -17.04
O1 BOG O . -19.78 28.50 -16.79
C2 BOG O . -19.57 26.09 -16.61
O2 BOG O . -18.95 25.59 -17.81
C3 BOG O . -20.26 24.94 -15.92
O3 BOG O . -19.25 24.21 -15.22
C4 BOG O . -21.38 25.29 -14.94
O4 BOG O . -22.34 24.22 -15.03
C5 BOG O . -22.13 26.61 -15.20
O5 BOG O . -21.80 27.25 -16.46
C6 BOG O . -22.06 27.62 -14.03
O6 BOG O . -23.34 28.26 -13.83
C1' BOG O . -18.93 28.89 -17.89
C2' BOG O . -17.60 29.41 -17.34
C3' BOG O . -17.59 30.94 -17.30
C4' BOG O . -18.22 31.50 -16.02
C5' BOG O . -19.67 31.94 -16.21
C6' BOG O . -20.19 32.68 -14.96
C7' BOG O . -21.40 32.03 -14.28
C8' BOG O . -21.01 31.20 -13.06
C1 BOG P . 0.22 42.41 -43.39
O1 BOG P . 1.64 42.19 -43.58
C2 BOG P . -0.49 41.08 -43.11
O2 BOG P . -0.27 40.10 -44.15
C3 BOG P . -1.98 41.34 -42.91
O3 BOG P . -2.68 40.10 -42.75
C4 BOG P . -2.14 42.22 -41.68
O4 BOG P . -3.52 42.54 -41.47
C5 BOG P . -1.33 43.51 -41.80
O5 BOG P . 0.02 43.29 -42.25
C6 BOG P . -1.31 44.23 -40.45
O6 BOG P . -2.54 44.91 -40.20
C1' BOG P . 2.16 42.57 -44.86
C2' BOG P . 3.59 42.07 -45.04
C3' BOG P . 4.54 42.62 -43.96
C4' BOG P . 6.01 42.28 -44.22
C5' BOG P . 6.48 40.99 -43.52
C6' BOG P . 7.50 41.23 -42.41
C7' BOG P . 8.08 39.93 -41.86
C8' BOG P . 8.91 40.19 -40.62
C1 BOG Q . 3.63 16.01 -8.15
O1 BOG Q . 4.43 15.78 -9.32
C2 BOG Q . 3.99 17.32 -7.44
O2 BOG Q . 4.90 17.01 -6.38
C3 BOG Q . 2.80 18.13 -6.88
O3 BOG Q . 2.52 19.23 -7.76
C4 BOG Q . 1.49 17.39 -6.59
O4 BOG Q . 1.32 17.13 -5.18
C5 BOG Q . 1.38 16.07 -7.36
O5 BOG Q . 2.26 16.02 -8.50
C6 BOG Q . 0.00 15.79 -7.94
O6 BOG Q . 0.11 15.33 -9.31
C1' BOG Q . 3.89 16.32 -10.55
C2' BOG Q . 4.03 15.26 -11.64
C3' BOG Q . 4.24 15.86 -13.03
C4' BOG Q . 5.54 16.63 -13.21
C5' BOG Q . 6.79 15.83 -12.87
C6' BOG Q . 7.39 16.30 -11.54
C7' BOG Q . 8.43 15.32 -11.02
C8' BOG Q . 9.38 14.87 -12.12
#